data_9C7F
#
_entry.id   9C7F
#
_cell.length_a   74.541
_cell.length_b   88.320
_cell.length_c   168.952
_cell.angle_alpha   90.000
_cell.angle_beta   89.745
_cell.angle_gamma   90.000
#
_symmetry.space_group_name_H-M   'P 1 21 1'
#
loop_
_entity.id
_entity.type
_entity.pdbx_description
1 polymer 'Monoclonal antibody MAD24-01 Fab Heavy Chain'
2 polymer 'Monoclonal antibody MAD24-01 Fab Light Chain'
3 polymer 'Circumsporozoite protein'
4 branched 2-acetamido-2-deoxy-beta-D-glucopyranose-(1-4)-[alpha-L-fucopyranose-(1-6)]2-acetamido-2-deoxy-beta-D-glucopyranose
5 water water
#
loop_
_entity_poly.entity_id
_entity_poly.type
_entity_poly.pdbx_seq_one_letter_code
_entity_poly.pdbx_strand_id
1 'polypeptide(L)'
;(PCA)VQLVESGGGLVKPGGSLRLSCAASGFTFSDYYMSWIRQAPGKGLEWVSYIGSSNTYTSYAASVKGRFTISRDNAK
NSLYLQMNSLRAEDTAVYYCAREIERSGWVRGNDYWGRGTLVTVSSASTKGPSVFPLAPSSKSTSGGTAALGCLVKDYFP
EPVTVSWNSGALTSGVHTFPAVLQSSGLYSLSSVVTVPSSSLGTQTYICNVNHKPSNTKVDKKVEPKSC
;
H,A,C,E
2 'polypeptide(L)'
;EIVLTQSPATLSLSPGERATLSCRASQNVSTYLAWYQQKPGQAPRLLMYDASKRATGIPARFSGSGSGTEFTLTISSLEP
EDFAVYYCQQRRNWPLTFGGGTKVEIKRTVAAPSVFIFPPSDEQLKSGTASVVCLLNNFYPREAKVQWKVDNALQSGNSQ
ESVTEQDSKDSTYSLSSTLTLSKADYEKHKVYACEVTQGTTSVTKSFNRGEC
;
L,B,D,F
3 'polypeptide(L)' (PCA)PADGNPDPNANPNVDPN Q,G,I,J
#
loop_
_chem_comp.id
_chem_comp.type
_chem_comp.name
_chem_comp.formula
FUC L-saccharide, alpha linking alpha-L-fucopyranose 'C6 H12 O5'
NAG D-saccharide, beta linking 2-acetamido-2-deoxy-beta-D-glucopyranose 'C8 H15 N O6'
#
# COMPACT_ATOMS: atom_id res chain seq x y z
N PCA A 1 32.75 -25.85 13.38
CA PCA A 1 31.95 -25.93 12.13
CB PCA A 1 32.87 -26.28 10.97
CG PCA A 1 34.08 -26.86 11.73
CD PCA A 1 33.97 -26.39 13.17
OE PCA A 1 34.86 -26.47 14.00
C PCA A 1 30.86 -26.98 12.24
O PCA A 1 31.01 -27.99 12.96
H PCA A 1 33.38 -25.22 13.29
HA PCA A 1 31.52 -25.08 11.98
HB2 PCA A 1 33.10 -25.48 10.45
HB3 PCA A 1 32.46 -26.91 10.36
HG2 PCA A 1 34.92 -26.56 11.37
HG3 PCA A 1 34.09 -27.82 11.72
N VAL A 2 29.75 -26.74 11.55
CA VAL A 2 28.69 -27.72 11.42
C VAL A 2 29.24 -28.94 10.70
N GLN A 3 29.07 -30.13 11.29
CA GLN A 3 29.52 -31.35 10.64
C GLN A 3 28.43 -32.41 10.74
N LEU A 4 28.24 -33.14 9.65
CA LEU A 4 27.34 -34.28 9.60
C LEU A 4 28.11 -35.44 8.98
N VAL A 5 28.18 -36.57 9.68
CA VAL A 5 28.99 -37.69 9.27
C VAL A 5 28.11 -38.93 9.25
N GLU A 6 27.84 -39.46 8.06
CA GLU A 6 27.05 -40.67 7.92
C GLU A 6 27.92 -41.91 8.07
N SER A 7 27.31 -42.98 8.59
N SER A 7 27.31 -42.98 8.59
CA SER A 7 27.97 -44.27 8.67
CA SER A 7 27.97 -44.27 8.73
C SER A 7 26.91 -45.36 8.54
C SER A 7 26.91 -45.36 8.57
N GLY A 8 27.38 -46.59 8.38
CA GLY A 8 26.52 -47.74 8.28
C GLY A 8 26.26 -48.25 6.88
N GLY A 9 26.76 -47.57 5.86
CA GLY A 9 26.57 -48.03 4.50
C GLY A 9 27.41 -49.26 4.20
N GLY A 10 27.00 -49.98 3.16
CA GLY A 10 27.72 -51.17 2.76
C GLY A 10 26.86 -52.04 1.86
N LEU A 11 27.29 -53.29 1.74
CA LEU A 11 26.65 -54.26 0.84
C LEU A 11 25.56 -55.00 1.60
N VAL A 12 24.42 -55.20 0.93
CA VAL A 12 23.28 -55.89 1.52
C VAL A 12 22.62 -56.71 0.42
N LYS A 13 22.14 -57.90 0.76
CA LYS A 13 21.46 -58.72 -0.22
C LYS A 13 20.05 -58.17 -0.48
N PRO A 14 19.49 -58.39 -1.67
CA PRO A 14 18.10 -58.00 -1.89
C PRO A 14 17.18 -58.61 -0.85
N GLY A 15 16.26 -57.79 -0.33
CA GLY A 15 15.40 -58.20 0.76
C GLY A 15 16.00 -58.01 2.14
N GLY A 16 17.28 -57.68 2.24
CA GLY A 16 17.94 -57.51 3.51
C GLY A 16 17.65 -56.17 4.15
N SER A 17 18.31 -55.94 5.27
CA SER A 17 18.12 -54.74 6.07
C SER A 17 19.46 -54.07 6.35
N LEU A 18 19.40 -52.75 6.54
CA LEU A 18 20.57 -51.95 6.87
C LEU A 18 20.12 -50.74 7.67
N ARG A 19 20.95 -50.33 8.62
CA ARG A 19 20.70 -49.14 9.41
C ARG A 19 21.80 -48.11 9.17
N LEU A 20 21.42 -46.93 8.69
CA LEU A 20 22.34 -45.83 8.55
C LEU A 20 22.29 -44.94 9.79
N SER A 21 23.45 -44.38 10.14
N SER A 21 23.45 -44.39 10.13
CA SER A 21 23.55 -43.41 11.22
CA SER A 21 23.59 -43.42 11.20
C SER A 21 24.20 -42.13 10.69
C SER A 21 24.14 -42.12 10.62
N CYS A 22 23.87 -41.02 11.32
CA CYS A 22 24.38 -39.70 10.95
C CYS A 22 24.67 -38.95 12.24
N ALA A 23 25.96 -38.70 12.50
CA ALA A 23 26.37 -38.01 13.72
C ALA A 23 26.52 -36.52 13.44
N ALA A 24 25.84 -35.70 14.26
CA ALA A 24 25.83 -34.25 14.11
C ALA A 24 26.70 -33.59 15.17
N SER A 25 27.45 -32.57 14.74
CA SER A 25 28.26 -31.79 15.66
C SER A 25 28.35 -30.36 15.16
N GLY A 26 28.69 -29.46 16.09
CA GLY A 26 28.88 -28.06 15.75
C GLY A 26 27.62 -27.24 15.82
N PHE A 27 26.52 -27.81 16.29
CA PHE A 27 25.26 -27.11 16.48
C PHE A 27 24.43 -27.95 17.44
N THR A 28 23.35 -27.35 17.94
CA THR A 28 22.45 -28.05 18.86
C THR A 28 21.51 -28.92 18.03
N PHE A 29 21.81 -30.22 17.98
CA PHE A 29 21.04 -31.13 17.12
C PHE A 29 19.56 -31.00 17.39
N SER A 30 19.16 -30.91 18.66
CA SER A 30 17.77 -30.85 19.05
C SER A 30 17.07 -29.56 18.62
N ASP A 31 17.79 -28.56 18.12
CA ASP A 31 17.18 -27.35 17.62
C ASP A 31 16.86 -27.41 16.12
N TYR A 32 17.11 -28.55 15.47
CA TYR A 32 16.96 -28.66 14.03
C TYR A 32 16.23 -29.93 13.62
N TYR A 33 15.54 -29.84 12.48
CA TYR A 33 14.91 -30.96 11.80
C TYR A 33 15.84 -31.43 10.69
N MET A 34 15.60 -32.65 10.19
CA MET A 34 16.55 -33.31 9.30
C MET A 34 15.85 -34.09 8.20
N SER A 35 16.58 -34.33 7.12
CA SER A 35 16.12 -35.19 6.02
C SER A 35 17.25 -36.11 5.58
N TRP A 36 16.85 -37.25 4.99
CA TRP A 36 17.75 -38.09 4.21
C TRP A 36 17.46 -37.88 2.72
N ILE A 37 18.53 -37.74 1.94
CA ILE A 37 18.45 -37.59 0.49
C ILE A 37 19.45 -38.55 -0.13
N ARG A 38 19.06 -39.22 -1.20
CA ARG A 38 19.92 -40.20 -1.82
C ARG A 38 20.18 -39.87 -3.29
N GLN A 39 21.21 -40.49 -3.84
CA GLN A 39 21.64 -40.22 -5.20
C GLN A 39 22.20 -41.50 -5.79
N ALA A 40 21.46 -42.09 -6.73
CA ALA A 40 21.94 -43.26 -7.43
C ALA A 40 23.11 -42.88 -8.33
N PRO A 41 24.02 -43.82 -8.59
CA PRO A 41 25.22 -43.49 -9.38
C PRO A 41 24.84 -42.88 -10.73
N GLY A 42 25.40 -41.72 -11.01
CA GLY A 42 25.13 -41.07 -12.29
C GLY A 42 23.76 -40.46 -12.43
N LYS A 43 22.98 -40.40 -11.36
CA LYS A 43 21.62 -39.87 -11.41
C LYS A 43 21.53 -38.62 -10.54
N GLY A 44 20.31 -38.07 -10.46
CA GLY A 44 20.04 -36.87 -9.69
C GLY A 44 19.71 -37.18 -8.25
N LEU A 45 19.30 -36.13 -7.53
CA LEU A 45 18.96 -36.25 -6.13
C LEU A 45 17.53 -36.73 -5.96
N GLU A 46 17.30 -37.56 -4.95
CA GLU A 46 15.98 -38.06 -4.62
C GLU A 46 15.76 -37.97 -3.12
N TRP A 47 14.80 -37.15 -2.70
CA TRP A 47 14.48 -37.06 -1.28
C TRP A 47 13.91 -38.39 -0.78
N VAL A 48 14.30 -38.79 0.43
CA VAL A 48 13.93 -40.07 0.99
C VAL A 48 12.97 -39.92 2.17
N SER A 49 13.35 -39.12 3.17
N SER A 49 13.34 -39.10 3.15
CA SER A 49 12.58 -39.03 4.40
CA SER A 49 12.53 -39.00 4.36
C SER A 49 12.90 -37.73 5.11
C SER A 49 12.93 -37.77 5.15
N TYR A 50 12.04 -37.37 6.06
CA TYR A 50 12.19 -36.16 6.86
C TYR A 50 11.72 -36.44 8.28
N ILE A 51 12.37 -35.81 9.25
CA ILE A 51 11.97 -35.91 10.65
C ILE A 51 11.99 -34.52 11.29
N GLY A 52 10.97 -34.24 12.10
CA GLY A 52 10.89 -33.01 12.84
C GLY A 52 11.48 -33.11 14.23
N SER A 53 10.76 -32.61 15.24
CA SER A 53 11.30 -32.53 16.59
C SER A 53 11.52 -33.91 17.21
N SER A 54 10.75 -34.91 16.80
CA SER A 54 10.88 -36.24 17.38
C SER A 54 10.40 -37.28 16.38
N ASN A 55 10.54 -38.56 16.76
CA ASN A 55 10.05 -39.66 15.96
C ASN A 55 8.55 -39.58 15.71
N THR A 56 7.84 -38.72 16.43
CA THR A 56 6.41 -38.59 16.21
C THR A 56 6.10 -37.88 14.90
N TYR A 57 7.05 -37.12 14.37
CA TYR A 57 6.82 -36.27 13.20
C TYR A 57 7.77 -36.69 12.09
N THR A 58 7.27 -37.48 11.13
CA THR A 58 8.07 -37.99 10.04
C THR A 58 7.27 -37.95 8.75
N SER A 59 7.99 -37.99 7.63
CA SER A 59 7.39 -38.01 6.30
C SER A 59 8.32 -38.79 5.39
N TYR A 60 7.75 -39.42 4.37
CA TYR A 60 8.49 -40.36 3.54
C TYR A 60 8.15 -40.17 2.07
N ALA A 61 9.13 -40.46 1.22
CA ALA A 61 8.87 -40.61 -0.21
C ALA A 61 8.04 -41.86 -0.45
N ALA A 62 7.21 -41.81 -1.50
CA ALA A 62 6.34 -42.95 -1.80
C ALA A 62 7.15 -44.21 -2.04
N SER A 63 8.31 -44.09 -2.69
CA SER A 63 9.08 -45.26 -3.08
C SER A 63 9.67 -46.02 -1.90
N VAL A 64 9.68 -45.42 -0.71
CA VAL A 64 10.23 -46.07 0.48
C VAL A 64 9.20 -46.26 1.58
N LYS A 65 7.99 -45.74 1.40
CA LYS A 65 6.97 -45.85 2.43
C LYS A 65 6.80 -47.32 2.82
N GLY A 66 6.75 -47.58 4.12
CA GLY A 66 6.61 -48.92 4.63
C GLY A 66 7.90 -49.71 4.78
N ARG A 67 8.96 -49.32 4.07
CA ARG A 67 10.23 -50.03 4.13
C ARG A 67 11.29 -49.31 4.95
N PHE A 68 11.35 -47.98 4.85
CA PHE A 68 12.34 -47.19 5.56
C PHE A 68 11.68 -46.46 6.73
N THR A 69 12.44 -46.29 7.81
CA THR A 69 11.98 -45.51 8.96
C THR A 69 13.08 -44.56 9.39
N ILE A 70 12.77 -43.28 9.45
CA ILE A 70 13.70 -42.27 9.94
C ILE A 70 13.45 -42.06 11.43
N SER A 71 14.52 -41.89 12.19
CA SER A 71 14.41 -41.67 13.62
C SER A 71 15.60 -40.84 14.08
N ARG A 72 15.50 -40.34 15.31
CA ARG A 72 16.58 -39.53 15.88
C ARG A 72 16.71 -39.85 17.36
N ASP A 73 17.93 -39.66 17.87
CA ASP A 73 18.24 -39.79 19.29
C ASP A 73 19.04 -38.55 19.68
N ASN A 74 18.37 -37.55 20.25
CA ASN A 74 19.03 -36.29 20.55
C ASN A 74 20.16 -36.46 21.57
N ALA A 75 20.01 -37.41 22.49
CA ALA A 75 21.04 -37.60 23.51
C ALA A 75 22.36 -38.02 22.88
N LYS A 76 22.31 -38.65 21.71
CA LYS A 76 23.48 -39.10 20.97
C LYS A 76 23.78 -38.19 19.78
N ASN A 77 23.03 -37.11 19.62
CA ASN A 77 23.21 -36.19 18.50
C ASN A 77 23.22 -36.93 17.18
N SER A 78 22.32 -37.90 17.04
CA SER A 78 22.34 -38.82 15.90
C SER A 78 20.99 -38.95 15.24
N LEU A 79 21.03 -39.04 13.90
CA LEU A 79 19.91 -39.36 13.05
C LEU A 79 20.12 -40.76 12.49
N TYR A 80 19.02 -41.46 12.22
CA TYR A 80 19.09 -42.85 11.77
C TYR A 80 18.14 -43.07 10.61
N LEU A 81 18.47 -44.05 9.77
CA LEU A 81 17.56 -44.52 8.72
C LEU A 81 17.59 -46.05 8.74
N GLN A 82 16.49 -46.64 9.21
CA GLN A 82 16.32 -48.09 9.19
C GLN A 82 15.73 -48.46 7.83
N MET A 83 16.44 -49.31 7.09
CA MET A 83 16.06 -49.70 5.74
C MET A 83 15.79 -51.20 5.71
N ASN A 84 14.54 -51.56 5.42
CA ASN A 84 14.15 -52.95 5.29
C ASN A 84 13.71 -53.24 3.86
N SER A 85 13.64 -54.53 3.53
CA SER A 85 13.16 -54.99 2.23
C SER A 85 13.88 -54.25 1.10
N LEU A 86 15.19 -54.19 1.20
CA LEU A 86 15.99 -53.43 0.24
C LEU A 86 15.93 -54.05 -1.14
N ARG A 87 16.00 -53.19 -2.15
CA ARG A 87 15.96 -53.56 -3.55
C ARG A 87 17.18 -53.00 -4.24
N ALA A 88 17.56 -53.63 -5.35
CA ALA A 88 18.71 -53.14 -6.12
C ALA A 88 18.55 -51.66 -6.46
N GLU A 89 17.33 -51.20 -6.71
CA GLU A 89 17.11 -49.81 -7.06
C GLU A 89 17.37 -48.85 -5.90
N ASP A 90 17.53 -49.35 -4.68
CA ASP A 90 17.92 -48.51 -3.54
C ASP A 90 19.41 -48.24 -3.50
N THR A 91 20.20 -48.84 -4.38
CA THR A 91 21.65 -48.59 -4.41
C THR A 91 21.89 -47.12 -4.69
N ALA A 92 22.61 -46.46 -3.78
CA ALA A 92 22.83 -45.02 -3.90
C ALA A 92 23.71 -44.56 -2.75
N VAL A 93 24.26 -43.36 -2.91
CA VAL A 93 24.84 -42.63 -1.80
C VAL A 93 23.71 -41.97 -1.02
N TYR A 94 23.71 -42.15 0.29
CA TYR A 94 22.69 -41.59 1.16
C TYR A 94 23.31 -40.45 1.96
N TYR A 95 22.72 -39.27 1.84
CA TYR A 95 23.15 -38.09 2.56
C TYR A 95 22.16 -37.77 3.67
N CYS A 96 22.66 -37.44 4.85
CA CYS A 96 21.85 -36.77 5.85
C CYS A 96 22.09 -35.26 5.72
N ALA A 97 21.03 -34.48 5.89
CA ALA A 97 21.10 -33.05 5.65
C ALA A 97 20.21 -32.32 6.64
N ARG A 98 20.69 -31.18 7.11
CA ARG A 98 19.95 -30.35 8.07
C ARG A 98 18.95 -29.46 7.34
N GLU A 99 17.80 -29.25 7.96
CA GLU A 99 16.73 -28.45 7.38
C GLU A 99 16.74 -27.03 7.93
N ILE A 100 16.30 -26.09 7.09
CA ILE A 100 16.00 -24.72 7.50
C ILE A 100 14.54 -24.67 7.95
N GLU A 101 14.30 -24.12 9.14
CA GLU A 101 12.94 -23.94 9.66
C GLU A 101 12.69 -22.46 9.92
N ARG A 102 11.52 -21.98 9.48
CA ARG A 102 11.05 -20.65 9.86
C ARG A 102 9.53 -20.62 9.79
N SER A 103 8.90 -20.08 10.83
CA SER A 103 7.45 -19.90 10.86
C SER A 103 6.71 -21.22 10.71
N GLY A 104 7.26 -22.27 11.32
CA GLY A 104 6.63 -23.57 11.29
C GLY A 104 6.72 -24.31 9.98
N TRP A 105 7.55 -23.86 9.05
CA TRP A 105 7.71 -24.49 7.75
C TRP A 105 9.19 -24.74 7.52
N VAL A 106 9.51 -25.92 6.97
CA VAL A 106 10.89 -26.24 6.62
C VAL A 106 11.11 -25.86 5.16
N ARG A 107 12.32 -25.39 4.84
CA ARG A 107 12.49 -24.62 3.61
C ARG A 107 13.74 -24.95 2.79
N GLY A 108 14.50 -25.97 3.15
CA GLY A 108 15.69 -26.30 2.41
C GLY A 108 16.74 -26.91 3.32
N ASN A 109 17.77 -27.46 2.69
CA ASN A 109 18.82 -28.19 3.41
C ASN A 109 20.12 -27.38 3.35
N ASP A 110 20.51 -26.80 4.49
CA ASP A 110 21.65 -25.88 4.50
C ASP A 110 22.99 -26.57 4.79
N TYR A 111 22.99 -27.77 5.34
CA TYR A 111 24.23 -28.52 5.56
C TYR A 111 24.02 -29.98 5.23
N TRP A 112 24.99 -30.57 4.55
CA TRP A 112 24.93 -31.95 4.09
C TRP A 112 26.13 -32.72 4.60
N GLY A 113 25.93 -34.00 4.87
CA GLY A 113 27.05 -34.88 5.13
C GLY A 113 27.80 -35.23 3.86
N ARG A 114 28.84 -36.03 4.03
CA ARG A 114 29.61 -36.47 2.88
C ARG A 114 28.98 -37.69 2.20
N GLY A 115 28.00 -38.33 2.83
CA GLY A 115 27.30 -39.45 2.24
C GLY A 115 27.91 -40.79 2.62
N THR A 116 27.08 -41.82 2.55
CA THR A 116 27.52 -43.20 2.76
C THR A 116 26.88 -44.06 1.68
N LEU A 117 27.68 -44.94 1.07
CA LEU A 117 27.24 -45.72 -0.08
C LEU A 117 26.55 -47.01 0.35
N VAL A 118 25.34 -47.21 -0.15
CA VAL A 118 24.57 -48.44 0.07
C VAL A 118 24.49 -49.19 -1.25
N THR A 119 24.94 -50.44 -1.24
CA THR A 119 24.86 -51.31 -2.42
C THR A 119 23.95 -52.49 -2.11
N VAL A 120 22.92 -52.68 -2.95
CA VAL A 120 21.98 -53.79 -2.80
C VAL A 120 22.17 -54.69 -4.02
N SER A 121 22.66 -55.91 -3.78
CA SER A 121 23.01 -56.82 -4.86
C SER A 121 23.27 -58.19 -4.27
N SER A 122 23.07 -59.22 -5.10
CA SER A 122 23.39 -60.57 -4.68
C SER A 122 24.87 -60.92 -4.85
N ALA A 123 25.63 -60.03 -5.48
CA ALA A 123 27.06 -60.27 -5.68
C ALA A 123 27.81 -60.23 -4.36
N SER A 124 28.91 -60.98 -4.31
CA SER A 124 29.77 -61.06 -3.14
C SER A 124 30.97 -60.13 -3.29
N THR A 125 31.43 -59.59 -2.16
CA THR A 125 32.62 -58.75 -2.17
C THR A 125 33.78 -59.47 -2.85
N LYS A 126 34.51 -58.74 -3.70
CA LYS A 126 35.59 -59.33 -4.47
C LYS A 126 36.57 -58.22 -4.83
N GLY A 127 37.86 -58.46 -4.57
CA GLY A 127 38.91 -57.54 -4.96
C GLY A 127 39.14 -57.58 -6.46
N PRO A 128 39.79 -56.56 -7.00
CA PRO A 128 39.95 -56.46 -8.46
C PRO A 128 41.08 -57.31 -9.01
N SER A 129 40.90 -57.73 -10.25
CA SER A 129 41.99 -58.16 -11.11
C SER A 129 42.43 -56.96 -11.93
N VAL A 130 43.74 -56.70 -11.96
CA VAL A 130 44.29 -55.52 -12.62
C VAL A 130 45.16 -56.00 -13.77
N PHE A 131 44.75 -55.65 -14.98
CA PHE A 131 45.49 -56.05 -16.16
C PHE A 131 46.13 -54.83 -16.82
N PRO A 132 47.27 -55.02 -17.47
CA PRO A 132 47.93 -53.88 -18.13
C PRO A 132 47.24 -53.52 -19.44
N LEU A 133 47.18 -52.22 -19.70
CA LEU A 133 46.85 -51.68 -21.02
C LEU A 133 48.20 -51.20 -21.54
N ALA A 134 48.91 -52.09 -22.15
CA ALA A 134 50.32 -51.79 -22.35
C ALA A 134 50.51 -50.90 -23.56
N PRO A 135 51.45 -49.96 -23.51
CA PRO A 135 51.71 -49.15 -24.69
C PRO A 135 52.51 -49.95 -25.71
N SER A 136 52.23 -49.68 -26.98
CA SER A 136 53.00 -50.29 -28.05
C SER A 136 54.29 -49.50 -28.21
N SER A 137 55.43 -50.19 -28.19
CA SER A 137 56.70 -49.53 -28.47
C SER A 137 56.63 -48.84 -29.84
N LYS A 138 55.96 -49.46 -30.81
CA LYS A 138 55.70 -48.81 -32.09
C LYS A 138 54.73 -47.67 -31.82
N SER A 139 55.14 -46.46 -32.11
CA SER A 139 54.33 -45.27 -31.89
C SER A 139 53.60 -44.89 -33.17
N THR A 140 52.26 -44.93 -33.13
CA THR A 140 51.42 -44.62 -34.29
C THR A 140 50.51 -43.43 -34.01
N SER A 141 50.91 -42.56 -33.08
CA SER A 141 50.09 -41.43 -32.67
C SER A 141 50.95 -40.19 -32.45
N GLY A 142 51.78 -39.88 -33.43
CA GLY A 142 52.57 -38.65 -33.42
C GLY A 142 53.48 -38.48 -32.22
N GLY A 143 54.16 -39.55 -31.81
CA GLY A 143 55.12 -39.43 -30.72
C GLY A 143 54.57 -39.51 -29.32
N THR A 144 53.28 -39.76 -29.15
CA THR A 144 52.68 -39.88 -27.83
C THR A 144 52.24 -41.32 -27.63
N ALA A 145 52.35 -41.82 -26.40
CA ALA A 145 51.95 -43.17 -26.07
C ALA A 145 50.85 -43.13 -25.02
N ALA A 146 49.87 -44.01 -25.17
CA ALA A 146 48.82 -44.20 -24.18
C ALA A 146 49.07 -45.53 -23.48
N LEU A 147 48.90 -45.55 -22.16
CA LEU A 147 48.98 -46.79 -21.40
C LEU A 147 48.01 -46.66 -20.24
N GLY A 148 47.77 -47.78 -19.56
CA GLY A 148 46.85 -47.74 -18.45
C GLY A 148 46.73 -49.07 -17.76
N CYS A 149 45.70 -49.16 -16.92
CA CYS A 149 45.37 -50.36 -16.18
C CYS A 149 43.88 -50.60 -16.30
N LEU A 150 43.51 -51.84 -16.59
CA LEU A 150 42.13 -52.28 -16.58
C LEU A 150 41.84 -52.93 -15.24
N VAL A 151 40.94 -52.34 -14.48
CA VAL A 151 40.58 -52.79 -13.14
C VAL A 151 39.26 -53.54 -13.27
N LYS A 152 39.32 -54.87 -13.31
CA LYS A 152 38.16 -55.65 -13.71
C LYS A 152 37.63 -56.53 -12.59
N ASP A 153 36.30 -56.64 -12.54
CA ASP A 153 35.59 -57.66 -11.76
C ASP A 153 35.82 -57.48 -10.26
N TYR A 154 35.58 -56.27 -9.78
CA TYR A 154 35.60 -56.00 -8.34
C TYR A 154 34.19 -55.69 -7.87
N PHE A 155 34.02 -55.75 -6.55
CA PHE A 155 32.70 -55.50 -5.98
C PHE A 155 32.79 -55.38 -4.46
N PRO A 156 32.08 -54.42 -3.85
CA PRO A 156 31.30 -53.33 -4.47
C PRO A 156 32.17 -52.13 -4.82
N GLU A 157 31.55 -51.02 -5.23
CA GLU A 157 32.28 -49.76 -5.31
C GLU A 157 32.74 -49.36 -3.91
N PRO A 158 33.75 -48.47 -3.80
CA PRO A 158 34.52 -47.83 -4.85
C PRO A 158 35.96 -48.31 -4.94
N VAL A 159 36.67 -47.95 -6.01
CA VAL A 159 38.12 -48.06 -6.06
C VAL A 159 38.67 -46.66 -6.30
N THR A 160 39.92 -46.45 -5.90
CA THR A 160 40.70 -45.29 -6.25
C THR A 160 41.95 -45.74 -7.00
N VAL A 161 42.44 -44.90 -7.90
CA VAL A 161 43.61 -45.23 -8.71
C VAL A 161 44.59 -44.07 -8.68
N SER A 162 45.86 -44.37 -8.45
CA SER A 162 46.95 -43.43 -8.60
C SER A 162 47.99 -44.06 -9.53
N TRP A 163 48.94 -43.23 -9.96
CA TRP A 163 50.04 -43.67 -10.79
C TRP A 163 51.35 -43.29 -10.14
N ASN A 164 52.28 -44.24 -10.08
CA ASN A 164 53.58 -44.04 -9.46
C ASN A 164 53.43 -43.37 -8.09
N SER A 165 52.49 -43.92 -7.30
CA SER A 165 52.23 -43.49 -5.93
C SER A 165 51.92 -42.01 -5.83
N GLY A 166 51.26 -41.46 -6.85
CA GLY A 166 50.91 -40.06 -6.85
C GLY A 166 51.92 -39.15 -7.52
N ALA A 167 53.08 -39.68 -7.94
CA ALA A 167 54.07 -38.85 -8.60
C ALA A 167 53.68 -38.50 -10.03
N LEU A 168 52.81 -39.28 -10.65
CA LEU A 168 52.34 -39.06 -12.02
C LEU A 168 50.86 -38.68 -11.98
N THR A 169 50.56 -37.43 -12.33
CA THR A 169 49.18 -36.95 -12.35
C THR A 169 48.81 -36.33 -13.69
N SER A 170 49.76 -35.70 -14.37
CA SER A 170 49.46 -35.04 -15.63
C SER A 170 49.04 -36.05 -16.69
N GLY A 171 47.92 -35.80 -17.34
CA GLY A 171 47.44 -36.65 -18.40
C GLY A 171 46.71 -37.88 -17.96
N VAL A 172 46.47 -38.06 -16.67
CA VAL A 172 45.78 -39.24 -16.17
C VAL A 172 44.29 -39.05 -16.37
N HIS A 173 43.63 -40.09 -16.90
CA HIS A 173 42.17 -40.15 -16.93
C HIS A 173 41.75 -41.46 -16.28
N THR A 174 41.14 -41.38 -15.11
CA THR A 174 40.58 -42.54 -14.42
C THR A 174 39.06 -42.47 -14.60
N PHE A 175 38.51 -43.45 -15.30
CA PHE A 175 37.13 -43.40 -15.73
C PHE A 175 36.16 -43.89 -14.65
N PRO A 176 34.95 -43.33 -14.64
CA PRO A 176 33.92 -43.90 -13.76
C PRO A 176 33.70 -45.36 -14.09
N ALA A 177 33.43 -46.15 -13.05
CA ALA A 177 33.23 -47.57 -13.26
C ALA A 177 31.93 -47.83 -14.01
N VAL A 178 31.88 -48.97 -14.67
CA VAL A 178 30.63 -49.49 -15.24
C VAL A 178 30.25 -50.74 -14.46
N LEU A 179 28.95 -50.98 -14.37
CA LEU A 179 28.41 -52.20 -13.77
C LEU A 179 28.19 -53.21 -14.89
N GLN A 180 28.93 -54.31 -14.84
CA GLN A 180 28.83 -55.30 -15.91
C GLN A 180 27.61 -56.19 -15.70
N SER A 181 27.22 -56.88 -16.78
CA SER A 181 26.10 -57.80 -16.71
C SER A 181 26.33 -58.90 -15.69
N SER A 182 27.59 -59.20 -15.36
CA SER A 182 27.89 -60.15 -14.30
C SER A 182 27.51 -59.64 -12.92
N GLY A 183 27.20 -58.36 -12.79
CA GLY A 183 26.99 -57.76 -11.49
C GLY A 183 28.25 -57.25 -10.82
N LEU A 184 29.40 -57.39 -11.46
CA LEU A 184 30.66 -56.85 -10.97
C LEU A 184 31.00 -55.57 -11.70
N TYR A 185 31.81 -54.73 -11.05
CA TYR A 185 32.24 -53.47 -11.63
C TYR A 185 33.57 -53.63 -12.36
N SER A 186 33.80 -52.72 -13.31
CA SER A 186 35.08 -52.62 -14.02
C SER A 186 35.32 -51.17 -14.36
N LEU A 187 36.60 -50.76 -14.30
CA LEU A 187 36.98 -49.44 -14.77
C LEU A 187 38.39 -49.53 -15.32
N SER A 188 38.76 -48.52 -16.10
N SER A 188 38.76 -48.50 -16.08
CA SER A 188 40.12 -48.37 -16.60
CA SER A 188 40.13 -48.37 -16.60
C SER A 188 40.67 -47.01 -16.15
C SER A 188 40.68 -47.01 -16.22
N SER A 189 42.00 -46.97 -16.02
CA SER A 189 42.72 -45.73 -15.77
C SER A 189 43.83 -45.65 -16.80
N VAL A 190 43.93 -44.50 -17.47
CA VAL A 190 44.89 -44.34 -18.55
C VAL A 190 45.69 -43.07 -18.32
N VAL A 191 46.80 -42.98 -19.02
CA VAL A 191 47.67 -41.81 -19.00
C VAL A 191 48.42 -41.78 -20.32
N THR A 192 48.59 -40.60 -20.87
CA THR A 192 49.40 -40.42 -22.07
C THR A 192 50.74 -39.85 -21.67
N VAL A 193 51.80 -40.37 -22.29
CA VAL A 193 53.17 -40.00 -21.94
C VAL A 193 53.98 -39.91 -23.21
N PRO A 194 55.13 -39.24 -23.14
CA PRO A 194 56.04 -39.26 -24.30
C PRO A 194 56.48 -40.67 -24.62
N SER A 195 56.29 -41.07 -25.88
N SER A 195 56.28 -41.08 -25.88
CA SER A 195 56.70 -42.42 -26.29
CA SER A 195 56.70 -42.41 -26.30
C SER A 195 58.18 -42.65 -26.03
C SER A 195 58.17 -42.64 -26.01
N SER A 196 58.98 -41.57 -26.02
CA SER A 196 60.41 -41.70 -25.73
C SER A 196 60.66 -42.08 -24.28
N SER A 197 59.67 -41.94 -23.40
CA SER A 197 59.83 -42.27 -21.99
C SER A 197 59.63 -43.76 -21.70
N LEU A 198 59.08 -44.54 -22.64
CA LEU A 198 58.71 -45.91 -22.33
C LEU A 198 59.90 -46.80 -21.97
N GLY A 199 61.11 -46.44 -22.36
CA GLY A 199 62.24 -47.30 -22.08
C GLY A 199 63.00 -46.90 -20.84
N THR A 200 62.78 -45.67 -20.38
CA THR A 200 63.45 -45.13 -19.21
C THR A 200 62.57 -45.06 -17.97
N GLN A 201 61.30 -44.69 -18.12
CA GLN A 201 60.42 -44.41 -16.97
C GLN A 201 59.53 -45.61 -16.67
N THR A 202 59.51 -46.01 -15.40
CA THR A 202 58.63 -47.06 -14.94
C THR A 202 57.25 -46.50 -14.63
N TYR A 203 56.22 -47.22 -15.04
CA TYR A 203 54.83 -46.83 -14.83
C TYR A 203 54.12 -47.91 -14.03
N ILE A 204 53.58 -47.52 -12.88
CA ILE A 204 52.90 -48.42 -11.96
C ILE A 204 51.57 -47.78 -11.60
N CYS A 205 50.49 -48.53 -11.75
CA CYS A 205 49.19 -48.07 -11.29
C CYS A 205 48.92 -48.69 -9.91
N ASN A 206 48.40 -47.86 -9.01
CA ASN A 206 48.12 -48.25 -7.63
C ASN A 206 46.60 -48.23 -7.46
N VAL A 207 46.01 -49.40 -7.26
CA VAL A 207 44.57 -49.57 -7.22
C VAL A 207 44.18 -49.99 -5.81
N ASN A 208 43.39 -49.16 -5.13
CA ASN A 208 42.97 -49.45 -3.77
C ASN A 208 41.48 -49.76 -3.74
N HIS A 209 41.12 -50.89 -3.13
CA HIS A 209 39.73 -51.33 -3.00
C HIS A 209 39.46 -51.57 -1.51
N LYS A 210 39.11 -50.51 -0.79
CA LYS A 210 38.90 -50.60 0.64
C LYS A 210 37.83 -51.63 1.01
N PRO A 211 36.73 -51.78 0.28
CA PRO A 211 35.72 -52.79 0.67
C PRO A 211 36.27 -54.20 0.81
N SER A 212 37.35 -54.53 0.11
CA SER A 212 38.00 -55.83 0.25
C SER A 212 39.35 -55.71 0.94
N ASN A 213 39.71 -54.52 1.43
CA ASN A 213 41.00 -54.29 2.08
C ASN A 213 42.13 -54.82 1.20
N THR A 214 42.02 -54.53 -0.09
CA THR A 214 42.99 -54.97 -1.09
C THR A 214 43.51 -53.77 -1.84
N LYS A 215 44.83 -53.72 -2.00
CA LYS A 215 45.50 -52.79 -2.90
C LYS A 215 46.31 -53.62 -3.90
N VAL A 216 46.21 -53.27 -5.18
CA VAL A 216 46.96 -53.94 -6.24
C VAL A 216 47.84 -52.90 -6.92
N ASP A 217 49.12 -53.20 -7.03
CA ASP A 217 50.05 -52.40 -7.82
C ASP A 217 50.43 -53.21 -9.05
N LYS A 218 50.33 -52.60 -10.22
CA LYS A 218 50.61 -53.27 -11.48
C LYS A 218 51.60 -52.43 -12.27
N LYS A 219 52.78 -52.99 -12.52
CA LYS A 219 53.75 -52.37 -13.40
C LYS A 219 53.31 -52.61 -14.84
N VAL A 220 53.18 -51.55 -15.61
CA VAL A 220 52.73 -51.62 -17.00
C VAL A 220 53.97 -51.49 -17.89
N GLU A 221 54.38 -52.60 -18.52
CA GLU A 221 55.58 -52.63 -19.34
C GLU A 221 55.24 -52.50 -20.83
N PRO A 222 56.10 -51.87 -21.62
CA PRO A 222 55.80 -51.73 -23.05
C PRO A 222 55.74 -53.08 -23.76
N LYS A 223 54.91 -53.13 -24.80
CA LYS A 223 54.80 -54.29 -25.63
C LYS A 223 55.66 -54.24 -26.89
N GLU B 1 2.04 -35.76 -7.29
CA GLU B 1 3.18 -35.02 -6.68
C GLU B 1 3.55 -33.83 -7.57
N ILE B 2 4.23 -32.84 -6.99
CA ILE B 2 4.67 -31.66 -7.74
C ILE B 2 5.91 -32.03 -8.54
N VAL B 3 5.80 -31.98 -9.87
CA VAL B 3 6.88 -32.35 -10.77
C VAL B 3 7.67 -31.11 -11.16
N LEU B 4 9.00 -31.20 -11.07
CA LEU B 4 9.88 -30.11 -11.46
C LEU B 4 10.65 -30.49 -12.72
N THR B 5 10.69 -29.57 -13.69
CA THR B 5 11.40 -29.76 -14.93
C THR B 5 12.46 -28.68 -15.07
N GLN B 6 13.71 -29.09 -15.31
CA GLN B 6 14.80 -28.17 -15.56
C GLN B 6 15.23 -28.36 -17.01
N SER B 7 15.05 -27.31 -17.82
CA SER B 7 15.36 -27.36 -19.23
C SER B 7 15.99 -26.00 -19.54
N PRO B 8 17.15 -25.96 -20.22
CA PRO B 8 17.86 -27.11 -20.78
C PRO B 8 18.55 -27.97 -19.73
N ALA B 9 18.86 -29.21 -20.07
CA ALA B 9 19.60 -30.07 -19.17
C ALA B 9 21.09 -29.74 -19.15
N THR B 10 21.59 -29.08 -20.20
CA THR B 10 22.98 -28.69 -20.28
C THR B 10 23.07 -27.29 -20.88
N LEU B 11 23.86 -26.43 -20.24
CA LEU B 11 24.21 -25.11 -20.74
C LEU B 11 25.71 -25.10 -21.00
N SER B 12 26.12 -24.66 -22.18
CA SER B 12 27.52 -24.59 -22.57
C SER B 12 27.90 -23.12 -22.73
N LEU B 13 28.67 -22.61 -21.78
CA LEU B 13 28.95 -21.18 -21.67
C LEU B 13 30.42 -20.97 -21.38
N SER B 14 30.88 -19.73 -21.60
CA SER B 14 32.26 -19.41 -21.31
C SER B 14 32.38 -18.69 -19.97
N PRO B 15 33.54 -18.81 -19.30
CA PRO B 15 33.75 -18.04 -18.08
C PRO B 15 33.52 -16.55 -18.33
N GLY B 16 32.91 -15.88 -17.36
CA GLY B 16 32.58 -14.49 -17.49
C GLY B 16 31.22 -14.23 -18.08
N GLU B 17 30.59 -15.22 -18.70
CA GLU B 17 29.28 -15.02 -19.27
C GLU B 17 28.18 -15.17 -18.22
N ARG B 18 27.00 -14.67 -18.56
CA ARG B 18 25.82 -14.78 -17.72
C ARG B 18 25.14 -16.11 -17.98
N ALA B 19 24.68 -16.75 -16.90
CA ALA B 19 23.99 -18.04 -16.98
C ALA B 19 22.60 -17.90 -16.38
N THR B 20 21.59 -18.39 -17.10
CA THR B 20 20.20 -18.36 -16.66
C THR B 20 19.66 -19.78 -16.66
N LEU B 21 19.39 -20.31 -15.46
CA LEU B 21 18.91 -21.67 -15.30
C LEU B 21 17.44 -21.64 -14.92
N SER B 22 16.65 -22.53 -15.52
CA SER B 22 15.21 -22.53 -15.36
C SER B 22 14.74 -23.78 -14.61
N CYS B 23 13.76 -23.57 -13.74
CA CYS B 23 13.04 -24.65 -13.06
C CYS B 23 11.56 -24.32 -13.15
N ARG B 24 10.77 -25.22 -13.72
CA ARG B 24 9.33 -25.01 -13.84
C ARG B 24 8.59 -26.14 -13.14
N ALA B 25 7.57 -25.76 -12.39
CA ALA B 25 6.82 -26.68 -11.54
C ALA B 25 5.46 -26.96 -12.14
N SER B 26 5.00 -28.20 -11.96
CA SER B 26 3.70 -28.63 -12.45
C SER B 26 2.55 -28.06 -11.65
N GLN B 27 2.83 -27.48 -10.48
CA GLN B 27 1.81 -26.87 -9.67
C GLN B 27 2.37 -25.62 -9.01
N ASN B 28 1.46 -24.83 -8.47
CA ASN B 28 1.79 -23.63 -7.72
C ASN B 28 2.58 -23.97 -6.46
N VAL B 29 3.84 -23.55 -6.41
CA VAL B 29 4.66 -23.73 -5.22
C VAL B 29 4.97 -22.38 -4.56
N SER B 30 4.38 -21.30 -5.06
CA SER B 30 4.59 -19.97 -4.46
C SER B 30 6.07 -19.67 -4.50
N THR B 31 6.70 -19.29 -3.39
CA THR B 31 8.13 -19.02 -3.33
C THR B 31 8.89 -20.12 -2.59
N TYR B 32 8.27 -21.28 -2.37
CA TYR B 32 8.91 -22.36 -1.60
C TYR B 32 9.73 -23.19 -2.57
N LEU B 33 10.88 -22.64 -2.95
CA LEU B 33 11.78 -23.29 -3.89
C LEU B 33 13.22 -23.08 -3.43
N ALA B 34 14.00 -24.16 -3.43
CA ALA B 34 15.41 -24.12 -3.08
C ALA B 34 16.23 -24.53 -4.29
N TRP B 35 17.45 -24.00 -4.36
CA TRP B 35 18.40 -24.32 -5.42
C TRP B 35 19.67 -24.87 -4.78
N TYR B 36 20.26 -25.88 -5.42
CA TYR B 36 21.50 -26.50 -4.96
C TYR B 36 22.53 -26.57 -6.08
N GLN B 37 23.79 -26.58 -5.70
CA GLN B 37 24.93 -26.81 -6.58
C GLN B 37 25.60 -28.11 -6.20
N GLN B 38 26.06 -28.87 -7.20
CA GLN B 38 26.82 -30.08 -6.91
C GLN B 38 27.93 -30.23 -7.94
N LYS B 39 29.14 -30.48 -7.45
CA LYS B 39 30.31 -30.80 -8.23
C LYS B 39 30.64 -32.27 -8.11
N PRO B 40 31.34 -32.84 -9.09
CA PRO B 40 31.60 -34.29 -9.05
C PRO B 40 32.34 -34.69 -7.79
N GLY B 41 31.86 -35.76 -7.16
CA GLY B 41 32.49 -36.28 -5.97
C GLY B 41 32.19 -35.54 -4.70
N GLN B 42 31.28 -34.58 -4.72
CA GLN B 42 30.98 -33.77 -3.55
C GLN B 42 29.49 -33.80 -3.26
N ALA B 43 29.16 -33.51 -2.01
CA ALA B 43 27.77 -33.40 -1.61
C ALA B 43 27.16 -32.12 -2.17
N PRO B 44 25.85 -32.08 -2.34
CA PRO B 44 25.19 -30.83 -2.77
C PRO B 44 25.44 -29.70 -1.79
N ARG B 45 25.32 -28.48 -2.30
CA ARG B 45 25.46 -27.26 -1.49
C ARG B 45 24.28 -26.34 -1.76
N LEU B 46 23.65 -25.87 -0.69
CA LEU B 46 22.53 -24.94 -0.81
C LEU B 46 22.99 -23.60 -1.35
N LEU B 47 22.29 -23.11 -2.36
CA LEU B 47 22.53 -21.79 -2.92
C LEU B 47 21.42 -20.80 -2.59
N MET B 48 20.17 -21.23 -2.68
N MET B 48 20.17 -21.24 -2.59
CA MET B 48 19.03 -20.36 -2.53
CA MET B 48 19.02 -20.35 -2.56
C MET B 48 17.91 -21.11 -1.83
C MET B 48 17.85 -21.09 -1.92
N TYR B 49 17.06 -20.37 -1.13
CA TYR B 49 15.85 -20.92 -0.54
C TYR B 49 14.81 -19.82 -0.51
N ASP B 50 13.55 -20.20 -0.31
CA ASP B 50 12.44 -19.26 -0.46
C ASP B 50 12.56 -18.55 -1.80
N ALA B 51 13.05 -19.28 -2.80
CA ALA B 51 13.17 -18.81 -4.18
C ALA B 51 14.27 -17.78 -4.40
N SER B 52 14.46 -16.85 -3.45
CA SER B 52 15.33 -15.71 -3.69
C SER B 52 16.26 -15.35 -2.55
N LYS B 53 16.26 -16.09 -1.44
CA LYS B 53 17.12 -15.79 -0.32
C LYS B 53 18.44 -16.53 -0.51
N ARG B 54 19.54 -15.78 -0.68
CA ARG B 54 20.84 -16.42 -0.84
C ARG B 54 21.25 -17.13 0.45
N ALA B 55 21.83 -18.31 0.29
CA ALA B 55 22.28 -19.08 1.44
C ALA B 55 23.58 -18.51 1.99
N THR B 56 23.97 -19.00 3.16
CA THR B 56 25.18 -18.55 3.83
C THR B 56 26.40 -18.69 2.91
N GLY B 57 27.13 -17.58 2.78
CA GLY B 57 28.40 -17.61 2.07
C GLY B 57 28.32 -17.74 0.57
N ILE B 58 27.13 -17.58 -0.01
CA ILE B 58 26.99 -17.70 -1.46
C ILE B 58 27.30 -16.34 -2.08
N PRO B 59 28.17 -16.28 -3.10
CA PRO B 59 28.48 -14.97 -3.70
C PRO B 59 27.25 -14.27 -4.26
N ALA B 60 27.33 -12.94 -4.31
CA ALA B 60 26.22 -12.14 -4.79
C ALA B 60 25.95 -12.34 -6.27
N ARG B 61 26.90 -12.89 -7.02
CA ARG B 61 26.63 -13.15 -8.44
C ARG B 61 25.53 -14.18 -8.63
N PHE B 62 25.16 -14.92 -7.59
CA PHE B 62 24.02 -15.83 -7.64
C PHE B 62 22.77 -15.10 -7.16
N SER B 63 21.72 -15.10 -7.97
CA SER B 63 20.44 -14.55 -7.54
C SER B 63 19.30 -15.43 -8.05
N GLY B 64 18.33 -15.69 -7.19
CA GLY B 64 17.17 -16.48 -7.53
C GLY B 64 15.94 -15.61 -7.63
N SER B 65 15.02 -16.00 -8.52
CA SER B 65 13.80 -15.23 -8.74
C SER B 65 12.68 -16.19 -9.13
N GLY B 66 11.47 -15.66 -9.10
CA GLY B 66 10.30 -16.37 -9.57
C GLY B 66 9.32 -16.68 -8.44
N SER B 67 8.12 -17.09 -8.86
CA SER B 67 7.08 -17.48 -7.93
C SER B 67 5.99 -18.16 -8.75
N GLY B 68 5.33 -19.14 -8.12
CA GLY B 68 4.29 -19.91 -8.79
C GLY B 68 4.80 -21.14 -9.50
N THR B 69 5.05 -21.04 -10.81
CA THR B 69 5.45 -22.20 -11.60
C THR B 69 6.72 -21.98 -12.40
N GLU B 70 7.26 -20.75 -12.45
CA GLU B 70 8.47 -20.46 -13.21
C GLU B 70 9.48 -19.81 -12.28
N PHE B 71 10.68 -20.37 -12.24
CA PHE B 71 11.74 -19.91 -11.38
C PHE B 71 13.03 -19.85 -12.17
N THR B 72 13.94 -18.98 -11.74
N THR B 72 13.94 -18.98 -11.74
CA THR B 72 15.20 -18.78 -12.42
CA THR B 72 15.20 -18.80 -12.44
C THR B 72 16.32 -18.67 -11.39
C THR B 72 16.32 -18.65 -11.41
N LEU B 73 17.46 -19.27 -11.73
CA LEU B 73 18.71 -19.06 -11.00
C LEU B 73 19.66 -18.40 -11.99
N THR B 74 20.15 -17.21 -11.65
CA THR B 74 20.99 -16.43 -12.53
C THR B 74 22.37 -16.28 -11.91
N ILE B 75 23.40 -16.60 -12.69
CA ILE B 75 24.79 -16.34 -12.34
C ILE B 75 25.23 -15.20 -13.25
N SER B 76 25.42 -14.02 -12.68
CA SER B 76 25.63 -12.83 -13.50
C SER B 76 26.88 -12.96 -14.36
N SER B 77 27.96 -13.47 -13.78
CA SER B 77 29.22 -13.68 -14.51
C SER B 77 29.84 -14.97 -14.00
N LEU B 78 29.96 -15.96 -14.88
CA LEU B 78 30.42 -17.27 -14.45
C LEU B 78 31.90 -17.21 -14.07
N GLU B 79 32.22 -17.73 -12.89
CA GLU B 79 33.58 -18.01 -12.49
C GLU B 79 33.90 -19.46 -12.74
N PRO B 80 35.19 -19.80 -12.83
CA PRO B 80 35.56 -21.21 -13.08
C PRO B 80 34.89 -22.20 -12.13
N GLU B 81 34.77 -21.83 -10.85
CA GLU B 81 34.20 -22.72 -9.86
C GLU B 81 32.69 -22.88 -10.00
N ASP B 82 32.05 -22.12 -10.89
CA ASP B 82 30.61 -22.18 -11.06
C ASP B 82 30.16 -23.27 -12.03
N PHE B 83 31.08 -23.91 -12.73
CA PHE B 83 30.71 -24.96 -13.68
C PHE B 83 30.47 -26.24 -12.88
N ALA B 84 29.21 -26.66 -12.85
CA ALA B 84 28.72 -27.69 -11.94
C ALA B 84 27.29 -28.03 -12.36
N VAL B 85 26.66 -28.90 -11.58
CA VAL B 85 25.27 -29.27 -11.79
C VAL B 85 24.42 -28.51 -10.79
N TYR B 86 23.22 -28.09 -11.22
CA TYR B 86 22.31 -27.32 -10.38
C TYR B 86 20.95 -28.01 -10.33
N TYR B 87 20.45 -28.20 -9.12
CA TYR B 87 19.16 -28.83 -8.87
C TYR B 87 18.23 -27.84 -8.17
N CYS B 88 16.96 -27.86 -8.54
CA CYS B 88 15.92 -27.19 -7.77
C CYS B 88 15.13 -28.21 -6.97
N GLN B 89 14.51 -27.72 -5.89
CA GLN B 89 13.75 -28.56 -4.98
C GLN B 89 12.55 -27.76 -4.50
N GLN B 90 11.35 -28.29 -4.67
CA GLN B 90 10.16 -27.60 -4.21
C GLN B 90 9.91 -27.95 -2.75
N ARG B 91 9.58 -26.93 -1.98
CA ARG B 91 9.31 -27.07 -0.55
C ARG B 91 7.88 -26.66 -0.22
N ARG B 92 6.98 -26.79 -1.21
CA ARG B 92 5.60 -26.40 -0.98
C ARG B 92 4.82 -27.47 -0.23
N ASN B 93 5.02 -28.74 -0.58
CA ASN B 93 4.26 -29.78 0.09
C ASN B 93 5.01 -31.10 0.05
N TRP B 94 4.66 -31.97 1.00
CA TRP B 94 5.14 -33.35 0.98
C TRP B 94 4.41 -34.13 -0.11
N PRO B 95 5.08 -35.05 -0.80
CA PRO B 95 6.51 -35.40 -0.65
C PRO B 95 7.41 -34.41 -1.37
N LEU B 96 8.60 -34.17 -0.82
CA LEU B 96 9.55 -33.29 -1.50
C LEU B 96 9.96 -33.90 -2.83
N THR B 97 10.25 -33.03 -3.79
CA THR B 97 10.69 -33.46 -5.12
C THR B 97 11.78 -32.53 -5.62
N PHE B 98 12.63 -33.08 -6.47
CA PHE B 98 13.72 -32.36 -7.12
C PHE B 98 13.47 -32.27 -8.62
N GLY B 99 14.01 -31.23 -9.24
CA GLY B 99 14.21 -31.24 -10.68
C GLY B 99 15.33 -32.18 -11.06
N GLY B 100 15.42 -32.45 -12.36
CA GLY B 100 16.40 -33.39 -12.87
C GLY B 100 17.81 -32.87 -12.99
N GLY B 101 18.00 -31.58 -12.78
CA GLY B 101 19.32 -30.97 -12.77
C GLY B 101 19.66 -30.32 -14.10
N THR B 102 20.48 -29.28 -14.03
CA THR B 102 21.04 -28.63 -15.21
C THR B 102 22.55 -28.56 -15.04
N LYS B 103 23.29 -29.08 -16.01
CA LYS B 103 24.74 -29.04 -15.99
C LYS B 103 25.24 -27.83 -16.78
N VAL B 104 26.06 -27.01 -16.14
CA VAL B 104 26.71 -25.88 -16.80
C VAL B 104 28.16 -26.29 -17.09
N GLU B 105 28.47 -26.52 -18.36
CA GLU B 105 29.81 -26.90 -18.78
C GLU B 105 30.49 -25.76 -19.52
N ILE B 106 31.81 -25.86 -19.66
CA ILE B 106 32.59 -24.83 -20.34
C ILE B 106 32.52 -25.08 -21.84
N LYS B 107 32.06 -24.08 -22.58
CA LYS B 107 32.14 -24.15 -24.04
C LYS B 107 33.57 -23.86 -24.48
N ARG B 108 34.06 -24.65 -25.42
CA ARG B 108 35.37 -24.45 -26.02
C ARG B 108 35.27 -24.83 -27.48
N THR B 109 36.39 -24.70 -28.19
CA THR B 109 36.42 -25.07 -29.60
C THR B 109 36.38 -26.59 -29.76
N VAL B 110 35.90 -27.03 -30.92
CA VAL B 110 35.90 -28.45 -31.24
C VAL B 110 37.31 -28.98 -31.14
N ALA B 111 37.44 -30.21 -30.65
CA ALA B 111 38.75 -30.86 -30.53
C ALA B 111 38.57 -32.34 -30.82
N ALA B 112 39.27 -32.82 -31.84
CA ALA B 112 39.18 -34.23 -32.21
C ALA B 112 39.95 -35.07 -31.19
N PRO B 113 39.44 -36.25 -30.83
CA PRO B 113 40.18 -37.10 -29.90
C PRO B 113 41.40 -37.72 -30.54
N SER B 114 42.41 -37.98 -29.71
N SER B 114 42.40 -37.99 -29.72
CA SER B 114 43.41 -38.98 -30.03
CA SER B 114 43.43 -38.97 -30.10
C SER B 114 42.81 -40.33 -29.69
C SER B 114 42.88 -40.34 -29.68
N VAL B 115 42.91 -41.29 -30.61
CA VAL B 115 42.24 -42.57 -30.46
C VAL B 115 43.29 -43.67 -30.35
N PHE B 116 43.17 -44.48 -29.31
CA PHE B 116 44.05 -45.62 -29.08
C PHE B 116 43.21 -46.85 -28.82
N ILE B 117 43.69 -48.00 -29.28
CA ILE B 117 43.00 -49.26 -29.07
C ILE B 117 43.97 -50.25 -28.44
N PHE B 118 43.53 -50.92 -27.38
CA PHE B 118 44.36 -51.85 -26.62
C PHE B 118 43.82 -53.26 -26.80
N PRO B 119 44.60 -54.20 -27.32
CA PRO B 119 44.17 -55.60 -27.32
C PRO B 119 44.09 -56.13 -25.90
N PRO B 120 43.43 -57.27 -25.70
CA PRO B 120 43.49 -57.91 -24.38
C PRO B 120 44.92 -58.26 -24.04
N SER B 121 45.27 -58.14 -22.76
CA SER B 121 46.58 -58.58 -22.32
C SER B 121 46.65 -60.11 -22.35
N ASP B 122 47.84 -60.63 -22.61
CA ASP B 122 48.04 -62.07 -22.50
C ASP B 122 47.64 -62.57 -21.11
N GLU B 123 47.90 -61.77 -20.08
CA GLU B 123 47.54 -62.18 -18.72
C GLU B 123 46.04 -62.44 -18.60
N GLN B 124 45.20 -61.52 -19.10
CA GLN B 124 43.77 -61.73 -19.03
C GLN B 124 43.32 -62.93 -19.85
N LEU B 125 43.91 -63.12 -21.03
CA LEU B 125 43.47 -64.21 -21.91
C LEU B 125 43.63 -65.56 -21.22
N LYS B 126 44.68 -65.70 -20.42
CA LYS B 126 44.88 -66.92 -19.63
C LYS B 126 43.66 -67.24 -18.79
N SER B 127 42.87 -66.22 -18.42
CA SER B 127 41.66 -66.40 -17.64
C SER B 127 40.45 -66.83 -18.47
N GLY B 128 40.56 -66.84 -19.80
CA GLY B 128 39.44 -67.22 -20.64
C GLY B 128 38.54 -66.08 -21.07
N THR B 129 38.86 -64.84 -20.72
CA THR B 129 38.08 -63.69 -21.11
C THR B 129 38.99 -62.68 -21.79
N ALA B 130 38.39 -61.85 -22.65
CA ALA B 130 39.11 -60.84 -23.38
C ALA B 130 38.36 -59.52 -23.29
N SER B 131 39.08 -58.47 -22.90
CA SER B 131 38.56 -57.11 -22.91
C SER B 131 39.38 -56.29 -23.90
N VAL B 132 38.71 -55.69 -24.87
CA VAL B 132 39.35 -54.79 -25.83
C VAL B 132 38.94 -53.37 -25.46
N VAL B 133 39.91 -52.50 -25.29
CA VAL B 133 39.67 -51.16 -24.75
C VAL B 133 39.99 -50.11 -25.81
N CYS B 134 39.04 -49.22 -26.03
CA CYS B 134 39.21 -48.08 -26.92
C CYS B 134 39.17 -46.79 -26.12
N LEU B 135 40.15 -45.92 -26.36
CA LEU B 135 40.31 -44.67 -25.63
C LEU B 135 40.18 -43.50 -26.58
N LEU B 136 39.30 -42.57 -26.25
CA LEU B 136 39.17 -41.28 -26.91
C LEU B 136 39.74 -40.23 -25.96
N ASN B 137 40.89 -39.66 -26.29
CA ASN B 137 41.61 -38.80 -25.37
C ASN B 137 41.36 -37.33 -25.71
N ASN B 138 40.75 -36.61 -24.78
CA ASN B 138 40.73 -35.15 -24.77
C ASN B 138 40.11 -34.59 -26.05
N PHE B 139 38.79 -34.70 -26.09
CA PHE B 139 38.02 -34.24 -27.23
C PHE B 139 36.89 -33.33 -26.75
N TYR B 140 36.32 -32.61 -27.71
CA TYR B 140 35.18 -31.73 -27.45
C TYR B 140 34.45 -31.59 -28.77
N PRO B 141 33.11 -31.62 -28.80
CA PRO B 141 32.22 -31.75 -27.64
C PRO B 141 32.07 -33.18 -27.14
N ARG B 142 31.30 -33.33 -26.06
CA ARG B 142 31.15 -34.62 -25.40
C ARG B 142 30.49 -35.64 -26.31
N GLU B 143 29.60 -35.20 -27.19
CA GLU B 143 28.82 -36.13 -28.00
C GLU B 143 29.69 -36.79 -29.05
N ALA B 144 29.65 -38.12 -29.08
CA ALA B 144 30.44 -38.89 -30.05
C ALA B 144 29.82 -40.28 -30.16
N LYS B 145 29.83 -40.82 -31.37
CA LYS B 145 29.34 -42.17 -31.62
C LYS B 145 30.54 -43.10 -31.70
N VAL B 146 30.61 -44.10 -30.82
CA VAL B 146 31.72 -45.04 -30.78
C VAL B 146 31.16 -46.42 -31.09
N GLN B 147 31.72 -47.07 -32.11
CA GLN B 147 31.25 -48.38 -32.55
C GLN B 147 32.42 -49.34 -32.70
N TRP B 148 32.16 -50.61 -32.42
CA TRP B 148 33.14 -51.68 -32.55
C TRP B 148 32.85 -52.48 -33.82
N LYS B 149 33.92 -52.86 -34.51
CA LYS B 149 33.83 -53.77 -35.65
C LYS B 149 34.84 -54.88 -35.47
N VAL B 150 34.40 -56.13 -35.68
CA VAL B 150 35.25 -57.31 -35.60
C VAL B 150 35.17 -58.00 -36.95
N ASP B 151 36.32 -58.14 -37.61
CA ASP B 151 36.35 -58.56 -39.01
C ASP B 151 35.32 -57.77 -39.83
N ASN B 152 35.26 -56.47 -39.56
CA ASN B 152 34.40 -55.50 -40.23
C ASN B 152 32.92 -55.72 -39.96
N ALA B 153 32.56 -56.57 -39.01
CA ALA B 153 31.16 -56.76 -38.62
C ALA B 153 30.83 -55.84 -37.45
N LEU B 154 29.77 -55.05 -37.60
CA LEU B 154 29.38 -54.11 -36.56
C LEU B 154 28.88 -54.86 -35.33
N GLN B 155 29.43 -54.50 -34.17
CA GLN B 155 29.07 -55.12 -32.90
C GLN B 155 27.88 -54.42 -32.27
N SER B 156 27.10 -55.17 -31.50
CA SER B 156 26.02 -54.59 -30.73
C SER B 156 25.85 -55.40 -29.46
N GLY B 157 25.62 -54.72 -28.35
CA GLY B 157 25.25 -55.36 -27.11
C GLY B 157 26.40 -55.96 -26.31
N ASN B 158 27.64 -55.83 -26.76
CA ASN B 158 28.77 -56.40 -26.04
C ASN B 158 29.83 -55.37 -25.67
N SER B 159 29.45 -54.10 -25.56
CA SER B 159 30.38 -53.06 -25.14
C SER B 159 29.73 -52.12 -24.14
N GLN B 160 30.56 -51.49 -23.31
CA GLN B 160 30.12 -50.47 -22.38
C GLN B 160 31.12 -49.33 -22.42
N GLU B 161 30.63 -48.10 -22.29
CA GLU B 161 31.51 -46.94 -22.27
C GLU B 161 31.33 -46.11 -20.99
N SER B 162 32.36 -45.31 -20.73
CA SER B 162 32.44 -44.41 -19.58
C SER B 162 33.12 -43.14 -20.05
N VAL B 163 32.75 -42.02 -19.42
CA VAL B 163 33.24 -40.70 -19.81
C VAL B 163 33.70 -39.94 -18.57
N THR B 164 34.82 -39.24 -18.69
CA THR B 164 35.33 -38.45 -17.58
C THR B 164 34.53 -37.15 -17.45
N GLU B 165 34.72 -36.48 -16.31
CA GLU B 165 34.23 -35.12 -16.15
C GLU B 165 35.12 -34.17 -16.95
N GLN B 166 34.58 -33.00 -17.25
CA GLN B 166 35.29 -32.05 -18.09
C GLN B 166 36.61 -31.64 -17.45
N ASP B 167 37.67 -31.64 -18.25
CA ASP B 167 38.99 -31.35 -17.73
C ASP B 167 39.10 -29.90 -17.28
N SER B 168 39.71 -29.69 -16.11
CA SER B 168 39.81 -28.34 -15.56
C SER B 168 40.80 -27.47 -16.35
N LYS B 169 41.77 -28.08 -17.03
CA LYS B 169 42.78 -27.30 -17.73
C LYS B 169 42.38 -26.98 -19.17
N ASP B 170 41.95 -27.99 -19.94
CA ASP B 170 41.62 -27.79 -21.34
C ASP B 170 40.14 -28.00 -21.67
N SER B 171 39.30 -28.24 -20.67
CA SER B 171 37.85 -28.30 -20.85
C SER B 171 37.43 -29.39 -21.84
N THR B 172 38.25 -30.42 -22.03
CA THR B 172 37.87 -31.54 -22.87
C THR B 172 37.29 -32.68 -22.03
N TYR B 173 36.77 -33.67 -22.74
CA TYR B 173 36.29 -34.92 -22.18
C TYR B 173 37.17 -36.05 -22.72
N SER B 174 37.15 -37.17 -22.02
CA SER B 174 37.75 -38.40 -22.50
C SER B 174 36.76 -39.54 -22.31
N LEU B 175 36.87 -40.56 -23.14
CA LEU B 175 35.90 -41.64 -23.16
C LEU B 175 36.61 -42.97 -23.36
N SER B 176 36.13 -43.99 -22.67
CA SER B 176 36.59 -45.35 -22.86
C SER B 176 35.40 -46.20 -23.31
N SER B 177 35.64 -47.09 -24.25
CA SER B 177 34.68 -48.13 -24.63
C SER B 177 35.37 -49.47 -24.54
N THR B 178 34.71 -50.44 -23.91
CA THR B 178 35.31 -51.74 -23.66
C THR B 178 34.44 -52.82 -24.30
N LEU B 179 35.05 -53.60 -25.19
CA LEU B 179 34.41 -54.75 -25.81
C LEU B 179 34.78 -56.00 -25.02
N THR B 180 33.79 -56.77 -24.59
CA THR B 180 34.01 -57.97 -23.81
C THR B 180 33.64 -59.20 -24.62
N LEU B 181 34.57 -60.15 -24.68
CA LEU B 181 34.38 -61.40 -25.41
C LEU B 181 35.07 -62.53 -24.67
N SER B 182 34.68 -63.77 -24.99
CA SER B 182 35.41 -64.91 -24.48
C SER B 182 36.76 -65.00 -25.20
N LYS B 183 37.69 -65.75 -24.61
CA LYS B 183 38.95 -66.02 -25.30
C LYS B 183 38.68 -66.72 -26.63
N ALA B 184 37.73 -67.65 -26.64
CA ALA B 184 37.41 -68.38 -27.87
C ALA B 184 36.83 -67.46 -28.93
N ASP B 185 35.89 -66.60 -28.55
CA ASP B 185 35.38 -65.62 -29.51
C ASP B 185 36.50 -64.75 -30.04
N TYR B 186 37.39 -64.31 -29.15
CA TYR B 186 38.48 -63.43 -29.57
C TYR B 186 39.38 -64.11 -30.60
N GLU B 187 39.69 -65.38 -30.38
CA GLU B 187 40.60 -66.11 -31.25
C GLU B 187 39.96 -66.58 -32.55
N LYS B 188 38.67 -66.33 -32.74
CA LYS B 188 38.00 -66.64 -34.00
C LYS B 188 38.05 -65.50 -35.02
N HIS B 189 38.63 -64.36 -34.67
CA HIS B 189 38.63 -63.20 -35.57
C HIS B 189 39.99 -62.51 -35.52
N LYS B 190 40.27 -61.74 -36.59
CA LYS B 190 41.56 -61.10 -36.77
C LYS B 190 41.51 -59.59 -36.53
N VAL B 191 40.63 -58.86 -37.22
CA VAL B 191 40.66 -57.40 -37.19
C VAL B 191 39.73 -56.91 -36.10
N TYR B 192 40.28 -56.11 -35.18
CA TYR B 192 39.51 -55.44 -34.13
C TYR B 192 39.63 -53.94 -34.32
N ALA B 193 38.49 -53.27 -34.39
CA ALA B 193 38.44 -51.87 -34.78
C ALA B 193 37.47 -51.09 -33.92
N CYS B 194 37.90 -49.90 -33.53
CA CYS B 194 37.09 -48.93 -32.80
C CYS B 194 36.87 -47.72 -33.68
N GLU B 195 35.60 -47.42 -34.00
CA GLU B 195 35.27 -46.33 -34.90
C GLU B 195 34.60 -45.20 -34.12
N VAL B 196 35.14 -43.99 -34.27
CA VAL B 196 34.65 -42.80 -33.59
C VAL B 196 34.13 -41.84 -34.64
N THR B 197 32.86 -41.43 -34.51
CA THR B 197 32.25 -40.50 -35.44
C THR B 197 31.83 -39.24 -34.70
N GLN B 198 32.28 -38.08 -35.20
CA GLN B 198 31.80 -36.79 -34.76
C GLN B 198 31.58 -35.93 -36.01
N GLY B 199 30.38 -35.35 -36.10
CA GLY B 199 30.06 -34.56 -37.29
C GLY B 199 30.19 -35.41 -38.54
N THR B 200 30.98 -34.92 -39.50
CA THR B 200 31.10 -35.57 -40.80
C THR B 200 32.39 -36.39 -40.94
N THR B 201 33.03 -36.72 -39.82
CA THR B 201 34.30 -37.44 -39.83
C THR B 201 34.18 -38.69 -38.98
N SER B 202 34.62 -39.82 -39.51
CA SER B 202 34.80 -41.05 -38.74
C SER B 202 36.27 -41.42 -38.75
N VAL B 203 36.81 -41.75 -37.57
CA VAL B 203 38.18 -42.22 -37.42
C VAL B 203 38.14 -43.60 -36.80
N THR B 204 38.81 -44.55 -37.44
CA THR B 204 38.82 -45.94 -36.99
C THR B 204 40.25 -46.35 -36.68
N LYS B 205 40.47 -46.82 -35.45
CA LYS B 205 41.73 -47.38 -35.01
C LYS B 205 41.56 -48.89 -34.88
N SER B 206 42.55 -49.64 -35.33
CA SER B 206 42.41 -51.08 -35.39
C SER B 206 43.72 -51.76 -35.07
N PHE B 207 43.64 -53.07 -34.85
CA PHE B 207 44.81 -53.94 -34.79
C PHE B 207 44.42 -55.30 -35.35
N ASN B 208 45.44 -56.07 -35.73
CA ASN B 208 45.28 -57.46 -36.12
C ASN B 208 45.73 -58.33 -34.94
N ARG B 209 44.88 -59.27 -34.54
CA ARG B 209 45.16 -60.09 -33.35
C ARG B 209 46.56 -60.72 -33.42
N GLY B 210 46.92 -61.30 -34.56
CA GLY B 210 48.22 -61.92 -34.65
C GLY B 210 49.35 -60.93 -34.43
N GLU B 211 49.24 -59.75 -35.03
CA GLU B 211 50.29 -58.75 -34.96
C GLU B 211 50.09 -57.88 -33.73
N PCA C 1 -9.36 14.21 -23.15
CA PCA C 1 -10.16 14.61 -21.98
CB PCA C 1 -9.96 13.61 -20.86
CG PCA C 1 -8.64 12.97 -21.30
CD PCA C 1 -8.45 13.28 -22.79
OE PCA C 1 -7.63 12.76 -23.52
C PCA C 1 -9.72 16.01 -21.56
O PCA C 1 -9.16 16.75 -22.37
H PCA C 1 -9.60 13.41 -23.43
HA PCA C 1 -11.11 14.62 -22.18
HB2 PCA C 1 -10.69 12.98 -20.81
HB3 PCA C 1 -9.90 14.05 -20.00
HG2 PCA C 1 -8.63 12.01 -21.20
HG3 PCA C 1 -7.88 13.32 -20.83
N VAL C 2 -9.93 16.36 -20.30
CA VAL C 2 -9.47 17.64 -19.79
C VAL C 2 -7.94 17.72 -19.82
N GLN C 3 -7.43 18.75 -20.50
CA GLN C 3 -5.99 19.02 -20.52
C GLN C 3 -5.72 20.50 -20.32
N LEU C 4 -4.66 20.79 -19.56
CA LEU C 4 -4.16 22.13 -19.33
C LEU C 4 -2.66 22.12 -19.57
N VAL C 5 -2.17 22.99 -20.45
CA VAL C 5 -0.77 23.01 -20.83
C VAL C 5 -0.22 24.41 -20.65
N GLU C 6 0.66 24.58 -19.68
CA GLU C 6 1.30 25.88 -19.44
C GLU C 6 2.52 26.04 -20.34
N SER C 7 2.75 27.27 -20.78
CA SER C 7 3.96 27.61 -21.51
C SER C 7 4.38 29.02 -21.13
N GLY C 8 5.55 29.43 -21.63
CA GLY C 8 6.06 30.75 -21.38
C GLY C 8 7.05 30.84 -20.23
N GLY C 9 7.30 29.74 -19.52
CA GLY C 9 8.27 29.77 -18.46
C GLY C 9 9.69 29.85 -18.97
N GLY C 10 10.59 30.28 -18.11
CA GLY C 10 11.98 30.36 -18.48
C GLY C 10 12.73 31.27 -17.53
N LEU C 11 13.92 31.67 -17.97
CA LEU C 11 14.81 32.51 -17.19
C LEU C 11 14.52 33.98 -17.44
N VAL C 12 14.50 34.77 -16.37
CA VAL C 12 14.26 36.20 -16.46
C VAL C 12 15.10 36.87 -15.39
N LYS C 13 15.64 38.04 -15.70
CA LYS C 13 16.45 38.72 -14.70
C LYS C 13 15.55 39.39 -13.65
N PRO C 14 16.08 39.60 -12.44
CA PRO C 14 15.32 40.33 -11.42
C PRO C 14 14.86 41.68 -11.95
N GLY C 15 13.61 42.02 -11.65
CA GLY C 15 13.00 43.22 -12.19
C GLY C 15 12.39 43.05 -13.56
N GLY C 16 12.62 41.91 -14.21
CA GLY C 16 12.09 41.67 -15.54
C GLY C 16 10.65 41.23 -15.53
N SER C 17 10.15 40.93 -16.73
CA SER C 17 8.77 40.55 -16.94
C SER C 17 8.69 39.23 -17.70
N LEU C 18 7.61 38.51 -17.46
CA LEU C 18 7.37 37.24 -18.13
C LEU C 18 5.87 37.06 -18.22
N ARG C 19 5.40 36.48 -19.32
CA ARG C 19 3.98 36.19 -19.51
C ARG C 19 3.82 34.68 -19.64
N LEU C 20 3.07 34.09 -18.72
CA LEU C 20 2.73 32.68 -18.78
C LEU C 20 1.41 32.52 -19.51
N SER C 21 1.27 31.40 -20.23
CA SER C 21 0.03 31.03 -20.87
C SER C 21 -0.34 29.61 -20.47
N CYS C 22 -1.63 29.31 -20.57
CA CYS C 22 -2.18 28.01 -20.22
C CYS C 22 -3.27 27.68 -21.24
N ALA C 23 -3.02 26.68 -22.08
CA ALA C 23 -3.96 26.29 -23.12
C ALA C 23 -4.88 25.19 -22.58
N ALA C 24 -6.18 25.43 -22.69
CA ALA C 24 -7.18 24.50 -22.17
C ALA C 24 -7.84 23.73 -23.30
N SER C 25 -8.07 22.44 -23.08
CA SER C 25 -8.78 21.61 -24.02
C SER C 25 -9.55 20.55 -23.25
N GLY C 26 -10.57 20.00 -23.90
CA GLY C 26 -11.33 18.93 -23.28
C GLY C 26 -12.50 19.36 -22.43
N PHE C 27 -12.85 20.63 -22.43
CA PHE C 27 -14.03 21.10 -21.69
C PHE C 27 -14.42 22.46 -22.23
N THR C 28 -15.61 22.91 -21.84
CA THR C 28 -16.14 24.19 -22.30
C THR C 28 -15.45 25.26 -21.44
N PHE C 29 -14.37 25.82 -21.98
CA PHE C 29 -13.49 26.68 -21.20
C PHE C 29 -14.23 27.84 -20.58
N SER C 30 -15.09 28.52 -21.35
CA SER C 30 -15.72 29.72 -20.86
C SER C 30 -16.70 29.46 -19.72
N ASP C 31 -17.03 28.20 -19.45
CA ASP C 31 -17.92 27.87 -18.34
C ASP C 31 -17.16 27.57 -17.05
N TYR C 32 -15.83 27.72 -17.03
CA TYR C 32 -15.05 27.36 -15.88
C TYR C 32 -14.13 28.50 -15.46
N TYR C 33 -13.90 28.58 -14.16
CA TYR C 33 -12.98 29.52 -13.54
C TYR C 33 -11.65 28.83 -13.27
N MET C 34 -10.61 29.64 -13.06
CA MET C 34 -9.25 29.13 -13.07
C MET C 34 -8.41 29.85 -12.00
N SER C 35 -7.34 29.19 -11.58
CA SER C 35 -6.35 29.79 -10.70
C SER C 35 -4.95 29.41 -11.16
N TRP C 36 -3.98 30.25 -10.78
CA TRP C 36 -2.57 29.90 -10.85
C TRP C 36 -2.08 29.56 -9.44
N ILE C 37 -1.32 28.48 -9.32
CA ILE C 37 -0.71 28.04 -8.07
C ILE C 37 0.74 27.73 -8.37
N ARG C 38 1.63 28.13 -7.46
CA ARG C 38 3.05 27.92 -7.68
C ARG C 38 3.67 27.13 -6.53
N GLN C 39 4.87 26.62 -6.81
CA GLN C 39 5.58 25.76 -5.86
C GLN C 39 7.07 26.02 -6.06
N ALA C 40 7.69 26.67 -5.09
CA ALA C 40 9.12 26.88 -5.13
C ALA C 40 9.83 25.53 -4.92
N PRO C 41 11.04 25.37 -5.46
CA PRO C 41 11.72 24.07 -5.36
C PRO C 41 11.87 23.63 -3.92
N GLY C 42 11.43 22.41 -3.63
CA GLY C 42 11.56 21.87 -2.28
C GLY C 42 10.58 22.44 -1.27
N LYS C 43 9.63 23.25 -1.70
CA LYS C 43 8.67 23.90 -0.81
C LYS C 43 7.25 23.43 -1.14
N GLY C 44 6.28 24.01 -0.43
CA GLY C 44 4.88 23.65 -0.59
C GLY C 44 4.17 24.47 -1.65
N LEU C 45 2.86 24.28 -1.71
CA LEU C 45 2.03 24.98 -2.68
C LEU C 45 1.66 26.36 -2.16
N GLU C 46 1.63 27.34 -3.07
CA GLU C 46 1.25 28.71 -2.75
C GLU C 46 0.31 29.24 -3.83
N TRP C 47 -0.92 29.55 -3.45
CA TRP C 47 -1.87 30.12 -4.39
C TRP C 47 -1.41 31.50 -4.84
N VAL C 48 -1.60 31.79 -6.12
CA VAL C 48 -1.10 33.02 -6.73
C VAL C 48 -2.26 33.94 -7.12
N SER C 49 -3.20 33.45 -7.92
N SER C 49 -3.19 33.45 -7.93
CA SER C 49 -4.23 34.30 -8.49
CA SER C 49 -4.24 34.32 -8.44
C SER C 49 -5.44 33.45 -8.85
C SER C 49 -5.42 33.48 -8.91
N TYR C 50 -6.57 34.13 -9.05
CA TYR C 50 -7.81 33.49 -9.44
C TYR C 50 -8.55 34.38 -10.42
N ILE C 51 -9.25 33.77 -11.37
CA ILE C 51 -10.09 34.51 -12.30
C ILE C 51 -11.44 33.81 -12.45
N GLY C 52 -12.51 34.59 -12.45
CA GLY C 52 -13.84 34.06 -12.66
C GLY C 52 -14.28 34.09 -14.11
N SER C 53 -15.51 34.56 -14.36
CA SER C 53 -16.08 34.49 -15.70
C SER C 53 -15.34 35.39 -16.69
N SER C 54 -14.72 36.47 -16.23
CA SER C 54 -14.00 37.36 -17.13
C SER C 54 -12.90 38.09 -16.37
N ASN C 55 -12.12 38.88 -17.10
CA ASN C 55 -11.09 39.72 -16.50
C ASN C 55 -11.64 40.70 -15.49
N THR C 56 -12.96 40.90 -15.44
CA THR C 56 -13.54 41.80 -14.45
C THR C 56 -13.49 41.21 -13.06
N TYR C 57 -13.36 39.89 -12.93
CA TYR C 57 -13.47 39.20 -11.64
C TYR C 57 -12.18 38.45 -11.36
N THR C 58 -11.30 39.06 -10.55
CA THR C 58 -10.00 38.48 -10.25
C THR C 58 -9.66 38.70 -8.79
N SER C 59 -8.71 37.89 -8.29
CA SER C 59 -8.23 37.99 -6.91
C SER C 59 -6.78 37.54 -6.89
N TYR C 60 -6.01 38.10 -5.94
CA TYR C 60 -4.58 37.90 -5.94
C TYR C 60 -4.05 37.64 -4.53
N ALA C 61 -2.98 36.87 -4.46
CA ALA C 61 -2.22 36.75 -3.23
C ALA C 61 -1.51 38.07 -2.94
N ALA C 62 -1.36 38.38 -1.64
CA ALA C 62 -0.73 39.63 -1.26
C ALA C 62 0.68 39.75 -1.82
N SER C 63 1.42 38.65 -1.86
CA SER C 63 2.83 38.70 -2.26
C SER C 63 3.03 39.06 -3.73
N VAL C 64 1.98 39.00 -4.54
CA VAL C 64 2.08 39.29 -5.97
C VAL C 64 1.19 40.46 -6.37
N LYS C 65 0.39 40.99 -5.45
CA LYS C 65 -0.52 42.07 -5.80
C LYS C 65 0.21 43.25 -6.40
N GLY C 66 -0.32 43.78 -7.50
CA GLY C 66 0.28 44.89 -8.21
C GLY C 66 1.33 44.49 -9.21
N ARG C 67 1.92 43.31 -9.08
CA ARG C 67 2.96 42.84 -9.98
C ARG C 67 2.44 41.82 -10.99
N PHE C 68 1.55 40.92 -10.56
CA PHE C 68 1.01 39.89 -11.44
C PHE C 68 -0.43 40.23 -11.81
N THR C 69 -0.82 39.87 -13.03
CA THR C 69 -2.19 40.03 -13.49
C THR C 69 -2.64 38.76 -14.18
N ILE C 70 -3.77 38.20 -13.74
CA ILE C 70 -4.39 37.05 -14.37
C ILE C 70 -5.45 37.52 -15.34
N SER C 71 -5.55 36.85 -16.50
CA SER C 71 -6.55 37.20 -17.50
C SER C 71 -6.86 35.96 -18.32
N ARG C 72 -7.93 36.05 -19.12
CA ARG C 72 -8.36 34.94 -19.95
C ARG C 72 -8.84 35.46 -21.30
N ASP C 73 -8.73 34.61 -22.32
CA ASP C 73 -9.24 34.88 -23.66
C ASP C 73 -10.01 33.63 -24.11
N ASN C 74 -11.33 33.65 -23.96
CA ASN C 74 -12.12 32.46 -24.23
C ASN C 74 -12.03 32.06 -25.70
N ALA C 75 -11.89 33.03 -26.61
CA ALA C 75 -11.78 32.69 -28.01
C ALA C 75 -10.53 31.86 -28.30
N LYS C 76 -9.51 31.98 -27.45
CA LYS C 76 -8.28 31.21 -27.61
C LYS C 76 -8.19 30.07 -26.61
N ASN C 77 -9.22 29.87 -25.79
CA ASN C 77 -9.22 28.80 -24.80
C ASN C 77 -7.96 28.85 -23.94
N SER C 78 -7.58 30.07 -23.57
CA SER C 78 -6.30 30.29 -22.91
C SER C 78 -6.46 31.15 -21.66
N LEU C 79 -5.67 30.79 -20.65
CA LEU C 79 -5.48 31.55 -19.43
C LEU C 79 -4.08 32.15 -19.43
N TYR C 80 -3.92 33.31 -18.81
CA TYR C 80 -2.64 34.00 -18.83
C TYR C 80 -2.27 34.53 -17.45
N LEU C 81 -0.96 34.67 -17.25
CA LEU C 81 -0.41 35.33 -16.07
C LEU C 81 0.70 36.27 -16.52
N GLN C 82 0.44 37.58 -16.45
CA GLN C 82 1.44 38.60 -16.72
C GLN C 82 2.21 38.87 -15.43
N MET C 83 3.52 38.70 -15.46
CA MET C 83 4.37 38.79 -14.27
C MET C 83 5.34 39.94 -14.45
N ASN C 84 5.24 40.97 -13.63
CA ASN C 84 6.14 42.09 -13.66
C ASN C 84 6.94 42.19 -12.36
N SER C 85 8.02 42.95 -12.41
CA SER C 85 8.85 43.23 -11.24
C SER C 85 9.24 41.94 -10.52
N LEU C 86 9.69 40.96 -11.31
CA LEU C 86 9.96 39.64 -10.77
C LEU C 86 11.13 39.69 -9.79
N ARG C 87 11.05 38.82 -8.78
CA ARG C 87 12.02 38.70 -7.71
C ARG C 87 12.54 37.27 -7.67
N ALA C 88 13.76 37.10 -7.15
CA ALA C 88 14.31 35.75 -7.03
C ALA C 88 13.34 34.83 -6.31
N GLU C 89 12.62 35.34 -5.32
CA GLU C 89 11.68 34.52 -4.56
C GLU C 89 10.47 34.09 -5.37
N ASP C 90 10.28 34.66 -6.57
CA ASP C 90 9.22 34.21 -7.46
C ASP C 90 9.60 32.94 -8.23
N THR C 91 10.85 32.49 -8.09
CA THR C 91 11.28 31.26 -8.76
C THR C 91 10.42 30.10 -8.28
N ALA C 92 9.78 29.40 -9.23
CA ALA C 92 8.86 28.35 -8.87
C ALA C 92 8.31 27.71 -10.13
N VAL C 93 7.75 26.52 -9.96
CA VAL C 93 6.88 25.93 -10.97
C VAL C 93 5.49 26.57 -10.82
N TYR C 94 4.96 27.05 -11.93
CA TYR C 94 3.64 27.69 -11.96
C TYR C 94 2.66 26.76 -12.64
N TYR C 95 1.61 26.40 -11.92
CA TYR C 95 0.54 25.54 -12.42
C TYR C 95 -0.71 26.36 -12.68
N CYS C 96 -1.37 26.10 -13.80
CA CYS C 96 -2.76 26.53 -13.97
C CYS C 96 -3.67 25.38 -13.59
N ALA C 97 -4.79 25.70 -12.94
CA ALA C 97 -5.67 24.69 -12.41
C ALA C 97 -7.11 25.16 -12.54
N ARG C 98 -7.98 24.24 -12.92
CA ARG C 98 -9.39 24.55 -13.10
C ARG C 98 -10.09 24.52 -11.75
N GLU C 99 -11.05 25.42 -11.56
CA GLU C 99 -11.78 25.54 -10.31
C GLU C 99 -13.11 24.80 -10.38
N ILE C 100 -13.53 24.27 -9.24
CA ILE C 100 -14.88 23.75 -9.06
C ILE C 100 -15.79 24.89 -8.60
N GLU C 101 -16.92 25.06 -9.26
CA GLU C 101 -17.90 26.09 -8.90
C GLU C 101 -19.24 25.46 -8.59
N ARG C 102 -19.86 25.88 -7.49
CA ARG C 102 -21.25 25.53 -7.20
C ARG C 102 -21.86 26.60 -6.30
N SER C 103 -23.07 27.04 -6.64
CA SER C 103 -23.81 28.00 -5.83
C SER C 103 -23.05 29.32 -5.70
N GLY C 104 -22.39 29.73 -6.77
CA GLY C 104 -21.69 31.00 -6.76
C GLY C 104 -20.41 31.01 -5.96
N TRP C 105 -19.91 29.85 -5.57
CA TRP C 105 -18.69 29.73 -4.78
C TRP C 105 -17.74 28.75 -5.45
N VAL C 106 -16.44 29.09 -5.47
CA VAL C 106 -15.42 28.19 -5.98
C VAL C 106 -14.90 27.36 -4.80
N ARG C 107 -14.55 26.10 -5.07
CA ARG C 107 -14.45 25.12 -4.01
C ARG C 107 -13.26 24.18 -4.10
N GLY C 108 -12.36 24.37 -5.06
CA GLY C 108 -11.21 23.50 -5.20
C GLY C 108 -10.81 23.39 -6.65
N ASN C 109 -9.62 22.84 -6.86
CA ASN C 109 -9.01 22.75 -8.18
C ASN C 109 -9.01 21.29 -8.61
N ASP C 110 -9.88 20.95 -9.57
CA ASP C 110 -10.07 19.56 -9.93
C ASP C 110 -9.15 19.07 -11.05
N TYR C 111 -8.57 19.98 -11.82
CA TYR C 111 -7.63 19.59 -12.87
C TYR C 111 -6.48 20.57 -12.90
N TRP C 112 -5.27 20.03 -13.03
CA TRP C 112 -4.04 20.80 -12.98
C TRP C 112 -3.22 20.55 -14.24
N GLY C 113 -2.51 21.59 -14.68
CA GLY C 113 -1.48 21.38 -15.66
C GLY C 113 -0.29 20.74 -15.02
N ARG C 114 0.70 20.41 -15.84
CA ARG C 114 1.93 19.84 -15.31
C ARG C 114 2.92 20.91 -14.90
N GLY C 115 2.65 22.18 -15.22
CA GLY C 115 3.44 23.29 -14.72
C GLY C 115 4.51 23.77 -15.70
N THR C 116 4.95 25.01 -15.47
CA THR C 116 6.07 25.59 -16.20
C THR C 116 6.99 26.29 -15.22
N LEU C 117 8.29 26.08 -15.38
CA LEU C 117 9.28 26.56 -14.43
C LEU C 117 9.71 27.99 -14.76
N VAL C 118 9.62 28.87 -13.76
CA VAL C 118 10.08 30.24 -13.87
C VAL C 118 11.30 30.41 -12.96
N THR C 119 12.41 30.83 -13.54
CA THR C 119 13.63 31.10 -12.78
C THR C 119 13.93 32.58 -12.88
N VAL C 120 14.08 33.24 -11.74
CA VAL C 120 14.41 34.65 -11.68
C VAL C 120 15.81 34.77 -11.09
N SER C 121 16.76 35.21 -11.91
CA SER C 121 18.15 35.23 -11.48
C SER C 121 18.96 36.06 -12.46
N SER C 122 20.06 36.63 -11.97
CA SER C 122 20.99 37.34 -12.82
C SER C 122 21.98 36.41 -13.49
N ALA C 123 21.99 35.13 -13.13
CA ALA C 123 22.87 34.18 -13.76
C ALA C 123 22.45 33.97 -15.21
N SER C 124 23.41 33.64 -16.05
CA SER C 124 23.19 33.39 -17.46
C SER C 124 23.08 31.90 -17.75
N THR C 125 22.26 31.57 -18.74
CA THR C 125 22.12 30.18 -19.16
C THR C 125 23.48 29.59 -19.47
N LYS C 126 23.70 28.36 -19.00
CA LYS C 126 24.99 27.69 -19.15
C LYS C 126 24.76 26.19 -19.12
N GLY C 127 25.30 25.48 -20.11
CA GLY C 127 25.26 24.04 -20.12
C GLY C 127 26.21 23.47 -19.09
N PRO C 128 26.01 22.20 -18.72
CA PRO C 128 26.82 21.61 -17.65
C PRO C 128 28.19 21.15 -18.12
N SER C 129 29.13 21.17 -17.17
CA SER C 129 30.34 20.38 -17.26
C SER C 129 30.09 19.08 -16.51
N VAL C 130 30.40 17.95 -17.14
CA VAL C 130 30.12 16.63 -16.59
C VAL C 130 31.44 15.95 -16.32
N PHE C 131 31.71 15.64 -15.05
CA PHE C 131 32.95 14.99 -14.68
C PHE C 131 32.68 13.57 -14.21
N PRO C 132 33.62 12.65 -14.42
CA PRO C 132 33.40 11.26 -13.98
C PRO C 132 33.57 11.13 -12.48
N LEU C 133 32.74 10.29 -11.88
CA LEU C 133 32.93 9.80 -10.51
C LEU C 133 33.42 8.36 -10.70
N ALA C 134 34.70 8.21 -10.85
CA ALA C 134 35.19 6.95 -11.38
C ALA C 134 35.22 5.89 -10.28
N PRO C 135 34.87 4.66 -10.60
CA PRO C 135 35.00 3.60 -9.61
C PRO C 135 36.45 3.17 -9.50
N SER C 136 36.83 2.79 -8.28
CA SER C 136 38.17 2.25 -8.07
C SER C 136 38.17 0.81 -8.58
N SER C 137 39.22 0.45 -9.33
CA SER C 137 39.36 -0.96 -9.71
C SER C 137 39.44 -1.82 -8.44
N LYS C 138 40.14 -1.34 -7.41
CA LYS C 138 40.11 -1.96 -6.08
C LYS C 138 38.76 -1.76 -5.45
N SER C 139 38.13 -2.83 -5.02
CA SER C 139 36.85 -2.79 -4.36
C SER C 139 37.09 -2.84 -2.85
N THR C 140 36.56 -1.85 -2.13
CA THR C 140 36.69 -1.77 -0.68
C THR C 140 35.31 -1.78 -0.04
N SER C 141 34.34 -2.38 -0.72
CA SER C 141 32.95 -2.38 -0.27
C SER C 141 32.29 -3.73 -0.58
N GLY C 142 32.96 -4.81 -0.19
CA GLY C 142 32.36 -6.13 -0.29
C GLY C 142 31.93 -6.55 -1.68
N GLY C 143 32.74 -6.27 -2.70
CA GLY C 143 32.45 -6.71 -4.05
C GLY C 143 31.52 -5.83 -4.86
N THR C 144 31.15 -4.65 -4.35
CA THR C 144 30.28 -3.73 -5.07
C THR C 144 31.08 -2.47 -5.40
N ALA C 145 30.81 -1.89 -6.57
CA ALA C 145 31.47 -0.67 -6.99
C ALA C 145 30.43 0.42 -7.18
N ALA C 146 30.79 1.64 -6.79
CA ALA C 146 29.98 2.82 -7.02
C ALA C 146 30.67 3.67 -8.08
N LEU C 147 29.88 4.21 -8.99
CA LEU C 147 30.39 5.14 -10.00
C LEU C 147 29.29 6.14 -10.28
N GLY C 148 29.64 7.20 -10.98
CA GLY C 148 28.64 8.22 -11.28
C GLY C 148 29.20 9.32 -12.14
N CYS C 149 28.40 10.40 -12.22
CA CYS C 149 28.75 11.61 -12.95
C CYS C 149 28.41 12.81 -12.09
N LEU C 150 29.34 13.75 -12.01
CA LEU C 150 29.12 15.03 -11.35
C LEU C 150 28.74 16.05 -12.42
N VAL C 151 27.52 16.56 -12.33
CA VAL C 151 26.97 17.49 -13.31
C VAL C 151 27.08 18.88 -12.71
N LYS C 152 28.11 19.63 -13.10
CA LYS C 152 28.47 20.84 -12.38
C LYS C 152 28.28 22.10 -13.21
N ASP C 153 27.78 23.15 -12.53
CA ASP C 153 27.81 24.52 -13.03
C ASP C 153 26.92 24.71 -14.26
N TYR C 154 25.67 24.26 -14.17
CA TYR C 154 24.70 24.53 -15.21
C TYR C 154 23.62 25.48 -14.71
N PHE C 155 22.88 26.05 -15.65
CA PHE C 155 21.85 27.01 -15.29
C PHE C 155 20.97 27.33 -16.50
N PRO C 156 19.65 27.44 -16.33
CA PRO C 156 18.88 27.14 -15.11
C PRO C 156 18.54 25.65 -15.01
N GLU C 157 17.71 25.29 -14.03
CA GLU C 157 17.10 23.97 -14.02
C GLU C 157 16.20 23.83 -15.23
N PRO C 158 15.87 22.59 -15.63
CA PRO C 158 16.28 21.32 -15.05
C PRO C 158 17.28 20.56 -15.91
N VAL C 159 17.90 19.52 -15.37
CA VAL C 159 18.60 18.53 -16.16
C VAL C 159 17.95 17.17 -15.89
N THR C 160 18.06 16.27 -16.86
CA THR C 160 17.72 14.87 -16.67
C THR C 160 18.97 14.04 -16.92
N VAL C 161 19.06 12.89 -16.26
CA VAL C 161 20.19 11.99 -16.37
C VAL C 161 19.68 10.57 -16.61
N SER C 162 20.28 9.89 -17.59
CA SER C 162 20.06 8.48 -17.81
C SER C 162 21.42 7.79 -17.85
N TRP C 163 21.41 6.47 -17.81
CA TRP C 163 22.62 5.66 -17.89
C TRP C 163 22.49 4.68 -19.04
N ASN C 164 23.53 4.60 -19.88
CA ASN C 164 23.54 3.71 -21.03
C ASN C 164 22.24 3.83 -21.82
N SER C 165 21.84 5.08 -22.06
CA SER C 165 20.67 5.41 -22.88
C SER C 165 19.41 4.74 -22.37
N GLY C 166 19.29 4.57 -21.06
CA GLY C 166 18.13 3.96 -20.47
C GLY C 166 18.23 2.47 -20.23
N ALA C 167 19.30 1.82 -20.69
CA ALA C 167 19.44 0.39 -20.46
C ALA C 167 19.81 0.06 -19.01
N LEU C 168 20.39 1.00 -18.28
CA LEU C 168 20.78 0.81 -16.88
C LEU C 168 19.91 1.69 -16.01
N THR C 169 19.06 1.06 -15.20
CA THR C 169 18.19 1.80 -14.29
C THR C 169 18.32 1.31 -12.86
N SER C 170 18.55 0.02 -12.68
CA SER C 170 18.64 -0.56 -11.34
C SER C 170 19.84 -0.01 -10.59
N GLY C 171 19.60 0.46 -9.38
CA GLY C 171 20.66 0.96 -8.53
C GLY C 171 21.08 2.39 -8.83
N VAL C 172 20.39 3.07 -9.73
CA VAL C 172 20.72 4.45 -10.08
C VAL C 172 20.10 5.38 -9.05
N HIS C 173 20.88 6.35 -8.58
CA HIS C 173 20.38 7.45 -7.76
C HIS C 173 20.83 8.75 -8.38
N THR C 174 19.88 9.53 -8.91
CA THR C 174 20.15 10.86 -9.42
C THR C 174 19.63 11.87 -8.41
N PHE C 175 20.52 12.64 -7.83
CA PHE C 175 20.19 13.49 -6.70
C PHE C 175 19.56 14.81 -7.14
N PRO C 176 18.69 15.38 -6.30
CA PRO C 176 18.23 16.74 -6.55
C PRO C 176 19.39 17.71 -6.64
N ALA C 177 19.24 18.69 -7.52
CA ALA C 177 20.30 19.68 -7.69
C ALA C 177 20.39 20.55 -6.45
N VAL C 178 21.58 21.11 -6.23
CA VAL C 178 21.78 22.15 -5.22
C VAL C 178 22.15 23.44 -5.94
N LEU C 179 21.76 24.56 -5.33
CA LEU C 179 22.13 25.88 -5.82
C LEU C 179 23.41 26.33 -5.13
N GLN C 180 24.48 26.48 -5.90
CA GLN C 180 25.78 26.84 -5.33
C GLN C 180 25.84 28.34 -5.06
N SER C 181 26.81 28.73 -4.24
CA SER C 181 26.99 30.15 -3.92
C SER C 181 27.24 30.97 -5.19
N SER C 182 27.73 30.34 -6.25
CA SER C 182 27.92 30.99 -7.53
C SER C 182 26.60 31.33 -8.22
N GLY C 183 25.48 30.79 -7.75
CA GLY C 183 24.23 30.93 -8.45
C GLY C 183 23.98 29.90 -9.53
N LEU C 184 24.91 28.99 -9.75
CA LEU C 184 24.74 27.89 -10.68
C LEU C 184 24.37 26.62 -9.94
N TYR C 185 23.70 25.71 -10.64
CA TYR C 185 23.27 24.46 -10.06
C TYR C 185 24.32 23.36 -10.29
N SER C 186 24.28 22.36 -9.42
CA SER C 186 25.10 21.18 -9.54
C SER C 186 24.33 19.99 -9.00
N LEU C 187 24.50 18.83 -9.64
CA LEU C 187 23.96 17.59 -9.11
C LEU C 187 24.89 16.44 -9.49
N SER C 188 24.71 15.32 -8.81
N SER C 188 24.70 15.31 -8.83
CA SER C 188 25.43 14.09 -9.12
CA SER C 188 25.44 14.09 -9.13
C SER C 188 24.43 12.97 -9.39
C SER C 188 24.44 12.97 -9.37
N SER C 189 24.83 12.04 -10.24
CA SER C 189 24.07 10.82 -10.50
C SER C 189 25.03 9.65 -10.31
N VAL C 190 24.60 8.66 -9.53
CA VAL C 190 25.46 7.54 -9.19
C VAL C 190 24.70 6.24 -9.46
N VAL C 191 25.47 5.15 -9.51
CA VAL C 191 24.91 3.83 -9.70
C VAL C 191 25.90 2.84 -9.10
N THR C 192 25.38 1.82 -8.42
CA THR C 192 26.19 0.75 -7.88
C THR C 192 26.06 -0.47 -8.77
N VAL C 193 27.19 -1.13 -9.03
CA VAL C 193 27.25 -2.25 -9.97
C VAL C 193 28.21 -3.28 -9.43
N PRO C 194 28.13 -4.51 -9.93
CA PRO C 194 29.12 -5.52 -9.53
C PRO C 194 30.53 -5.10 -9.93
N SER C 195 31.46 -5.20 -8.98
N SER C 195 31.45 -5.21 -8.98
CA SER C 195 32.84 -4.86 -9.26
CA SER C 195 32.84 -4.86 -9.26
C SER C 195 33.41 -5.68 -10.41
C SER C 195 33.40 -5.66 -10.43
N SER C 196 32.84 -6.85 -10.68
CA SER C 196 33.30 -7.70 -11.76
C SER C 196 32.85 -7.20 -13.13
N SER C 197 31.88 -6.30 -13.19
CA SER C 197 31.42 -5.78 -14.46
C SER C 197 32.33 -4.67 -14.98
N LEU C 198 33.16 -4.09 -14.12
CA LEU C 198 34.06 -3.03 -14.54
C LEU C 198 35.07 -3.59 -15.53
N GLY C 199 35.39 -2.80 -16.56
CA GLY C 199 36.28 -3.28 -17.60
C GLY C 199 35.64 -4.21 -18.60
N THR C 200 34.49 -4.80 -18.28
CA THR C 200 33.71 -5.57 -19.24
C THR C 200 32.51 -4.76 -19.74
N GLN C 201 31.85 -4.05 -18.83
CA GLN C 201 30.65 -3.28 -19.13
C GLN C 201 31.00 -1.81 -19.26
N THR C 202 30.58 -1.19 -20.36
CA THR C 202 30.76 0.25 -20.53
C THR C 202 29.63 0.99 -19.83
N TYR C 203 30.00 2.06 -19.09
CA TYR C 203 29.04 2.88 -18.36
C TYR C 203 29.13 4.32 -18.85
N ILE C 204 28.01 4.84 -19.35
CA ILE C 204 27.93 6.19 -19.90
C ILE C 204 26.73 6.88 -19.29
N CYS C 205 26.94 8.07 -18.74
CA CYS C 205 25.84 8.88 -18.25
C CYS C 205 25.42 9.87 -19.32
N ASN C 206 24.11 10.01 -19.50
CA ASN C 206 23.54 10.87 -20.54
C ASN C 206 22.84 12.02 -19.81
N VAL C 207 23.40 13.22 -19.96
CA VAL C 207 22.93 14.40 -19.24
C VAL C 207 22.32 15.35 -20.25
N ASN C 208 21.03 15.59 -20.14
CA ASN C 208 20.30 16.46 -21.05
C ASN C 208 19.91 17.74 -20.33
N HIS C 209 20.26 18.88 -20.93
CA HIS C 209 19.98 20.21 -20.39
C HIS C 209 19.24 21.02 -21.45
N LYS C 210 17.92 20.84 -21.50
CA LYS C 210 17.12 21.51 -22.53
C LYS C 210 17.28 23.03 -22.49
N PRO C 211 17.37 23.67 -21.32
CA PRO C 211 17.49 25.15 -21.32
C PRO C 211 18.66 25.68 -22.13
N SER C 212 19.74 24.92 -22.28
CA SER C 212 20.86 25.32 -23.12
C SER C 212 20.93 24.50 -24.40
N ASN C 213 19.93 23.66 -24.65
CA ASN C 213 19.91 22.78 -25.82
C ASN C 213 21.22 22.00 -25.93
N THR C 214 21.68 21.49 -24.79
CA THR C 214 22.94 20.77 -24.71
C THR C 214 22.69 19.41 -24.08
N LYS C 215 23.28 18.37 -24.68
CA LYS C 215 23.31 17.03 -24.11
C LYS C 215 24.77 16.62 -23.99
N VAL C 216 25.16 16.08 -22.83
CA VAL C 216 26.52 15.62 -22.60
C VAL C 216 26.46 14.14 -22.25
N ASP C 217 27.25 13.34 -22.96
CA ASP C 217 27.46 11.94 -22.63
C ASP C 217 28.89 11.79 -22.12
N LYS C 218 29.05 11.10 -20.99
CA LYS C 218 30.35 10.93 -20.38
C LYS C 218 30.58 9.45 -20.13
N LYS C 219 31.61 8.89 -20.76
CA LYS C 219 32.04 7.54 -20.44
C LYS C 219 32.81 7.57 -19.13
N VAL C 220 32.38 6.77 -18.16
CA VAL C 220 32.99 6.71 -16.84
C VAL C 220 33.86 5.47 -16.77
N GLU C 221 35.20 5.67 -16.79
CA GLU C 221 36.14 4.56 -16.82
C GLU C 221 36.71 4.25 -15.44
N PRO C 222 37.02 2.98 -15.16
CA PRO C 222 37.59 2.64 -13.85
C PRO C 222 38.96 3.28 -13.65
N LYS C 223 39.29 3.53 -12.39
CA LYS C 223 40.62 4.02 -12.05
C LYS C 223 41.56 2.87 -11.70
N GLU D 1 -5.10 36.69 7.30
CA GLU D 1 -5.34 35.53 6.39
C GLU D 1 -5.68 34.30 7.21
N ILE D 2 -6.41 33.36 6.60
CA ILE D 2 -6.71 32.10 7.28
C ILE D 2 -5.48 31.21 7.18
N VAL D 3 -4.91 30.87 8.33
CA VAL D 3 -3.70 30.05 8.39
C VAL D 3 -4.09 28.59 8.58
N LEU D 4 -3.49 27.71 7.78
CA LEU D 4 -3.72 26.28 7.87
C LEU D 4 -2.45 25.59 8.37
N THR D 5 -2.60 24.72 9.36
CA THR D 5 -1.49 23.99 9.96
C THR D 5 -1.70 22.49 9.79
N GLN D 6 -0.68 21.80 9.26
CA GLN D 6 -0.70 20.36 9.14
C GLN D 6 0.39 19.79 10.05
N SER D 7 -0.02 19.09 11.10
CA SER D 7 0.90 18.53 12.08
C SER D 7 0.33 17.16 12.47
N PRO D 8 1.15 16.10 12.47
CA PRO D 8 2.58 16.15 12.17
C PRO D 8 2.89 16.37 10.69
N ALA D 9 4.09 16.87 10.44
CA ALA D 9 4.55 17.09 9.07
C ALA D 9 4.97 15.81 8.37
N THR D 10 5.28 14.76 9.13
CA THR D 10 5.68 13.48 8.56
C THR D 10 4.99 12.35 9.31
N LEU D 11 4.45 11.39 8.56
CA LEU D 11 3.92 10.15 9.10
C LEU D 11 4.74 9.00 8.53
N SER D 12 5.18 8.09 9.40
N SER D 12 5.17 8.08 9.39
CA SER D 12 5.93 6.90 9.00
CA SER D 12 5.92 6.91 8.98
C SER D 12 5.05 5.68 9.29
C SER D 12 5.07 5.68 9.28
N LEU D 13 4.49 5.09 8.24
CA LEU D 13 3.56 3.98 8.38
C LEU D 13 3.91 2.86 7.42
N SER D 14 3.34 1.69 7.66
CA SER D 14 3.57 0.54 6.81
C SER D 14 2.43 0.38 5.82
N PRO D 15 2.67 -0.20 4.65
CA PRO D 15 1.56 -0.49 3.73
C PRO D 15 0.50 -1.35 4.41
N GLY D 16 -0.76 -1.04 4.11
CA GLY D 16 -1.88 -1.70 4.74
C GLY D 16 -2.38 -1.04 6.01
N GLU D 17 -1.60 -0.14 6.60
CA GLU D 17 -2.03 0.51 7.83
C GLU D 17 -2.97 1.69 7.55
N ARG D 18 -3.56 2.21 8.62
N ARG D 18 -3.59 2.18 8.62
CA ARG D 18 -4.51 3.31 8.55
CA ARG D 18 -4.50 3.31 8.53
C ARG D 18 -3.78 4.63 8.79
C ARG D 18 -3.73 4.60 8.75
N ALA D 19 -4.02 5.60 7.91
CA ALA D 19 -3.38 6.91 7.99
C ALA D 19 -4.43 7.97 8.32
N THR D 20 -4.10 8.81 9.30
CA THR D 20 -4.96 9.91 9.72
C THR D 20 -4.15 11.20 9.62
N LEU D 21 -4.51 12.07 8.67
CA LEU D 21 -3.82 13.33 8.46
C LEU D 21 -4.71 14.48 8.92
N SER D 22 -4.11 15.45 9.60
CA SER D 22 -4.85 16.54 10.20
C SER D 22 -4.54 17.87 9.52
N CYS D 23 -5.59 18.68 9.38
CA CYS D 23 -5.49 20.06 8.93
C CYS D 23 -6.32 20.91 9.86
N ARG D 24 -5.70 21.92 10.48
CA ARG D 24 -6.36 22.80 11.43
C ARG D 24 -6.30 24.24 10.93
N ALA D 25 -7.43 24.93 11.03
CA ALA D 25 -7.57 26.28 10.52
C ALA D 25 -7.62 27.29 11.66
N SER D 26 -7.01 28.45 11.44
CA SER D 26 -7.04 29.52 12.43
C SER D 26 -8.39 30.21 12.49
N GLN D 27 -9.28 29.92 11.55
CA GLN D 27 -10.60 30.53 11.56
C GLN D 27 -11.62 29.50 11.10
N ASN D 28 -12.88 29.80 11.37
CA ASN D 28 -13.99 28.96 10.96
C ASN D 28 -14.08 28.95 9.44
N VAL D 29 -13.84 27.77 8.84
CA VAL D 29 -13.96 27.60 7.39
C VAL D 29 -15.13 26.72 7.03
N SER D 30 -15.96 26.33 7.99
CA SER D 30 -17.17 25.55 7.74
C SER D 30 -16.73 24.27 7.03
N THR D 31 -17.30 23.93 5.88
CA THR D 31 -16.91 22.76 5.12
C THR D 31 -16.09 23.11 3.88
N TYR D 32 -15.61 24.36 3.77
CA TYR D 32 -14.90 24.80 2.58
C TYR D 32 -13.42 24.47 2.72
N LEU D 33 -13.11 23.18 2.57
CA LEU D 33 -11.75 22.66 2.73
C LEU D 33 -11.52 21.60 1.67
N ALA D 34 -10.40 21.72 0.97
CA ALA D 34 -10.02 20.77 -0.07
C ALA D 34 -8.72 20.07 0.33
N TRP D 35 -8.56 18.85 -0.15
CA TRP D 35 -7.36 18.06 0.07
C TRP D 35 -6.74 17.68 -1.27
N TYR D 36 -5.41 17.72 -1.32
CA TYR D 36 -4.68 17.35 -2.52
C TYR D 36 -3.58 16.35 -2.18
N GLN D 37 -3.23 15.53 -3.16
CA GLN D 37 -2.10 14.63 -3.10
C GLN D 37 -1.08 15.07 -4.14
N GLN D 38 0.20 14.96 -3.79
CA GLN D 38 1.26 15.25 -4.74
C GLN D 38 2.40 14.25 -4.57
N LYS D 39 2.82 13.66 -5.66
CA LYS D 39 3.95 12.76 -5.69
C LYS D 39 5.13 13.47 -6.35
N PRO D 40 6.36 13.02 -6.08
CA PRO D 40 7.53 13.72 -6.64
C PRO D 40 7.46 13.78 -8.15
N GLY D 41 7.73 14.96 -8.69
CA GLY D 41 7.74 15.13 -10.13
C GLY D 41 6.39 15.25 -10.78
N GLN D 42 5.32 15.36 -10.00
CA GLN D 42 3.97 15.42 -10.55
C GLN D 42 3.23 16.61 -9.99
N ALA D 43 2.23 17.07 -10.75
CA ALA D 43 1.35 18.12 -10.29
C ALA D 43 0.41 17.57 -9.21
N PRO D 44 -0.11 18.45 -8.36
CA PRO D 44 -1.10 18.00 -7.36
C PRO D 44 -2.32 17.38 -8.02
N ARG D 45 -3.02 16.58 -7.22
N ARG D 45 -3.02 16.56 -7.24
CA ARG D 45 -4.26 15.91 -7.63
CA ARG D 45 -4.27 15.95 -7.66
C ARG D 45 -5.30 16.12 -6.54
C ARG D 45 -5.30 16.11 -6.56
N LEU D 46 -6.48 16.62 -6.93
CA LEU D 46 -7.54 16.82 -5.97
C LEU D 46 -8.06 15.48 -5.44
N LEU D 47 -8.19 15.39 -4.11
CA LEU D 47 -8.76 14.23 -3.45
C LEU D 47 -10.15 14.51 -2.90
N MET D 48 -10.29 15.60 -2.14
CA MET D 48 -11.55 15.99 -1.52
C MET D 48 -11.83 17.46 -1.79
N TYR D 49 -13.11 17.81 -1.83
CA TYR D 49 -13.55 19.19 -1.76
C TYR D 49 -14.81 19.24 -0.91
N ASP D 50 -15.17 20.45 -0.47
CA ASP D 50 -16.25 20.61 0.50
C ASP D 50 -16.06 19.67 1.68
N ALA D 51 -14.80 19.49 2.07
CA ALA D 51 -14.40 18.72 3.25
C ALA D 51 -14.52 17.20 3.09
N SER D 52 -15.58 16.72 2.43
CA SER D 52 -15.86 15.29 2.41
C SER D 52 -16.30 14.73 1.07
N LYS D 53 -16.36 15.54 0.02
CA LYS D 53 -16.80 15.07 -1.30
C LYS D 53 -15.59 14.59 -2.09
N ARG D 54 -15.58 13.29 -2.41
CA ARG D 54 -14.50 12.70 -3.18
C ARG D 54 -14.46 13.25 -4.59
N ALA D 55 -13.25 13.49 -5.09
CA ALA D 55 -13.11 13.97 -6.45
C ALA D 55 -13.35 12.83 -7.43
N THR D 56 -13.55 13.21 -8.69
CA THR D 56 -13.88 12.22 -9.72
C THR D 56 -12.79 11.16 -9.78
N GLY D 57 -13.18 9.90 -9.68
CA GLY D 57 -12.24 8.80 -9.83
C GLY D 57 -11.32 8.55 -8.65
N ILE D 58 -11.60 9.13 -7.49
CA ILE D 58 -10.75 8.93 -6.31
C ILE D 58 -11.16 7.63 -5.62
N PRO D 59 -10.22 6.74 -5.30
CA PRO D 59 -10.60 5.48 -4.64
C PRO D 59 -11.37 5.74 -3.35
N ALA D 60 -12.23 4.77 -3.02
CA ALA D 60 -13.10 4.90 -1.85
C ALA D 60 -12.34 4.81 -0.53
N ARG D 61 -11.12 4.29 -0.54
CA ARG D 61 -10.34 4.23 0.70
C ARG D 61 -10.01 5.62 1.24
N PHE D 62 -10.20 6.67 0.44
CA PHE D 62 -10.02 8.04 0.89
C PHE D 62 -11.35 8.60 1.40
N SER D 63 -11.36 9.11 2.62
CA SER D 63 -12.53 9.75 3.18
C SER D 63 -12.09 11.00 3.94
N GLY D 64 -12.80 12.09 3.73
CA GLY D 64 -12.53 13.35 4.39
C GLY D 64 -13.62 13.65 5.42
N SER D 65 -13.22 14.30 6.51
CA SER D 65 -14.17 14.60 7.57
C SER D 65 -13.83 15.92 8.21
N GLY D 66 -14.79 16.46 8.93
CA GLY D 66 -14.62 17.66 9.72
C GLY D 66 -15.40 18.83 9.18
N SER D 67 -15.50 19.86 10.01
CA SER D 67 -16.15 21.11 9.69
C SER D 67 -15.81 22.11 10.79
N GLY D 68 -15.72 23.37 10.40
CA GLY D 68 -15.33 24.41 11.32
C GLY D 68 -13.84 24.66 11.29
N THR D 69 -13.07 24.06 12.20
CA THR D 69 -11.64 24.34 12.26
C THR D 69 -10.74 23.11 12.28
N GLU D 70 -11.27 21.90 12.45
CA GLU D 70 -10.46 20.69 12.51
C GLU D 70 -10.97 19.72 11.47
N PHE D 71 -10.06 19.24 10.62
CA PHE D 71 -10.40 18.38 9.50
C PHE D 71 -9.45 17.20 9.49
N THR D 72 -9.89 16.13 8.84
CA THR D 72 -9.11 14.91 8.76
C THR D 72 -9.28 14.28 7.39
N LEU D 73 -8.17 13.82 6.84
CA LEU D 73 -8.15 12.93 5.69
C LEU D 73 -7.72 11.56 6.21
N THR D 74 -8.56 10.55 5.98
CA THR D 74 -8.32 9.21 6.48
C THR D 74 -8.12 8.29 5.29
N ILE D 75 -7.02 7.55 5.30
CA ILE D 75 -6.76 6.51 4.32
C ILE D 75 -6.92 5.18 5.06
N SER D 76 -7.96 4.43 4.72
CA SER D 76 -8.30 3.24 5.49
C SER D 76 -7.18 2.22 5.45
N SER D 77 -6.61 1.99 4.26
CA SER D 77 -5.53 1.04 4.08
C SER D 77 -4.55 1.61 3.07
N LEU D 78 -3.33 1.89 3.51
CA LEU D 78 -2.36 2.52 2.64
C LEU D 78 -1.96 1.55 1.54
N GLU D 79 -2.05 2.01 0.31
CA GLU D 79 -1.48 1.31 -0.83
C GLU D 79 -0.11 1.88 -1.13
N PRO D 80 0.74 1.15 -1.84
CA PRO D 80 2.06 1.71 -2.21
C PRO D 80 1.94 3.08 -2.86
N GLU D 81 0.91 3.30 -3.68
CA GLU D 81 0.77 4.59 -4.35
C GLU D 81 0.33 5.71 -3.42
N ASP D 82 -0.07 5.40 -2.19
CA ASP D 82 -0.57 6.43 -1.28
C ASP D 82 0.55 7.12 -0.51
N PHE D 83 1.78 6.64 -0.61
CA PHE D 83 2.89 7.29 0.08
C PHE D 83 3.30 8.49 -0.76
N ALA D 84 3.02 9.68 -0.24
CA ALA D 84 3.08 10.92 -1.00
C ALA D 84 2.90 12.08 -0.02
N VAL D 85 2.85 13.28 -0.55
CA VAL D 85 2.61 14.48 0.26
C VAL D 85 1.16 14.89 0.08
N TYR D 86 0.54 15.35 1.17
CA TYR D 86 -0.85 15.75 1.21
C TYR D 86 -0.96 17.18 1.72
N TYR D 87 -1.71 18.01 0.99
CA TYR D 87 -1.94 19.40 1.34
C TYR D 87 -3.42 19.66 1.52
N CYS D 88 -3.76 20.50 2.49
CA CYS D 88 -5.10 21.06 2.56
C CYS D 88 -5.11 22.52 2.09
N GLN D 89 -6.30 22.96 1.68
CA GLN D 89 -6.50 24.32 1.16
C GLN D 89 -7.87 24.79 1.61
N GLN D 90 -7.93 25.96 2.24
CA GLN D 90 -9.21 26.52 2.67
C GLN D 90 -9.82 27.31 1.52
N ARG D 91 -11.12 27.14 1.34
CA ARG D 91 -11.87 27.83 0.30
C ARG D 91 -12.96 28.71 0.91
N ARG D 92 -12.73 29.16 2.15
CA ARG D 92 -13.73 29.97 2.84
C ARG D 92 -13.64 31.43 2.42
N ASN D 93 -12.43 31.96 2.25
CA ASN D 93 -12.30 33.37 1.91
C ASN D 93 -11.04 33.61 1.12
N TRP D 94 -11.06 34.69 0.32
CA TRP D 94 -9.86 35.21 -0.32
C TRP D 94 -9.03 35.96 0.72
N PRO D 95 -7.68 35.86 0.67
CA PRO D 95 -6.88 35.07 -0.27
C PRO D 95 -6.84 33.59 0.10
N LEU D 96 -6.79 32.71 -0.89
CA LEU D 96 -6.69 31.28 -0.63
C LEU D 96 -5.36 30.99 0.07
N THR D 97 -5.37 29.95 0.91
CA THR D 97 -4.16 29.55 1.63
C THR D 97 -4.07 28.03 1.70
N PHE D 98 -2.85 27.54 1.79
CA PHE D 98 -2.56 26.11 1.92
C PHE D 98 -1.93 25.81 3.27
N GLY D 99 -2.16 24.60 3.75
CA GLY D 99 -1.31 24.05 4.79
C GLY D 99 0.08 23.71 4.26
N GLY D 100 0.99 23.45 5.19
CA GLY D 100 2.36 23.18 4.83
C GLY D 100 2.66 21.80 4.30
N GLY D 101 1.70 20.90 4.37
CA GLY D 101 1.82 19.55 3.83
C GLY D 101 2.21 18.53 4.87
N THR D 102 1.77 17.28 4.65
CA THR D 102 2.17 16.15 5.46
C THR D 102 2.71 15.06 4.53
N LYS D 103 3.93 14.61 4.79
CA LYS D 103 4.55 13.57 3.99
C LYS D 103 4.32 12.23 4.69
N VAL D 104 3.74 11.28 3.97
CA VAL D 104 3.52 9.92 4.45
C VAL D 104 4.62 9.05 3.84
N GLU D 105 5.55 8.59 4.67
CA GLU D 105 6.66 7.76 4.22
C GLU D 105 6.45 6.32 4.69
N ILE D 106 7.23 5.42 4.10
CA ILE D 106 7.17 4.00 4.40
C ILE D 106 8.06 3.72 5.61
N LYS D 107 7.49 3.11 6.64
CA LYS D 107 8.27 2.61 7.75
C LYS D 107 9.02 1.35 7.37
N ARG D 108 10.30 1.29 7.72
CA ARG D 108 11.08 0.06 7.52
C ARG D 108 12.11 -0.05 8.62
N THR D 109 12.89 -1.14 8.58
CA THR D 109 13.95 -1.36 9.55
C THR D 109 15.15 -0.45 9.26
N VAL D 110 15.93 -0.20 10.30
CA VAL D 110 17.17 0.56 10.15
C VAL D 110 18.06 -0.15 9.14
N ALA D 111 18.77 0.63 8.34
CA ALA D 111 19.70 0.10 7.35
C ALA D 111 20.90 1.03 7.24
N ALA D 112 22.08 0.51 7.55
CA ALA D 112 23.28 1.33 7.49
C ALA D 112 23.65 1.59 6.03
N PRO D 113 24.12 2.78 5.71
CA PRO D 113 24.52 3.05 4.32
C PRO D 113 25.82 2.35 3.96
N SER D 114 25.94 2.02 2.67
N SER D 114 25.94 2.03 2.67
CA SER D 114 27.27 1.82 2.11
CA SER D 114 27.25 1.83 2.07
C SER D 114 27.81 3.19 1.74
C SER D 114 27.81 3.21 1.73
N VAL D 115 29.04 3.48 2.15
CA VAL D 115 29.64 4.80 2.05
C VAL D 115 30.77 4.75 1.05
N PHE D 116 30.74 5.67 0.08
CA PHE D 116 31.78 5.78 -0.94
C PHE D 116 32.25 7.23 -1.00
N ILE D 117 33.53 7.43 -1.26
CA ILE D 117 34.10 8.77 -1.40
C ILE D 117 34.87 8.83 -2.71
N PHE D 118 34.63 9.90 -3.49
CA PHE D 118 35.22 10.08 -4.80
C PHE D 118 36.17 11.26 -4.77
N PRO D 119 37.45 11.10 -5.09
CA PRO D 119 38.32 12.27 -5.25
C PRO D 119 37.87 13.10 -6.44
N PRO D 120 38.32 14.34 -6.54
CA PRO D 120 38.07 15.11 -7.77
C PRO D 120 38.70 14.41 -8.96
N SER D 121 38.03 14.49 -10.10
CA SER D 121 38.60 13.95 -11.33
C SER D 121 39.80 14.79 -11.76
N ASP D 122 40.77 14.13 -12.39
CA ASP D 122 41.87 14.87 -12.98
C ASP D 122 41.37 15.91 -13.96
N GLU D 123 40.30 15.58 -14.70
CA GLU D 123 39.75 16.54 -15.66
C GLU D 123 39.29 17.82 -14.97
N GLN D 124 38.53 17.69 -13.88
CA GLN D 124 38.08 18.89 -13.18
C GLN D 124 39.25 19.67 -12.61
N LEU D 125 40.25 18.98 -12.09
CA LEU D 125 41.38 19.68 -11.49
C LEU D 125 42.07 20.57 -12.50
N LYS D 126 42.13 20.15 -13.76
CA LYS D 126 42.70 21.01 -14.78
C LYS D 126 41.96 22.36 -14.84
N SER D 127 40.70 22.38 -14.42
CA SER D 127 39.91 23.60 -14.41
C SER D 127 40.21 24.51 -13.23
N GLY D 128 41.00 24.06 -12.27
CA GLY D 128 41.33 24.87 -11.11
C GLY D 128 40.38 24.71 -9.94
N THR D 129 39.38 23.85 -10.06
CA THR D 129 38.43 23.59 -8.99
C THR D 129 38.42 22.11 -8.67
N ALA D 130 38.02 21.79 -7.45
CA ALA D 130 37.96 20.42 -6.98
C ALA D 130 36.63 20.18 -6.28
N SER D 131 35.95 19.10 -6.67
CA SER D 131 34.77 18.62 -5.97
C SER D 131 35.07 17.24 -5.42
N VAL D 132 34.90 17.08 -4.11
CA VAL D 132 35.01 15.78 -3.44
C VAL D 132 33.60 15.34 -3.10
N VAL D 133 33.21 14.13 -3.52
CA VAL D 133 31.84 13.66 -3.41
C VAL D 133 31.78 12.46 -2.48
N CYS D 134 30.88 12.52 -1.51
CA CYS D 134 30.61 11.43 -0.59
C CYS D 134 29.19 10.92 -0.82
N LEU D 135 29.06 9.60 -0.91
CA LEU D 135 27.78 8.95 -1.21
C LEU D 135 27.36 8.04 -0.06
N LEU D 136 26.14 8.23 0.43
CA LEU D 136 25.51 7.33 1.38
C LEU D 136 24.43 6.57 0.61
N ASN D 137 24.65 5.28 0.39
CA ASN D 137 23.81 4.50 -0.50
C ASN D 137 22.83 3.66 0.32
N ASN D 138 21.53 3.92 0.13
CA ASN D 138 20.44 3.04 0.54
C ASN D 138 20.46 2.79 2.06
N PHE D 139 20.07 3.83 2.79
CA PHE D 139 20.06 3.75 4.25
C PHE D 139 18.70 4.18 4.77
N TYR D 140 18.48 3.88 6.06
CA TYR D 140 17.25 4.25 6.77
C TYR D 140 17.57 4.31 8.25
N PRO D 141 17.05 5.30 9.00
CA PRO D 141 16.16 6.39 8.56
C PRO D 141 16.90 7.52 7.85
N ARG D 142 16.13 8.50 7.38
CA ARG D 142 16.68 9.58 6.59
C ARG D 142 17.66 10.43 7.38
N GLU D 143 17.45 10.55 8.68
CA GLU D 143 18.25 11.46 9.49
C GLU D 143 19.66 10.92 9.65
N ALA D 144 20.65 11.75 9.28
CA ALA D 144 22.04 11.37 9.37
C ALA D 144 22.91 12.61 9.38
N LYS D 145 23.98 12.57 10.17
CA LYS D 145 24.94 13.66 10.26
C LYS D 145 26.17 13.31 9.42
N VAL D 146 26.45 14.13 8.41
CA VAL D 146 27.56 13.90 7.51
C VAL D 146 28.53 15.06 7.65
N GLN D 147 29.79 14.75 7.94
CA GLN D 147 30.82 15.76 8.15
C GLN D 147 32.06 15.43 7.34
N TRP D 148 32.74 16.48 6.89
CA TRP D 148 33.98 16.37 6.15
C TRP D 148 35.16 16.68 7.05
N LYS D 149 36.25 15.93 6.87
CA LYS D 149 37.51 16.21 7.53
C LYS D 149 38.63 16.23 6.50
N VAL D 150 39.49 17.23 6.60
CA VAL D 150 40.66 17.36 5.73
C VAL D 150 41.87 17.40 6.64
N ASP D 151 42.78 16.45 6.45
CA ASP D 151 43.89 16.24 7.39
C ASP D 151 43.37 16.27 8.82
N ASN D 152 42.24 15.60 9.04
CA ASN D 152 41.56 15.41 10.31
C ASN D 152 40.98 16.69 10.89
N ALA D 153 40.92 17.78 10.13
CA ALA D 153 40.30 19.01 10.58
C ALA D 153 38.85 19.07 10.10
N LEU D 154 37.93 19.32 11.03
CA LEU D 154 36.51 19.36 10.68
C LEU D 154 36.22 20.54 9.76
N GLN D 155 35.54 20.27 8.66
CA GLN D 155 35.16 21.29 7.70
C GLN D 155 33.80 21.88 8.05
N SER D 156 33.60 23.15 7.71
CA SER D 156 32.30 23.79 7.84
C SER D 156 32.15 24.85 6.77
N GLY D 157 30.96 24.96 6.20
CA GLY D 157 30.64 26.02 5.27
C GLY D 157 31.09 25.81 3.85
N ASN D 158 31.73 24.68 3.54
CA ASN D 158 32.21 24.42 2.18
C ASN D 158 31.64 23.12 1.61
N SER D 159 30.49 22.67 2.10
CA SER D 159 29.85 21.47 1.58
C SER D 159 28.35 21.68 1.43
N GLN D 160 27.76 20.92 0.50
CA GLN D 160 26.31 20.89 0.31
C GLN D 160 25.88 19.45 0.12
N GLU D 161 24.70 19.10 0.63
CA GLU D 161 24.18 17.75 0.46
C GLU D 161 22.81 17.76 -0.20
N SER D 162 22.47 16.59 -0.76
CA SER D 162 21.19 16.35 -1.41
C SER D 162 20.76 14.92 -1.09
N VAL D 163 19.45 14.72 -1.01
CA VAL D 163 18.88 13.44 -0.59
C VAL D 163 17.81 13.04 -1.60
N THR D 164 17.79 11.76 -1.96
CA THR D 164 16.80 11.27 -2.90
C THR D 164 15.46 11.05 -2.21
N GLU D 165 14.42 10.85 -3.03
CA GLU D 165 13.15 10.39 -2.51
C GLU D 165 13.26 8.93 -2.09
N GLN D 166 12.35 8.50 -1.22
CA GLN D 166 12.39 7.14 -0.71
C GLN D 166 12.27 6.14 -1.84
N ASP D 167 13.13 5.13 -1.83
CA ASP D 167 13.17 4.17 -2.91
C ASP D 167 11.88 3.36 -2.94
N SER D 168 11.34 3.17 -4.15
CA SER D 168 10.07 2.48 -4.28
C SER D 168 10.18 1.00 -3.97
N LYS D 169 11.37 0.41 -4.16
CA LYS D 169 11.53 -1.02 -3.97
C LYS D 169 11.95 -1.38 -2.54
N ASP D 170 12.97 -0.71 -1.98
CA ASP D 170 13.45 -1.06 -0.65
C ASP D 170 13.22 0.03 0.39
N SER D 171 12.55 1.12 0.05
CA SER D 171 12.13 2.15 1.00
C SER D 171 13.32 2.82 1.72
N THR D 172 14.50 2.82 1.13
CA THR D 172 15.64 3.51 1.70
C THR D 172 15.81 4.90 1.09
N TYR D 173 16.74 5.65 1.66
CA TYR D 173 17.17 6.93 1.13
C TYR D 173 18.63 6.82 0.72
N SER D 174 19.05 7.74 -0.14
CA SER D 174 20.46 7.92 -0.46
C SER D 174 20.78 9.39 -0.38
N LEU D 175 22.04 9.70 -0.09
CA LEU D 175 22.47 11.06 0.17
C LEU D 175 23.83 11.29 -0.45
N SER D 176 24.02 12.49 -0.98
CA SER D 176 25.31 12.95 -1.48
C SER D 176 25.72 14.17 -0.69
N SER D 177 27.01 14.24 -0.36
CA SER D 177 27.61 15.45 0.20
C SER D 177 28.81 15.79 -0.66
N THR D 178 28.93 17.07 -1.03
CA THR D 178 29.97 17.52 -1.95
C THR D 178 30.79 18.62 -1.28
N LEU D 179 32.11 18.39 -1.18
CA LEU D 179 33.05 19.37 -0.68
C LEU D 179 33.68 20.11 -1.85
N THR D 180 33.59 21.44 -1.84
CA THR D 180 34.13 22.26 -2.92
C THR D 180 35.32 23.06 -2.41
N LEU D 181 36.45 22.95 -3.12
CA LEU D 181 37.65 23.68 -2.79
C LEU D 181 38.40 23.97 -4.09
N SER D 182 39.33 24.93 -4.04
CA SER D 182 40.17 25.19 -5.19
C SER D 182 41.16 24.05 -5.39
N LYS D 183 41.72 23.99 -6.61
CA LYS D 183 42.79 23.04 -6.88
C LYS D 183 43.95 23.26 -5.92
N ALA D 184 44.28 24.52 -5.64
CA ALA D 184 45.38 24.84 -4.75
C ALA D 184 45.10 24.37 -3.33
N ASP D 185 43.88 24.63 -2.84
CA ASP D 185 43.52 24.12 -1.51
C ASP D 185 43.61 22.60 -1.48
N TYR D 186 43.13 21.94 -2.52
CA TYR D 186 43.13 20.48 -2.57
C TYR D 186 44.54 19.93 -2.47
N GLU D 187 45.49 20.54 -3.17
CA GLU D 187 46.85 20.05 -3.18
C GLU D 187 47.64 20.41 -1.94
N LYS D 188 47.04 21.16 -1.00
CA LYS D 188 47.69 21.49 0.25
C LYS D 188 47.45 20.46 1.36
N HIS D 189 46.63 19.42 1.12
CA HIS D 189 46.29 18.44 2.13
C HIS D 189 46.28 17.04 1.54
N LYS D 190 46.42 16.04 2.44
CA LYS D 190 46.55 14.66 2.02
C LYS D 190 45.27 13.86 2.27
N VAL D 191 44.78 13.83 3.50
CA VAL D 191 43.70 12.93 3.89
C VAL D 191 42.36 13.64 3.69
N TYR D 192 41.48 13.03 2.90
CA TYR D 192 40.12 13.52 2.69
C TYR D 192 39.15 12.47 3.20
N ALA D 193 38.24 12.90 4.08
CA ALA D 193 37.42 11.97 4.82
C ALA D 193 35.98 12.46 4.92
N CYS D 194 35.05 11.53 4.74
CA CYS D 194 33.63 11.74 4.92
C CYS D 194 33.15 10.91 6.09
N GLU D 195 32.61 11.56 7.12
CA GLU D 195 32.16 10.88 8.34
C GLU D 195 30.64 10.92 8.42
N VAL D 196 30.04 9.74 8.60
CA VAL D 196 28.59 9.58 8.68
C VAL D 196 28.26 9.04 10.07
N THR D 197 27.39 9.75 10.79
CA THR D 197 26.98 9.35 12.13
C THR D 197 25.48 9.11 12.16
N GLN D 198 25.08 7.94 12.66
CA GLN D 198 23.70 7.62 12.99
C GLN D 198 23.69 6.92 14.33
N GLY D 199 22.86 7.42 15.25
CA GLY D 199 22.83 6.84 16.59
C GLY D 199 24.21 6.89 17.21
N THR D 200 24.68 5.73 17.65
CA THR D 200 25.93 5.60 18.40
C THR D 200 27.08 5.09 17.53
N THR D 201 26.95 5.17 16.20
CA THR D 201 27.96 4.67 15.29
C THR D 201 28.36 5.77 14.30
N SER D 202 29.65 5.97 14.13
CA SER D 202 30.20 6.81 13.06
C SER D 202 31.02 5.93 12.13
N VAL D 203 30.82 6.10 10.83
CA VAL D 203 31.60 5.43 9.80
C VAL D 203 32.27 6.50 8.94
N THR D 204 33.59 6.42 8.82
CA THR D 204 34.37 7.39 8.07
C THR D 204 35.06 6.68 6.92
N LYS D 205 34.80 7.13 5.70
CA LYS D 205 35.45 6.62 4.50
C LYS D 205 36.40 7.73 4.02
N SER D 206 37.61 7.35 3.62
CA SER D 206 38.63 8.34 3.33
C SER D 206 39.49 7.90 2.16
N PHE D 207 40.29 8.84 1.65
CA PHE D 207 41.35 8.54 0.70
C PHE D 207 42.51 9.47 0.97
N ASN D 208 43.68 9.08 0.49
CA ASN D 208 44.87 9.93 0.50
C ASN D 208 45.10 10.46 -0.91
N ARG D 209 45.17 11.79 -1.03
CA ARG D 209 45.35 12.40 -2.34
C ARG D 209 46.57 11.78 -3.01
N GLY D 210 46.40 11.35 -4.25
CA GLY D 210 47.47 10.73 -5.01
C GLY D 210 47.57 9.22 -4.90
N GLU D 211 47.34 8.67 -3.72
CA GLU D 211 47.57 7.25 -3.48
C GLU D 211 46.38 6.41 -3.90
N PCA E 1 -18.42 -32.65 -29.79
CA PCA E 1 -17.78 -31.49 -30.45
CB PCA E 1 -18.83 -30.40 -30.64
CG PCA E 1 -19.89 -30.84 -29.62
CD PCA E 1 -19.62 -32.31 -29.30
OE PCA E 1 -20.38 -33.04 -28.70
C PCA E 1 -16.63 -30.95 -29.62
O PCA E 1 -16.61 -31.07 -28.41
H PCA E 1 -19.09 -32.94 -30.31
HA PCA E 1 -17.42 -31.77 -31.30
HB2 PCA E 1 -19.16 -30.39 -31.56
HB3 PCA E 1 -18.45 -29.52 -30.46
HG2 PCA E 1 -20.79 -30.75 -29.95
HG3 PCA E 1 -19.84 -30.33 -28.79
N VAL E 2 -15.66 -30.35 -30.32
CA VAL E 2 -14.58 -29.62 -29.65
C VAL E 2 -15.22 -28.48 -28.86
N GLN E 3 -14.90 -28.39 -27.58
CA GLN E 3 -15.40 -27.32 -26.73
C GLN E 3 -14.28 -26.73 -25.90
N LEU E 4 -14.28 -25.41 -25.76
CA LEU E 4 -13.37 -24.69 -24.89
C LEU E 4 -14.19 -23.71 -24.08
N VAL E 5 -14.08 -23.78 -22.76
CA VAL E 5 -14.90 -22.97 -21.87
C VAL E 5 -13.97 -22.26 -20.90
N GLU E 6 -13.89 -20.94 -21.02
CA GLU E 6 -13.09 -20.15 -20.09
C GLU E 6 -13.88 -19.85 -18.83
N SER E 7 -13.16 -19.72 -17.71
CA SER E 7 -13.75 -19.30 -16.46
C SER E 7 -12.71 -18.51 -15.68
N GLY E 8 -13.19 -17.75 -14.71
CA GLY E 8 -12.32 -17.01 -13.81
C GLY E 8 -12.29 -15.51 -14.03
N GLY E 9 -12.98 -15.00 -15.05
CA GLY E 9 -13.00 -13.58 -15.27
C GLY E 9 -13.82 -12.84 -14.23
N GLY E 10 -13.53 -11.56 -14.10
CA GLY E 10 -14.25 -10.73 -13.14
C GLY E 10 -13.48 -9.44 -12.87
N LEU E 11 -13.84 -8.81 -11.76
CA LEU E 11 -13.28 -7.52 -11.38
C LEU E 11 -12.03 -7.70 -10.54
N VAL E 12 -11.03 -6.88 -10.81
CA VAL E 12 -9.78 -6.90 -10.06
C VAL E 12 -9.25 -5.48 -9.94
N LYS E 13 -8.67 -5.18 -8.79
CA LYS E 13 -8.08 -3.87 -8.54
C LYS E 13 -6.78 -3.72 -9.33
N PRO E 14 -6.42 -2.49 -9.71
CA PRO E 14 -5.10 -2.29 -10.34
C PRO E 14 -3.99 -2.81 -9.43
N GLY E 15 -3.05 -3.52 -10.04
CA GLY E 15 -2.01 -4.20 -9.29
C GLY E 15 -2.38 -5.56 -8.77
N GLY E 16 -3.65 -5.95 -8.86
CA GLY E 16 -4.10 -7.22 -8.34
C GLY E 16 -3.78 -8.37 -9.27
N SER E 17 -4.25 -9.56 -8.87
CA SER E 17 -3.99 -10.80 -9.59
C SER E 17 -5.30 -11.54 -9.87
N LEU E 18 -5.29 -12.31 -10.96
CA LEU E 18 -6.42 -13.13 -11.34
C LEU E 18 -5.89 -14.33 -12.13
N ARG E 19 -6.53 -15.49 -11.95
CA ARG E 19 -6.17 -16.68 -12.70
C ARG E 19 -7.35 -17.12 -13.55
N LEU E 20 -7.15 -17.16 -14.87
CA LEU E 20 -8.14 -17.67 -15.80
C LEU E 20 -7.88 -19.16 -16.04
N SER E 21 -8.96 -19.90 -16.26
CA SER E 21 -8.89 -21.30 -16.64
C SER E 21 -9.72 -21.51 -17.90
N CYS E 22 -9.38 -22.58 -18.61
CA CYS E 22 -10.03 -22.92 -19.87
C CYS E 22 -10.13 -24.44 -19.93
N ALA E 23 -11.35 -24.96 -19.86
CA ALA E 23 -11.58 -26.40 -19.86
C ALA E 23 -11.81 -26.89 -21.27
N ALA E 24 -11.03 -27.89 -21.69
CA ALA E 24 -11.10 -28.44 -23.03
C ALA E 24 -11.81 -29.78 -23.00
N SER E 25 -12.66 -30.02 -24.00
CA SER E 25 -13.35 -31.29 -24.15
C SER E 25 -13.58 -31.53 -25.63
N GLY E 26 -13.79 -32.80 -25.98
CA GLY E 26 -14.05 -33.20 -27.34
C GLY E 26 -12.83 -33.48 -28.17
N PHE E 27 -11.65 -33.48 -27.55
CA PHE E 27 -10.41 -33.84 -28.24
C PHE E 27 -9.39 -34.15 -27.15
N THR E 28 -8.27 -34.74 -27.56
CA THR E 28 -7.19 -35.09 -26.62
C THR E 28 -6.36 -33.84 -26.36
N PHE E 29 -6.60 -33.20 -25.22
CA PHE E 29 -5.96 -31.93 -24.91
C PHE E 29 -4.45 -32.02 -25.03
N SER E 30 -3.85 -33.10 -24.52
CA SER E 30 -2.40 -33.24 -24.54
C SER E 30 -1.83 -33.38 -25.94
N ASP E 31 -2.65 -33.56 -26.97
CA ASP E 31 -2.17 -33.62 -28.33
C ASP E 31 -2.15 -32.26 -29.03
N TYR E 32 -2.48 -31.18 -28.32
CA TYR E 32 -2.60 -29.87 -28.94
C TYR E 32 -1.91 -28.78 -28.13
N TYR E 33 -1.45 -27.77 -28.84
CA TYR E 33 -0.92 -26.54 -28.26
C TYR E 33 -2.01 -25.47 -28.26
N MET E 34 -1.82 -24.44 -27.44
CA MET E 34 -2.89 -23.50 -27.13
C MET E 34 -2.34 -22.07 -27.02
N SER E 35 -3.24 -21.11 -27.21
CA SER E 35 -2.92 -19.70 -26.99
C SER E 35 -4.07 -19.02 -26.26
N TRP E 36 -3.73 -17.92 -25.59
CA TRP E 36 -4.72 -16.96 -25.11
C TRP E 36 -4.69 -15.73 -26.02
N ILE E 37 -5.87 -15.24 -26.39
CA ILE E 37 -6.03 -14.04 -27.20
C ILE E 37 -7.09 -13.17 -26.52
N ARG E 38 -6.85 -11.86 -26.47
CA ARG E 38 -7.77 -10.95 -25.79
C ARG E 38 -8.27 -9.86 -26.73
N GLN E 39 -9.36 -9.22 -26.31
CA GLN E 39 -10.01 -8.20 -27.12
C GLN E 39 -10.60 -7.16 -26.19
N ALA E 40 -9.99 -5.98 -26.17
CA ALA E 40 -10.53 -4.88 -25.39
C ALA E 40 -11.86 -4.42 -26.00
N PRO E 41 -12.74 -3.83 -25.20
CA PRO E 41 -14.05 -3.43 -25.72
C PRO E 41 -13.93 -2.50 -26.92
N GLY E 42 -14.60 -2.88 -28.00
CA GLY E 42 -14.61 -2.09 -29.21
C GLY E 42 -13.33 -2.10 -30.01
N LYS E 43 -12.35 -2.92 -29.64
CA LYS E 43 -11.06 -2.94 -30.32
C LYS E 43 -10.84 -4.30 -30.97
N GLY E 44 -9.65 -4.47 -31.56
CA GLY E 44 -9.32 -5.68 -32.27
C GLY E 44 -8.74 -6.77 -31.39
N LEU E 45 -8.28 -7.83 -32.05
CA LEU E 45 -7.69 -8.97 -31.35
C LEU E 45 -6.23 -8.72 -31.03
N GLU E 46 -5.81 -9.18 -29.85
CA GLU E 46 -4.42 -9.05 -29.40
C GLU E 46 -3.95 -10.38 -28.83
N TRP E 47 -2.98 -11.00 -29.48
CA TRP E 47 -2.43 -12.24 -28.94
C TRP E 47 -1.74 -11.97 -27.62
N VAL E 48 -1.92 -12.90 -26.67
CA VAL E 48 -1.41 -12.76 -25.31
C VAL E 48 -0.30 -13.75 -25.02
N SER E 49 -0.55 -15.04 -25.23
CA SER E 49 0.43 -16.05 -24.83
C SER E 49 0.15 -17.36 -25.56
N TYR E 50 1.19 -18.20 -25.62
CA TYR E 50 1.15 -19.49 -26.29
C TYR E 50 1.84 -20.53 -25.42
N ILE E 51 1.34 -21.76 -25.46
CA ILE E 51 1.98 -22.88 -24.76
C ILE E 51 2.02 -24.08 -25.69
N GLY E 52 3.17 -24.75 -25.71
CA GLY E 52 3.33 -25.98 -26.48
C GLY E 52 3.03 -27.21 -25.65
N SER E 53 3.89 -28.22 -25.76
CA SER E 53 3.63 -29.50 -25.12
C SER E 53 3.62 -29.40 -23.61
N SER E 54 4.37 -28.45 -23.04
CA SER E 54 4.42 -28.30 -21.59
C SER E 54 4.77 -26.87 -21.25
N ASN E 55 4.79 -26.57 -19.95
CA ASN E 55 5.17 -25.25 -19.45
C ASN E 55 6.58 -24.85 -19.87
N THR E 56 7.39 -25.79 -20.38
CA THR E 56 8.74 -25.47 -20.84
C THR E 56 8.76 -24.69 -22.15
N TYR E 57 7.69 -24.78 -22.95
CA TYR E 57 7.62 -24.20 -24.28
C TYR E 57 6.49 -23.19 -24.31
N THR E 58 6.83 -21.92 -24.18
CA THR E 58 5.87 -20.85 -24.08
C THR E 58 6.36 -19.62 -24.83
N SER E 59 5.44 -18.70 -25.07
CA SER E 59 5.75 -17.42 -25.68
C SER E 59 4.74 -16.41 -25.16
N TYR E 60 5.15 -15.14 -25.10
CA TYR E 60 4.33 -14.10 -24.49
C TYR E 60 4.40 -12.84 -25.34
N ALA E 61 3.31 -12.08 -25.35
CA ALA E 61 3.33 -10.75 -25.91
C ALA E 61 4.20 -9.85 -25.03
N ALA E 62 4.84 -8.86 -25.66
CA ALA E 62 5.73 -7.98 -24.91
C ALA E 62 5.00 -7.27 -23.78
N SER E 63 3.75 -6.87 -24.01
CA SER E 63 3.02 -6.09 -23.03
C SER E 63 2.66 -6.87 -21.77
N VAL E 64 2.78 -8.20 -21.79
CA VAL E 64 2.45 -9.00 -20.61
C VAL E 64 3.62 -9.84 -20.11
N LYS E 65 4.72 -9.95 -20.84
CA LYS E 65 5.81 -10.78 -20.35
C LYS E 65 6.28 -10.27 -18.99
N GLY E 66 6.53 -11.21 -18.08
CA GLY E 66 6.90 -10.88 -16.72
C GLY E 66 5.74 -10.72 -15.76
N ARG E 67 4.54 -10.46 -16.28
CA ARG E 67 3.34 -10.32 -15.47
C ARG E 67 2.41 -11.51 -15.57
N PHE E 68 2.27 -12.10 -16.75
CA PHE E 68 1.36 -13.20 -16.98
C PHE E 68 2.16 -14.50 -17.12
N THR E 69 1.56 -15.62 -16.70
CA THR E 69 2.14 -16.93 -16.86
C THR E 69 1.10 -17.88 -17.40
N ILE E 70 1.39 -18.51 -18.53
CA ILE E 70 0.53 -19.52 -19.13
C ILE E 70 0.99 -20.89 -18.65
N SER E 71 0.02 -21.77 -18.39
CA SER E 71 0.34 -23.12 -17.94
C SER E 71 -0.81 -24.03 -18.35
N ARG E 72 -0.57 -25.34 -18.26
CA ARG E 72 -1.57 -26.33 -18.60
C ARG E 72 -1.47 -27.48 -17.61
N ASP E 73 -2.59 -28.18 -17.43
CA ASP E 73 -2.64 -29.41 -16.64
C ASP E 73 -3.35 -30.45 -17.49
N ASN E 74 -2.59 -31.30 -18.18
CA ASN E 74 -3.20 -32.26 -19.09
C ASN E 74 -4.10 -33.23 -18.34
N ALA E 75 -3.78 -33.52 -17.08
CA ALA E 75 -4.63 -34.41 -16.29
C ALA E 75 -6.02 -33.83 -16.07
N LYS E 76 -6.12 -32.50 -16.08
CA LYS E 76 -7.39 -31.81 -15.89
C LYS E 76 -7.95 -31.25 -17.19
N ASN E 77 -7.28 -31.49 -18.32
CA ASN E 77 -7.71 -30.97 -19.62
C ASN E 77 -7.96 -29.47 -19.53
N SER E 78 -7.06 -28.77 -18.84
CA SER E 78 -7.26 -27.36 -18.54
C SER E 78 -6.03 -26.54 -18.92
N LEU E 79 -6.30 -25.35 -19.47
CA LEU E 79 -5.31 -24.33 -19.73
C LEU E 79 -5.52 -23.20 -18.74
N TYR E 80 -4.43 -22.52 -18.38
CA TYR E 80 -4.49 -21.48 -17.36
C TYR E 80 -3.73 -20.24 -17.82
N LEU E 81 -4.15 -19.10 -17.29
CA LEU E 81 -3.42 -17.84 -17.44
C LEU E 81 -3.42 -17.16 -16.08
N GLN E 82 -2.25 -17.13 -15.43
CA GLN E 82 -2.08 -16.39 -14.19
C GLN E 82 -1.67 -14.97 -14.53
N MET E 83 -2.46 -14.00 -14.07
CA MET E 83 -2.25 -12.59 -14.41
C MET E 83 -1.94 -11.83 -13.13
N ASN E 84 -0.73 -11.28 -13.05
CA ASN E 84 -0.29 -10.47 -11.92
C ASN E 84 -0.05 -9.03 -12.37
N SER E 85 0.05 -8.14 -11.39
CA SER E 85 0.35 -6.73 -11.65
C SER E 85 -0.56 -6.17 -12.75
N LEU E 86 -1.85 -6.46 -12.61
CA LEU E 86 -2.81 -6.11 -13.65
C LEU E 86 -2.98 -4.60 -13.76
N ARG E 87 -3.25 -4.15 -14.98
CA ARG E 87 -3.43 -2.73 -15.26
C ARG E 87 -4.78 -2.53 -15.94
N ALA E 88 -5.30 -1.31 -15.83
CA ALA E 88 -6.58 -1.00 -16.45
C ALA E 88 -6.61 -1.40 -17.92
N GLU E 89 -5.47 -1.23 -18.61
CA GLU E 89 -5.39 -1.55 -20.02
C GLU E 89 -5.47 -3.05 -20.29
N ASP E 90 -5.39 -3.89 -19.27
CA ASP E 90 -5.61 -5.32 -19.41
C ASP E 90 -7.09 -5.68 -19.46
N THR E 91 -7.98 -4.71 -19.27
CA THR E 91 -9.41 -4.98 -19.35
C THR E 91 -9.78 -5.44 -20.74
N ALA E 92 -10.40 -6.62 -20.82
CA ALA E 92 -10.69 -7.23 -22.12
C ALA E 92 -11.40 -8.55 -21.92
N VAL E 93 -12.01 -9.02 -22.99
CA VAL E 93 -12.45 -10.40 -23.09
C VAL E 93 -11.24 -11.26 -23.44
N TYR E 94 -11.03 -12.34 -22.69
CA TYR E 94 -9.92 -13.25 -22.89
C TYR E 94 -10.45 -14.56 -23.45
N TYR E 95 -9.94 -14.93 -24.62
CA TYR E 95 -10.30 -16.19 -25.28
C TYR E 95 -9.16 -17.17 -25.13
N CYS E 96 -9.48 -18.43 -24.83
CA CYS E 96 -8.55 -19.52 -25.03
C CYS E 96 -8.85 -20.16 -26.39
N ALA E 97 -7.80 -20.55 -27.11
CA ALA E 97 -7.95 -21.02 -28.48
C ALA E 97 -6.94 -22.12 -28.76
N ARG E 98 -7.37 -23.13 -29.50
CA ARG E 98 -6.52 -24.25 -29.87
C ARG E 98 -5.69 -23.91 -31.11
N GLU E 99 -4.45 -24.41 -31.13
CA GLU E 99 -3.52 -24.14 -32.21
C GLU E 99 -3.51 -25.28 -33.22
N ILE E 100 -3.28 -24.94 -34.49
CA ILE E 100 -2.99 -25.90 -35.54
C ILE E 100 -1.47 -26.14 -35.55
N GLU E 101 -1.05 -27.40 -35.56
CA GLU E 101 0.36 -27.73 -35.64
C GLU E 101 0.62 -28.61 -36.85
N ARG E 102 1.67 -28.29 -37.61
CA ARG E 102 2.16 -29.18 -38.65
C ARG E 102 3.65 -28.93 -38.88
N SER E 103 4.41 -30.03 -38.91
CA SER E 103 5.84 -29.97 -39.23
C SER E 103 6.61 -29.07 -38.26
N GLY E 104 6.24 -29.12 -36.99
CA GLY E 104 6.92 -28.36 -35.96
C GLY E 104 6.63 -26.88 -35.93
N TRP E 105 5.61 -26.41 -36.65
CA TRP E 105 5.23 -25.00 -36.67
C TRP E 105 3.74 -24.90 -36.37
N VAL E 106 3.37 -23.91 -35.54
CA VAL E 106 1.96 -23.64 -35.28
C VAL E 106 1.50 -22.59 -36.28
N ARG E 107 0.23 -22.69 -36.70
CA ARG E 107 -0.21 -22.04 -37.91
C ARG E 107 -1.56 -21.35 -37.86
N GLY E 108 -2.20 -21.29 -36.71
CA GLY E 108 -3.51 -20.67 -36.60
C GLY E 108 -4.34 -21.33 -35.52
N ASN E 109 -5.43 -20.66 -35.18
CA ASN E 109 -6.30 -21.11 -34.09
C ASN E 109 -7.61 -21.59 -34.69
N ASP E 110 -7.83 -22.91 -34.65
CA ASP E 110 -9.00 -23.49 -35.31
C ASP E 110 -10.22 -23.57 -34.41
N TYR E 111 -10.07 -23.46 -33.09
CA TYR E 111 -11.21 -23.46 -32.19
C TYR E 111 -11.02 -22.45 -31.07
N TRP E 112 -12.10 -21.74 -30.75
CA TRP E 112 -12.08 -20.67 -29.77
C TRP E 112 -13.15 -20.92 -28.71
N GLY E 113 -12.87 -20.50 -27.48
CA GLY E 113 -13.88 -20.45 -26.43
C GLY E 113 -14.79 -19.25 -26.61
N ARG E 114 -15.76 -19.13 -25.71
CA ARG E 114 -16.66 -18.00 -25.81
C ARG E 114 -16.08 -16.75 -25.14
N GLY E 115 -15.01 -16.89 -24.37
CA GLY E 115 -14.35 -15.77 -23.75
C GLY E 115 -14.86 -15.51 -22.34
N THR E 116 -14.03 -14.83 -21.55
CA THR E 116 -14.42 -14.38 -20.21
C THR E 116 -13.92 -12.96 -20.03
N LEU E 117 -14.76 -12.11 -19.44
CA LEU E 117 -14.47 -10.69 -19.32
C LEU E 117 -13.66 -10.42 -18.06
N VAL E 118 -12.53 -9.74 -18.22
CA VAL E 118 -11.69 -9.31 -17.12
C VAL E 118 -11.76 -7.79 -17.06
N THR E 119 -12.17 -7.26 -15.92
CA THR E 119 -12.23 -5.81 -15.71
C THR E 119 -11.22 -5.44 -14.62
N VAL E 120 -10.32 -4.53 -14.96
CA VAL E 120 -9.30 -4.03 -14.04
C VAL E 120 -9.62 -2.57 -13.77
N SER E 121 -10.01 -2.28 -12.52
CA SER E 121 -10.46 -0.94 -12.16
C SER E 121 -10.56 -0.84 -10.65
N SER E 122 -10.41 0.37 -10.14
CA SER E 122 -10.61 0.64 -8.72
C SER E 122 -12.07 0.89 -8.38
N ALA E 123 -12.94 1.01 -9.37
CA ALA E 123 -14.35 1.22 -9.10
C ALA E 123 -14.95 -0.02 -8.45
N SER E 124 -15.96 0.20 -7.60
CA SER E 124 -16.62 -0.89 -6.90
C SER E 124 -17.93 -1.25 -7.59
N THR E 125 -18.25 -2.55 -7.55
CA THR E 125 -19.49 -3.05 -8.15
C THR E 125 -20.69 -2.27 -7.65
N LYS E 126 -21.58 -1.93 -8.59
CA LYS E 126 -22.74 -1.10 -8.33
C LYS E 126 -23.81 -1.40 -9.37
N GLY E 127 -25.05 -1.63 -8.92
CA GLY E 127 -26.15 -1.78 -9.83
C GLY E 127 -26.53 -0.47 -10.47
N PRO E 128 -27.28 -0.50 -11.57
CA PRO E 128 -27.59 0.73 -12.28
C PRO E 128 -28.74 1.51 -11.66
N SER E 129 -28.69 2.83 -11.88
CA SER E 129 -29.87 3.68 -11.78
C SER E 129 -30.48 3.79 -13.17
N VAL E 130 -31.78 3.55 -13.28
CA VAL E 130 -32.48 3.51 -14.55
C VAL E 130 -33.48 4.65 -14.57
N PHE E 131 -33.30 5.58 -15.51
CA PHE E 131 -34.16 6.75 -15.65
C PHE E 131 -34.96 6.68 -16.95
N PRO E 132 -36.18 7.21 -16.97
CA PRO E 132 -36.99 7.15 -18.18
C PRO E 132 -36.56 8.18 -19.22
N LEU E 133 -36.64 7.77 -20.47
CA LEU E 133 -36.56 8.67 -21.63
C LEU E 133 -38.01 8.76 -22.12
N ALA E 134 -38.75 9.73 -21.59
CA ALA E 134 -40.21 9.66 -21.72
C ALA E 134 -40.64 10.12 -23.11
N PRO E 135 -41.62 9.46 -23.70
CA PRO E 135 -42.16 9.90 -25.00
C PRO E 135 -43.11 11.07 -24.86
N SER E 136 -43.20 11.84 -25.93
CA SER E 136 -44.16 12.95 -26.01
C SER E 136 -44.38 13.28 -27.48
N SER E 137 -45.15 14.34 -27.74
CA SER E 137 -45.25 14.87 -29.09
C SER E 137 -43.88 15.17 -29.66
N LYS E 138 -42.95 15.64 -28.82
CA LYS E 138 -41.59 15.89 -29.26
C LYS E 138 -40.84 14.64 -29.68
N SER E 139 -41.29 13.45 -29.25
CA SER E 139 -40.66 12.21 -29.70
C SER E 139 -41.46 11.53 -30.80
N THR E 140 -42.40 12.24 -31.43
CA THR E 140 -43.31 11.63 -32.38
C THR E 140 -43.17 12.21 -33.78
N SER E 141 -43.09 11.31 -34.77
CA SER E 141 -43.05 11.66 -36.18
C SER E 141 -43.75 10.56 -36.97
N GLY E 142 -44.70 10.95 -37.82
CA GLY E 142 -45.35 9.99 -38.70
C GLY E 142 -46.02 8.84 -37.98
N GLY E 143 -46.69 9.13 -36.87
CA GLY E 143 -47.42 8.13 -36.13
C GLY E 143 -46.61 7.25 -35.23
N THR E 144 -45.30 7.48 -35.13
CA THR E 144 -44.41 6.72 -34.28
C THR E 144 -43.78 7.62 -33.23
N ALA E 145 -43.60 7.10 -32.02
CA ALA E 145 -42.99 7.84 -30.92
C ALA E 145 -41.73 7.11 -30.45
N ALA E 146 -40.75 7.89 -29.98
CA ALA E 146 -39.53 7.34 -29.42
C ALA E 146 -39.54 7.47 -27.90
N LEU E 147 -39.12 6.40 -27.22
CA LEU E 147 -38.98 6.38 -25.77
C LEU E 147 -37.81 5.47 -25.43
N GLY E 148 -37.42 5.46 -24.17
CA GLY E 148 -36.32 4.60 -23.78
C GLY E 148 -36.03 4.63 -22.30
N CYS E 149 -34.89 4.05 -21.95
CA CYS E 149 -34.37 4.02 -20.59
C CYS E 149 -32.91 4.38 -20.61
N LEU E 150 -32.51 5.27 -19.71
CA LEU E 150 -31.10 5.61 -19.50
C LEU E 150 -30.60 4.79 -18.32
N VAL E 151 -29.64 3.91 -18.58
CA VAL E 151 -29.10 3.00 -17.59
C VAL E 151 -27.76 3.58 -17.16
N LYS E 152 -27.73 4.24 -16.00
CA LYS E 152 -26.59 5.05 -15.64
C LYS E 152 -25.85 4.50 -14.42
N ASP E 153 -24.53 4.61 -14.45
CA ASP E 153 -23.68 4.47 -13.27
C ASP E 153 -23.73 3.06 -12.67
N TYR E 154 -23.53 2.07 -13.52
CA TYR E 154 -23.38 0.69 -13.06
C TYR E 154 -21.95 0.25 -13.30
N PHE E 155 -21.59 -0.85 -12.66
CA PHE E 155 -20.24 -1.38 -12.74
C PHE E 155 -20.14 -2.78 -12.14
N PRO E 156 -19.38 -3.69 -12.77
CA PRO E 156 -18.73 -3.59 -14.08
C PRO E 156 -19.70 -3.95 -15.20
N GLU E 157 -19.20 -4.07 -16.44
CA GLU E 157 -20.00 -4.69 -17.49
C GLU E 157 -20.24 -6.16 -17.14
N PRO E 158 -21.28 -6.79 -17.73
CA PRO E 158 -22.28 -6.27 -18.66
C PRO E 158 -23.66 -6.08 -18.07
N VAL E 159 -24.53 -5.39 -18.79
CA VAL E 159 -25.96 -5.42 -18.56
C VAL E 159 -26.65 -5.91 -19.82
N THR E 160 -27.85 -6.45 -19.64
CA THR E 160 -28.76 -6.77 -20.73
C THR E 160 -30.04 -5.98 -20.51
N VAL E 161 -30.72 -5.65 -21.61
CA VAL E 161 -31.95 -4.87 -21.59
C VAL E 161 -32.98 -5.56 -22.46
N SER E 162 -34.18 -5.72 -21.93
CA SER E 162 -35.34 -6.16 -22.70
C SER E 162 -36.45 -5.15 -22.46
N TRP E 163 -37.51 -5.25 -23.26
CA TRP E 163 -38.68 -4.39 -23.13
C TRP E 163 -39.92 -5.26 -22.97
N ASN E 164 -40.75 -4.91 -21.98
CA ASN E 164 -41.97 -5.66 -21.67
C ASN E 164 -41.68 -7.17 -21.61
N SER E 165 -40.59 -7.51 -20.90
CA SER E 165 -40.21 -8.89 -20.63
C SER E 165 -40.01 -9.71 -21.90
N GLY E 166 -39.51 -9.07 -22.95
CA GLY E 166 -39.26 -9.75 -24.20
C GLY E 166 -40.39 -9.70 -25.20
N ALA E 167 -41.56 -9.18 -24.80
CA ALA E 167 -42.67 -9.10 -25.72
C ALA E 167 -42.48 -8.01 -26.78
N LEU E 168 -41.66 -7.01 -26.50
CA LEU E 168 -41.40 -5.91 -27.43
C LEU E 168 -39.95 -5.98 -27.88
N THR E 169 -39.74 -6.29 -29.17
CA THR E 169 -38.40 -6.36 -29.75
C THR E 169 -38.27 -5.49 -30.99
N SER E 170 -39.34 -5.33 -31.76
CA SER E 170 -39.28 -4.54 -32.98
C SER E 170 -38.99 -3.08 -32.66
N GLY E 171 -37.99 -2.52 -33.34
CA GLY E 171 -37.66 -1.12 -33.16
C GLY E 171 -36.81 -0.80 -31.97
N VAL E 172 -36.33 -1.81 -31.24
CA VAL E 172 -35.50 -1.58 -30.06
C VAL E 172 -34.07 -1.37 -30.52
N HIS E 173 -33.41 -0.34 -29.97
CA HIS E 173 -31.98 -0.14 -30.11
C HIS E 173 -31.38 0.00 -28.72
N THR E 174 -30.59 -0.98 -28.32
CA THR E 174 -29.86 -0.94 -27.07
C THR E 174 -28.40 -0.66 -27.39
N PHE E 175 -27.92 0.48 -26.96
CA PHE E 175 -26.60 0.94 -27.36
C PHE E 175 -25.50 0.32 -26.52
N PRO E 176 -24.33 0.10 -27.11
CA PRO E 176 -23.17 -0.30 -26.30
C PRO E 176 -22.88 0.74 -25.23
N ALA E 177 -22.41 0.26 -24.09
CA ALA E 177 -22.12 1.15 -22.97
C ALA E 177 -20.90 2.02 -23.28
N VAL E 178 -20.84 3.16 -22.61
CA VAL E 178 -19.66 3.99 -22.57
C VAL E 178 -19.11 3.99 -21.16
N LEU E 179 -17.80 4.13 -21.06
CA LEU E 179 -17.10 4.26 -19.78
C LEU E 179 -16.97 5.74 -19.45
N GLN E 180 -17.62 6.15 -18.37
CA GLN E 180 -17.59 7.56 -17.97
C GLN E 180 -16.30 7.86 -17.20
N SER E 181 -15.99 9.16 -17.10
CA SER E 181 -14.80 9.58 -16.37
C SER E 181 -14.83 9.18 -14.91
N SER E 182 -16.03 8.94 -14.36
CA SER E 182 -16.15 8.44 -13.01
C SER E 182 -15.67 7.00 -12.87
N GLY E 183 -15.45 6.30 -13.99
CA GLY E 183 -15.16 4.88 -13.96
C GLY E 183 -16.37 3.98 -13.97
N LEU E 184 -17.57 4.54 -13.99
CA LEU E 184 -18.80 3.77 -14.09
C LEU E 184 -19.31 3.78 -15.52
N TYR E 185 -20.10 2.75 -15.85
CA TYR E 185 -20.65 2.62 -17.19
C TYR E 185 -22.05 3.23 -17.29
N SER E 186 -22.42 3.61 -18.50
CA SER E 186 -23.76 4.09 -18.79
C SER E 186 -24.12 3.68 -20.21
N LEU E 187 -25.40 3.36 -20.41
CA LEU E 187 -25.93 3.12 -21.75
C LEU E 187 -27.40 3.53 -21.77
N SER E 188 -27.95 3.63 -22.98
N SER E 188 -27.96 3.58 -22.97
CA SER E 188 -29.36 3.86 -23.18
CA SER E 188 -29.38 3.87 -23.15
C SER E 188 -29.95 2.74 -24.04
C SER E 188 -29.99 2.86 -24.11
N SER E 189 -31.23 2.47 -23.83
CA SER E 189 -32.01 1.60 -24.69
C SER E 189 -33.24 2.36 -25.14
N VAL E 190 -33.51 2.36 -26.44
CA VAL E 190 -34.61 3.14 -27.00
C VAL E 190 -35.47 2.23 -27.85
N VAL E 191 -36.68 2.69 -28.13
CA VAL E 191 -37.61 1.94 -28.95
C VAL E 191 -38.61 2.92 -29.54
N THR E 192 -38.95 2.70 -30.80
CA THR E 192 -39.97 3.48 -31.48
C THR E 192 -41.25 2.65 -31.54
N VAL E 193 -42.38 3.32 -31.28
CA VAL E 193 -43.65 2.61 -31.15
C VAL E 193 -44.75 3.46 -31.78
N PRO E 194 -45.88 2.84 -32.10
CA PRO E 194 -47.02 3.62 -32.58
C PRO E 194 -47.44 4.63 -31.52
N SER E 195 -47.51 5.90 -31.92
CA SER E 195 -47.92 6.93 -30.98
C SER E 195 -49.30 6.66 -30.41
N SER E 196 -50.16 5.97 -31.17
CA SER E 196 -51.51 5.66 -30.68
C SER E 196 -51.48 4.75 -29.45
N SER E 197 -50.34 4.11 -29.19
CA SER E 197 -50.24 3.20 -28.04
C SER E 197 -49.95 3.93 -26.73
N LEU E 198 -49.47 5.17 -26.79
CA LEU E 198 -49.13 5.93 -25.59
C LEU E 198 -50.36 6.32 -24.80
N GLY E 199 -50.79 5.45 -23.88
CA GLY E 199 -51.98 5.69 -23.10
C GLY E 199 -52.79 4.42 -23.01
N THR E 200 -52.51 3.50 -23.93
CA THR E 200 -53.06 2.15 -23.93
C THR E 200 -52.03 1.11 -23.54
N GLN E 201 -50.82 1.23 -24.06
CA GLN E 201 -49.78 0.22 -23.89
C GLN E 201 -48.79 0.64 -22.83
N THR E 202 -48.55 -0.24 -21.86
CA THR E 202 -47.51 -0.02 -20.86
C THR E 202 -46.15 -0.43 -21.42
N TYR E 203 -45.15 0.41 -21.20
CA TYR E 203 -43.79 0.15 -21.67
C TYR E 203 -42.86 0.11 -20.47
N ILE E 204 -42.19 -1.01 -20.29
CA ILE E 204 -41.29 -1.25 -19.17
C ILE E 204 -39.99 -1.80 -19.72
N CYS E 205 -38.88 -1.18 -19.35
CA CYS E 205 -37.57 -1.71 -19.71
C CYS E 205 -37.07 -2.56 -18.55
N ASN E 206 -36.50 -3.71 -18.88
CA ASN E 206 -36.01 -4.68 -17.89
C ASN E 206 -34.50 -4.73 -18.01
N VAL E 207 -33.81 -4.26 -16.98
CA VAL E 207 -32.36 -4.12 -17.01
C VAL E 207 -31.76 -5.12 -16.02
N ASN E 208 -31.00 -6.07 -16.53
CA ASN E 208 -30.38 -7.09 -15.71
C ASN E 208 -28.88 -6.84 -15.61
N HIS E 209 -28.38 -6.77 -14.37
CA HIS E 209 -26.96 -6.54 -14.08
C HIS E 209 -26.48 -7.68 -13.19
N LYS E 210 -26.11 -8.80 -13.80
CA LYS E 210 -25.68 -9.95 -13.01
C LYS E 210 -24.48 -9.67 -12.12
N PRO E 211 -23.48 -8.89 -12.55
CA PRO E 211 -22.33 -8.65 -11.65
C PRO E 211 -22.73 -8.12 -10.28
N SER E 212 -23.85 -7.42 -10.15
CA SER E 212 -24.32 -6.96 -8.84
C SER E 212 -25.57 -7.72 -8.38
N ASN E 213 -25.98 -8.75 -9.12
CA ASN E 213 -27.20 -9.50 -8.81
C ASN E 213 -28.39 -8.56 -8.65
N THR E 214 -28.47 -7.58 -9.54
CA THR E 214 -29.52 -6.58 -9.50
C THR E 214 -30.25 -6.57 -10.84
N LYS E 215 -31.59 -6.55 -10.77
CA LYS E 215 -32.45 -6.30 -11.92
C LYS E 215 -33.31 -5.08 -11.62
N VAL E 216 -33.38 -4.15 -12.56
CA VAL E 216 -34.19 -2.95 -12.42
C VAL E 216 -35.20 -2.91 -13.54
N ASP E 217 -36.47 -2.74 -13.18
CA ASP E 217 -37.55 -2.51 -14.14
C ASP E 217 -38.03 -1.07 -13.99
N LYS E 218 -38.18 -0.38 -15.12
CA LYS E 218 -38.61 1.01 -15.12
C LYS E 218 -39.80 1.14 -16.04
N LYS E 219 -40.95 1.53 -15.49
CA LYS E 219 -42.09 1.90 -16.30
C LYS E 219 -41.82 3.29 -16.86
N VAL E 220 -41.89 3.42 -18.18
CA VAL E 220 -41.63 4.69 -18.85
C VAL E 220 -42.98 5.30 -19.17
N GLU E 221 -43.35 6.34 -18.45
CA GLU E 221 -44.69 6.88 -18.69
C GLU E 221 -44.62 8.08 -19.63
N PRO E 222 -45.65 8.24 -20.45
CA PRO E 222 -45.67 9.38 -21.38
C PRO E 222 -45.79 10.71 -20.66
N LYS E 223 -45.30 11.75 -21.32
CA LYS E 223 -45.51 13.12 -20.88
C LYS E 223 -46.74 13.65 -21.63
N SER E 224 -47.43 14.59 -21.00
CA SER E 224 -48.66 15.14 -21.57
C SER E 224 -48.39 16.26 -22.58
N CYS E 225 -47.15 16.43 -23.03
CA CYS E 225 -46.82 17.51 -23.93
C CYS E 225 -46.38 17.01 -25.32
N GLU F 1 8.61 -5.97 -34.12
CA GLU F 1 7.42 -6.82 -34.39
C GLU F 1 6.95 -6.64 -35.83
N ILE F 2 6.30 -7.67 -36.35
CA ILE F 2 5.72 -7.62 -37.70
C ILE F 2 4.37 -6.91 -37.61
N VAL F 3 4.26 -5.77 -38.27
CA VAL F 3 3.04 -4.98 -38.23
C VAL F 3 2.18 -5.38 -39.43
N LEU F 4 0.90 -5.65 -39.17
CA LEU F 4 -0.06 -5.99 -40.22
C LEU F 4 -1.02 -4.84 -40.39
N THR F 5 -1.22 -4.41 -41.63
CA THR F 5 -2.11 -3.31 -41.95
C THR F 5 -3.20 -3.83 -42.89
N GLN F 6 -4.45 -3.61 -42.53
CA GLN F 6 -5.58 -3.99 -43.37
C GLN F 6 -6.24 -2.70 -43.86
N SER F 7 -6.23 -2.50 -45.17
CA SER F 7 -6.74 -1.29 -45.79
C SER F 7 -7.48 -1.70 -47.06
N PRO F 8 -8.73 -1.26 -47.26
CA PRO F 8 -9.48 -0.34 -46.38
C PRO F 8 -9.95 -1.00 -45.09
N ALA F 9 -10.23 -0.16 -44.08
CA ALA F 9 -10.75 -0.65 -42.81
C ALA F 9 -12.22 -1.00 -42.90
N THR F 10 -12.93 -0.47 -43.89
CA THR F 10 -14.35 -0.75 -44.09
C THR F 10 -14.62 -0.94 -45.57
N LEU F 11 -15.36 -1.99 -45.89
CA LEU F 11 -15.89 -2.22 -47.24
C LEU F 11 -17.41 -2.15 -47.19
N SER F 12 -18.00 -1.43 -48.14
CA SER F 12 -19.44 -1.31 -48.26
C SER F 12 -19.86 -1.97 -49.58
N LEU F 13 -20.51 -3.13 -49.47
CA LEU F 13 -20.83 -3.94 -50.64
C LEU F 13 -22.23 -4.52 -50.49
N SER F 14 -22.77 -5.00 -51.64
CA SER F 14 -24.10 -5.62 -51.66
C SER F 14 -23.97 -7.14 -51.68
N PRO F 15 -24.98 -7.85 -51.19
CA PRO F 15 -25.00 -9.31 -51.34
C PRO F 15 -24.84 -9.69 -52.81
N GLY F 16 -24.09 -10.77 -53.04
CA GLY F 16 -23.81 -11.23 -54.38
C GLY F 16 -22.58 -10.62 -55.02
N GLU F 17 -22.06 -9.53 -54.46
CA GLU F 17 -20.87 -8.92 -55.01
C GLU F 17 -19.60 -9.61 -54.52
N ARG F 18 -18.50 -9.34 -55.20
CA ARG F 18 -17.19 -9.86 -54.84
C ARG F 18 -16.54 -8.92 -53.84
N ALA F 19 -15.95 -9.50 -52.80
CA ALA F 19 -15.23 -8.75 -51.78
C ALA F 19 -13.77 -9.17 -51.80
N THR F 20 -12.88 -8.18 -51.85
CA THR F 20 -11.44 -8.43 -51.85
C THR F 20 -10.84 -7.69 -50.66
N LEU F 21 -10.34 -8.45 -49.69
CA LEU F 21 -9.77 -7.90 -48.47
C LEU F 21 -8.26 -8.03 -48.51
N SER F 22 -7.57 -6.98 -48.07
CA SER F 22 -6.13 -6.87 -48.15
C SER F 22 -5.49 -6.92 -46.77
N CYS F 23 -4.36 -7.61 -46.67
CA CYS F 23 -3.52 -7.62 -45.49
C CYS F 23 -2.09 -7.42 -45.96
N ARG F 24 -1.42 -6.41 -45.41
CA ARG F 24 -0.06 -6.07 -45.80
C ARG F 24 0.85 -6.14 -44.57
N ALA F 25 1.99 -6.79 -44.72
CA ALA F 25 2.91 -7.01 -43.62
C ALA F 25 4.16 -6.14 -43.77
N SER F 26 4.65 -5.61 -42.64
CA SER F 26 5.84 -4.78 -42.64
C SER F 26 7.12 -5.57 -42.83
N GLN F 27 7.04 -6.89 -42.74
CA GLN F 27 8.16 -7.79 -42.95
C GLN F 27 7.66 -9.04 -43.63
N ASN F 28 8.61 -9.78 -44.18
CA ASN F 28 8.34 -11.02 -44.89
C ASN F 28 7.78 -12.08 -43.97
N VAL F 29 6.54 -12.50 -44.21
CA VAL F 29 5.92 -13.58 -43.45
C VAL F 29 5.74 -14.85 -44.29
N SER F 30 6.23 -14.83 -45.53
CA SER F 30 6.20 -16.00 -46.42
C SER F 30 4.73 -16.40 -46.59
N THR F 31 4.36 -17.66 -46.32
CA THR F 31 2.96 -18.08 -46.45
C THR F 31 2.29 -18.29 -45.10
N TYR F 32 2.91 -17.85 -44.01
CA TYR F 32 2.41 -18.10 -42.66
C TYR F 32 1.44 -16.99 -42.25
N LEU F 33 0.24 -17.06 -42.80
CA LEU F 33 -0.77 -16.02 -42.58
C LEU F 33 -2.13 -16.68 -42.39
N ALA F 34 -2.85 -16.28 -41.35
CA ALA F 34 -4.18 -16.80 -41.04
C ALA F 34 -5.20 -15.67 -41.12
N TRP F 35 -6.44 -16.03 -41.46
CA TRP F 35 -7.56 -15.10 -41.54
C TRP F 35 -8.67 -15.56 -40.61
N TYR F 36 -9.33 -14.61 -39.94
CA TYR F 36 -10.44 -14.91 -39.05
C TYR F 36 -11.62 -14.02 -39.38
N GLN F 37 -12.81 -14.53 -39.06
CA GLN F 37 -14.06 -13.79 -39.16
C GLN F 37 -14.59 -13.60 -37.74
N GLN F 38 -15.15 -12.41 -37.46
CA GLN F 38 -15.79 -12.18 -36.18
C GLN F 38 -17.04 -11.34 -36.37
N LYS F 39 -18.13 -11.80 -35.78
CA LYS F 39 -19.39 -11.10 -35.72
C LYS F 39 -19.61 -10.54 -34.33
N PRO F 40 -20.40 -9.49 -34.20
CA PRO F 40 -20.60 -8.89 -32.87
C PRO F 40 -21.15 -9.89 -31.88
N GLY F 41 -20.55 -9.90 -30.68
CA GLY F 41 -20.99 -10.78 -29.64
C GLY F 41 -20.54 -12.22 -29.76
N GLN F 42 -19.65 -12.52 -30.71
CA GLN F 42 -19.21 -13.88 -30.94
C GLN F 42 -17.69 -13.94 -30.98
N ALA F 43 -17.16 -15.13 -30.70
CA ALA F 43 -15.73 -15.36 -30.80
C ALA F 43 -15.31 -15.40 -32.27
N PRO F 44 -14.02 -15.13 -32.54
CA PRO F 44 -13.51 -15.28 -33.91
C PRO F 44 -13.64 -16.71 -34.41
N ARG F 45 -13.64 -16.84 -35.74
CA ARG F 45 -13.70 -18.12 -36.42
C ARG F 45 -12.61 -18.19 -37.48
N LEU F 46 -11.82 -19.25 -37.44
CA LEU F 46 -10.77 -19.43 -38.43
C LEU F 46 -11.37 -19.64 -39.82
N LEU F 47 -10.85 -18.90 -40.80
CA LEU F 47 -11.22 -19.06 -42.20
C LEU F 47 -10.13 -19.70 -43.03
N MET F 48 -8.87 -19.33 -42.78
CA MET F 48 -7.76 -19.64 -43.66
C MET F 48 -6.49 -19.73 -42.83
N TYR F 49 -5.60 -20.62 -43.21
CA TYR F 49 -4.28 -20.68 -42.62
C TYR F 49 -3.29 -21.06 -43.70
N ASP F 50 -2.00 -20.86 -43.42
CA ASP F 50 -0.96 -21.01 -44.43
C ASP F 50 -1.31 -20.21 -45.68
N ALA F 51 -1.94 -19.05 -45.45
CA ALA F 51 -2.31 -18.09 -46.48
C ALA F 51 -3.46 -18.54 -47.36
N SER F 52 -3.52 -19.82 -47.72
CA SER F 52 -4.47 -20.24 -48.74
C SER F 52 -5.22 -21.54 -48.43
N LYS F 53 -5.00 -22.16 -47.28
CA LYS F 53 -5.69 -23.41 -46.95
C LYS F 53 -6.98 -23.09 -46.21
N ARG F 54 -8.11 -23.44 -46.81
CA ARG F 54 -9.40 -23.20 -46.18
C ARG F 54 -9.52 -24.05 -44.92
N ALA F 55 -10.09 -23.45 -43.86
CA ALA F 55 -10.30 -24.16 -42.62
C ALA F 55 -11.49 -25.11 -42.74
N THR F 56 -11.62 -25.98 -41.74
CA THR F 56 -12.68 -26.98 -41.73
C THR F 56 -14.05 -26.31 -41.83
N GLY F 57 -14.85 -26.77 -42.78
CA GLY F 57 -16.23 -26.31 -42.89
C GLY F 57 -16.42 -24.92 -43.43
N ILE F 58 -15.39 -24.29 -43.97
CA ILE F 58 -15.50 -22.94 -44.52
C ILE F 58 -15.96 -23.04 -45.97
N PRO F 59 -16.99 -22.28 -46.37
CA PRO F 59 -17.47 -22.37 -47.75
C PRO F 59 -16.40 -22.05 -48.77
N ALA F 60 -16.58 -22.61 -49.98
CA ALA F 60 -15.61 -22.44 -51.05
C ALA F 60 -15.56 -21.03 -51.60
N ARG F 61 -16.59 -20.21 -51.35
CA ARG F 61 -16.54 -18.82 -51.82
C ARG F 61 -15.42 -18.03 -51.15
N PHE F 62 -14.81 -18.57 -50.09
CA PHE F 62 -13.66 -17.94 -49.45
C PHE F 62 -12.37 -18.51 -50.04
N SER F 63 -11.50 -17.63 -50.54
CA SER F 63 -10.19 -18.04 -51.03
C SER F 63 -9.14 -17.05 -50.57
N GLY F 64 -8.02 -17.57 -50.10
CA GLY F 64 -6.91 -16.76 -49.65
C GLY F 64 -5.74 -16.86 -50.63
N SER F 65 -5.01 -15.76 -50.76
CA SER F 65 -3.87 -15.73 -51.68
C SER F 65 -2.82 -14.78 -51.14
N GLY F 66 -1.63 -14.87 -51.72
CA GLY F 66 -0.53 -13.98 -51.41
C GLY F 66 0.65 -14.71 -50.82
N SER F 67 1.76 -13.98 -50.75
CA SER F 67 3.00 -14.49 -50.19
C SER F 67 3.92 -13.31 -49.94
N GLY F 68 4.73 -13.42 -48.89
CA GLY F 68 5.68 -12.38 -48.59
C GLY F 68 5.09 -11.27 -47.75
N THR F 69 4.64 -10.21 -48.43
CA THR F 69 4.13 -9.02 -47.76
C THR F 69 2.75 -8.59 -48.20
N GLU F 70 2.18 -9.19 -49.25
CA GLU F 70 0.87 -8.79 -49.77
C GLU F 70 -0.04 -10.00 -49.77
N PHE F 71 -1.19 -9.87 -49.12
CA PHE F 71 -2.13 -10.97 -48.97
C PHE F 71 -3.55 -10.50 -49.25
N THR F 72 -4.37 -11.43 -49.71
CA THR F 72 -5.75 -11.13 -50.06
C THR F 72 -6.65 -12.25 -49.58
N LEU F 73 -7.80 -11.87 -49.02
CA LEU F 73 -8.90 -12.79 -48.77
C LEU F 73 -10.03 -12.36 -49.70
N THR F 74 -10.50 -13.27 -50.54
CA THR F 74 -11.54 -12.98 -51.53
C THR F 74 -12.77 -13.79 -51.20
N ILE F 75 -13.91 -13.11 -51.15
CA ILE F 75 -15.22 -13.75 -51.04
C ILE F 75 -15.85 -13.57 -52.42
N SER F 76 -16.01 -14.69 -53.14
CA SER F 76 -16.40 -14.60 -54.55
C SER F 76 -17.75 -13.92 -54.71
N SER F 77 -18.71 -14.29 -53.88
CA SER F 77 -20.06 -13.73 -53.92
C SER F 77 -20.56 -13.64 -52.48
N LEU F 78 -20.81 -12.42 -52.01
CA LEU F 78 -21.16 -12.22 -50.62
C LEU F 78 -22.54 -12.77 -50.29
N GLU F 79 -22.62 -13.55 -49.22
CA GLU F 79 -23.86 -13.96 -48.61
C GLU F 79 -24.19 -13.07 -47.43
N PRO F 80 -25.46 -13.02 -47.02
CA PRO F 80 -25.83 -12.18 -45.85
C PRO F 80 -24.99 -12.47 -44.61
N GLU F 81 -24.67 -13.75 -44.36
CA GLU F 81 -23.90 -14.11 -43.19
C GLU F 81 -22.44 -13.68 -43.29
N ASP F 82 -22.00 -13.20 -44.44
CA ASP F 82 -20.60 -12.82 -44.64
C ASP F 82 -20.29 -11.38 -44.20
N PHE F 83 -21.30 -10.60 -43.87
CA PHE F 83 -21.08 -9.23 -43.43
C PHE F 83 -20.65 -9.27 -41.96
N ALA F 84 -19.40 -8.93 -41.74
CA ALA F 84 -18.71 -9.18 -40.47
C ALA F 84 -17.36 -8.47 -40.52
N VAL F 85 -16.58 -8.66 -39.48
CA VAL F 85 -15.22 -8.13 -39.41
C VAL F 85 -14.24 -9.24 -39.70
N TYR F 86 -13.16 -8.90 -40.41
CA TYR F 86 -12.14 -9.87 -40.81
C TYR F 86 -10.78 -9.41 -40.34
N TYR F 87 -10.05 -10.33 -39.70
CA TYR F 87 -8.71 -10.08 -39.20
C TYR F 87 -7.70 -11.01 -39.87
N CYS F 88 -6.51 -10.50 -40.15
CA CYS F 88 -5.38 -11.35 -40.49
C CYS F 88 -4.45 -11.45 -39.29
N GLN F 89 -3.69 -12.54 -39.26
CA GLN F 89 -2.74 -12.84 -38.20
C GLN F 89 -1.53 -13.50 -38.82
N GLN F 90 -0.34 -12.97 -38.56
CA GLN F 90 0.88 -13.55 -39.08
C GLN F 90 1.39 -14.62 -38.11
N ARG F 91 1.80 -15.75 -38.67
CA ARG F 91 2.31 -16.88 -37.93
C ARG F 91 3.76 -17.17 -38.32
N ARG F 92 4.47 -16.13 -38.76
CA ARG F 92 5.86 -16.27 -39.19
C ARG F 92 6.82 -16.31 -38.01
N ASN F 93 6.60 -15.47 -37.00
CA ASN F 93 7.51 -15.43 -35.88
C ASN F 93 6.79 -14.95 -34.63
N TRP F 94 7.34 -15.32 -33.49
CA TRP F 94 6.93 -14.73 -32.23
C TRP F 94 7.53 -13.33 -32.12
N PRO F 95 6.79 -12.36 -31.56
CA PRO F 95 5.41 -12.47 -31.05
C PRO F 95 4.37 -12.43 -32.17
N LEU F 96 3.28 -13.16 -31.99
CA LEU F 96 2.20 -13.12 -32.96
C LEU F 96 1.57 -11.73 -33.00
N THR F 97 1.08 -11.36 -34.18
CA THR F 97 0.44 -10.07 -34.35
C THR F 97 -0.76 -10.20 -35.27
N PHE F 98 -1.72 -9.30 -35.07
CA PHE F 98 -2.93 -9.20 -35.86
C PHE F 98 -2.94 -7.88 -36.63
N GLY F 99 -3.60 -7.89 -37.78
CA GLY F 99 -4.03 -6.65 -38.39
C GLY F 99 -5.18 -6.02 -37.62
N GLY F 100 -5.47 -4.76 -37.96
CA GLY F 100 -6.51 -4.03 -37.25
C GLY F 100 -7.92 -4.37 -37.64
N GLY F 101 -8.10 -5.16 -38.68
CA GLY F 101 -9.40 -5.64 -39.08
C GLY F 101 -10.02 -4.84 -40.21
N THR F 102 -10.85 -5.51 -40.99
CA THR F 102 -11.65 -4.88 -42.03
C THR F 102 -13.11 -5.26 -41.85
N LYS F 103 -13.98 -4.26 -41.77
CA LYS F 103 -15.41 -4.49 -41.65
C LYS F 103 -16.05 -4.49 -43.04
N VAL F 104 -16.78 -5.55 -43.34
CA VAL F 104 -17.58 -5.64 -44.55
C VAL F 104 -19.02 -5.35 -44.14
N GLU F 105 -19.52 -4.17 -44.50
CA GLU F 105 -20.88 -3.76 -44.19
C GLU F 105 -21.74 -3.78 -45.44
N ILE F 106 -23.05 -3.75 -45.22
CA ILE F 106 -24.00 -3.75 -46.33
C ILE F 106 -24.15 -2.32 -46.82
N LYS F 107 -23.84 -2.10 -48.09
CA LYS F 107 -24.10 -0.80 -48.72
C LYS F 107 -25.60 -0.69 -48.99
N ARG F 108 -26.16 0.47 -48.68
CA ARG F 108 -27.55 0.76 -48.98
C ARG F 108 -27.65 2.24 -49.36
N THR F 109 -28.87 2.67 -49.67
CA THR F 109 -29.09 4.06 -50.01
C THR F 109 -28.97 4.92 -48.77
N VAL F 110 -28.64 6.19 -48.99
CA VAL F 110 -28.60 7.14 -47.88
C VAL F 110 -29.97 7.17 -47.22
N ALA F 111 -29.98 7.34 -45.90
CA ALA F 111 -31.21 7.45 -45.14
C ALA F 111 -30.95 8.45 -44.02
N ALA F 112 -31.70 9.54 -44.01
CA ALA F 112 -31.51 10.56 -42.99
C ALA F 112 -32.01 10.02 -41.66
N PRO F 113 -31.34 10.35 -40.56
CA PRO F 113 -31.82 9.88 -39.26
C PRO F 113 -33.09 10.62 -38.85
N SER F 114 -33.94 9.91 -38.12
CA SER F 114 -34.96 10.56 -37.32
C SER F 114 -34.28 10.99 -36.02
N VAL F 115 -34.29 12.28 -35.72
CA VAL F 115 -33.54 12.83 -34.61
C VAL F 115 -34.51 13.24 -33.50
N PHE F 116 -34.25 12.74 -32.29
CA PHE F 116 -35.05 13.05 -31.11
C PHE F 116 -34.11 13.50 -30.00
N ILE F 117 -34.58 14.43 -29.17
CA ILE F 117 -33.79 14.92 -28.05
C ILE F 117 -34.62 14.77 -26.78
N PHE F 118 -34.01 14.20 -25.73
CA PHE F 118 -34.68 13.92 -24.47
C PHE F 118 -34.11 14.81 -23.37
N PRO F 119 -34.91 15.64 -22.72
CA PRO F 119 -34.43 16.35 -21.53
C PRO F 119 -34.16 15.37 -20.40
N PRO F 120 -33.45 15.80 -19.36
CA PRO F 120 -33.30 14.95 -18.18
C PRO F 120 -34.64 14.65 -17.53
N SER F 121 -34.77 13.44 -17.00
CA SER F 121 -35.97 13.11 -16.25
C SER F 121 -35.98 13.93 -14.96
N ASP F 122 -37.18 14.30 -14.51
CA ASP F 122 -37.29 14.93 -13.19
C ASP F 122 -36.71 14.01 -12.12
N GLU F 123 -36.89 12.71 -12.28
CA GLU F 123 -36.33 11.76 -11.32
C GLU F 123 -34.82 11.92 -11.24
N GLN F 124 -34.14 11.95 -12.39
CA GLN F 124 -32.70 12.09 -12.37
C GLN F 124 -32.28 13.42 -11.78
N LEU F 125 -32.99 14.50 -12.11
CA LEU F 125 -32.59 15.81 -11.58
C LEU F 125 -32.62 15.80 -10.06
N LYS F 126 -33.59 15.09 -9.47
CA LYS F 126 -33.61 14.93 -8.03
C LYS F 126 -32.30 14.31 -7.53
N SER F 127 -31.63 13.53 -8.38
CA SER F 127 -30.36 12.91 -8.00
C SER F 127 -29.19 13.88 -8.11
N GLY F 128 -29.41 15.09 -8.64
CA GLY F 128 -28.36 16.07 -8.76
C GLY F 128 -27.58 16.06 -10.05
N THR F 129 -27.96 15.22 -11.01
CA THR F 129 -27.28 15.16 -12.31
C THR F 129 -28.31 15.31 -13.42
N ALA F 130 -27.83 15.76 -14.58
CA ALA F 130 -28.66 15.95 -15.75
C ALA F 130 -28.00 15.26 -16.93
N SER F 131 -28.73 14.34 -17.56
CA SER F 131 -28.30 13.71 -18.80
C SER F 131 -29.27 14.11 -19.88
N VAL F 132 -28.77 14.70 -20.97
CA VAL F 132 -29.56 15.05 -22.14
C VAL F 132 -29.17 14.06 -23.22
N VAL F 133 -30.16 13.37 -23.77
CA VAL F 133 -29.92 12.27 -24.71
C VAL F 133 -30.45 12.69 -26.07
N CYS F 134 -29.59 12.62 -27.07
CA CYS F 134 -29.94 12.87 -28.46
C CYS F 134 -29.83 11.55 -29.21
N LEU F 135 -30.88 11.22 -29.96
CA LEU F 135 -30.98 9.95 -30.65
C LEU F 135 -31.05 10.21 -32.15
N LEU F 136 -30.16 9.55 -32.90
CA LEU F 136 -30.20 9.51 -34.35
C LEU F 136 -30.64 8.11 -34.74
N ASN F 137 -31.88 7.97 -35.21
CA ASN F 137 -32.47 6.66 -35.39
C ASN F 137 -32.53 6.26 -36.86
N ASN F 138 -31.90 5.13 -37.18
CA ASN F 138 -32.07 4.42 -38.44
C ASN F 138 -31.60 5.26 -39.63
N PHE F 139 -30.29 5.43 -39.71
CA PHE F 139 -29.69 6.25 -40.77
C PHE F 139 -28.56 5.50 -41.46
N TYR F 140 -28.17 6.03 -42.61
CA TYR F 140 -27.07 5.51 -43.41
C TYR F 140 -26.56 6.66 -44.27
N PRO F 141 -25.25 6.84 -44.42
CA PRO F 141 -24.17 6.01 -43.85
C PRO F 141 -23.90 6.30 -42.38
N ARG F 142 -22.99 5.50 -41.80
CA ARG F 142 -22.69 5.59 -40.37
C ARG F 142 -22.07 6.92 -39.98
N GLU F 143 -21.30 7.53 -40.87
CA GLU F 143 -20.56 8.74 -40.52
C GLU F 143 -21.48 9.93 -40.33
N ALA F 144 -21.35 10.60 -39.17
CA ALA F 144 -22.17 11.76 -38.85
C ALA F 144 -21.47 12.57 -37.78
N LYS F 145 -21.59 13.89 -37.87
CA LYS F 145 -21.04 14.81 -36.88
C LYS F 145 -22.18 15.31 -36.00
N VAL F 146 -22.08 15.03 -34.71
CA VAL F 146 -23.10 15.41 -33.72
C VAL F 146 -22.46 16.39 -32.76
N GLN F 147 -23.07 17.57 -32.63
CA GLN F 147 -22.55 18.60 -31.74
C GLN F 147 -23.67 19.12 -30.84
N TRP F 148 -23.29 19.47 -29.62
CA TRP F 148 -24.22 20.05 -28.66
C TRP F 148 -24.01 21.55 -28.59
N LYS F 149 -25.11 22.28 -28.50
CA LYS F 149 -25.09 23.72 -28.26
C LYS F 149 -26.05 24.00 -27.11
N VAL F 150 -25.60 24.80 -26.15
CA VAL F 150 -26.41 25.21 -25.01
C VAL F 150 -26.47 26.72 -25.03
N ASP F 151 -27.69 27.26 -25.16
CA ASP F 151 -27.87 28.70 -25.42
C ASP F 151 -26.95 29.15 -26.53
N ASN F 152 -26.89 28.34 -27.59
CA ASN F 152 -26.15 28.56 -28.82
C ASN F 152 -24.64 28.51 -28.65
N ALA F 153 -24.14 28.10 -27.49
CA ALA F 153 -22.71 27.94 -27.26
C ALA F 153 -22.30 26.50 -27.49
N LEU F 154 -21.29 26.30 -28.34
CA LEU F 154 -20.84 24.95 -28.67
C LEU F 154 -20.16 24.31 -27.45
N GLN F 155 -20.59 23.09 -27.13
CA GLN F 155 -20.06 22.34 -26.00
C GLN F 155 -18.86 21.50 -26.42
N SER F 156 -17.99 21.23 -25.45
CA SER F 156 -16.85 20.35 -25.66
C SER F 156 -16.55 19.57 -24.41
N GLY F 157 -16.24 18.28 -24.57
CA GLY F 157 -15.74 17.46 -23.49
C GLY F 157 -16.77 16.94 -22.52
N ASN F 158 -18.06 17.23 -22.72
CA ASN F 158 -19.09 16.80 -21.79
C ASN F 158 -20.17 15.95 -22.46
N SER F 159 -19.83 15.30 -23.57
CA SER F 159 -20.76 14.39 -24.24
C SER F 159 -20.03 13.13 -24.66
N GLN F 160 -20.78 12.03 -24.75
CA GLN F 160 -20.26 10.76 -25.22
C GLN F 160 -21.25 10.15 -26.21
N GLU F 161 -20.73 9.45 -27.21
CA GLU F 161 -21.55 8.84 -28.24
C GLU F 161 -21.44 7.33 -28.21
N SER F 162 -22.48 6.67 -28.74
CA SER F 162 -22.50 5.23 -28.91
C SER F 162 -23.28 4.91 -30.18
N VAL F 163 -22.88 3.85 -30.87
CA VAL F 163 -23.45 3.47 -32.16
C VAL F 163 -23.79 1.98 -32.15
N THR F 164 -24.94 1.64 -32.72
CA THR F 164 -25.34 0.25 -32.84
C THR F 164 -24.62 -0.42 -34.00
N GLU F 165 -24.68 -1.75 -34.02
CA GLU F 165 -24.27 -2.51 -35.19
C GLU F 165 -25.32 -2.36 -36.29
N GLN F 166 -24.90 -2.62 -37.53
CA GLN F 166 -25.79 -2.42 -38.67
C GLN F 166 -27.03 -3.30 -38.54
N ASP F 167 -28.20 -2.71 -38.77
CA ASP F 167 -29.44 -3.44 -38.59
C ASP F 167 -29.55 -4.57 -39.62
N SER F 168 -29.99 -5.74 -39.16
CA SER F 168 -30.06 -6.90 -40.03
C SER F 168 -31.17 -6.76 -41.07
N LYS F 169 -32.22 -5.99 -40.77
CA LYS F 169 -33.36 -5.84 -41.66
C LYS F 169 -33.23 -4.68 -42.64
N ASP F 170 -32.91 -3.48 -42.17
CA ASP F 170 -32.87 -2.31 -43.03
C ASP F 170 -31.47 -1.74 -43.22
N SER F 171 -30.44 -2.39 -42.66
CA SER F 171 -29.04 -2.04 -42.90
C SER F 171 -28.71 -0.62 -42.45
N THR F 172 -29.49 -0.06 -41.53
CA THR F 172 -29.18 1.26 -41.01
C THR F 172 -28.38 1.15 -39.71
N TYR F 173 -27.91 2.31 -39.26
CA TYR F 173 -27.26 2.47 -37.97
C TYR F 173 -28.12 3.40 -37.11
N SER F 174 -27.93 3.31 -35.81
CA SER F 174 -28.49 4.28 -34.89
C SER F 174 -27.38 4.74 -33.95
N LEU F 175 -27.53 5.97 -33.44
CA LEU F 175 -26.49 6.62 -32.66
C LEU F 175 -27.12 7.41 -31.52
N SER F 176 -26.47 7.40 -30.37
CA SER F 176 -26.86 8.22 -29.23
C SER F 176 -25.69 9.13 -28.86
N SER F 177 -26.02 10.38 -28.51
CA SER F 177 -25.08 11.32 -27.91
C SER F 177 -25.70 11.82 -26.62
N THR F 178 -24.94 11.79 -25.53
CA THR F 178 -25.46 12.13 -24.21
C THR F 178 -24.63 13.26 -23.62
N LEU F 179 -25.29 14.37 -23.32
CA LEU F 179 -24.68 15.51 -22.65
C LEU F 179 -24.92 15.38 -21.15
N THR F 180 -23.85 15.41 -20.36
CA THR F 180 -23.94 15.26 -18.92
C THR F 180 -23.53 16.56 -18.23
N LEU F 181 -24.39 17.02 -17.32
CA LEU F 181 -24.17 18.23 -16.54
C LEU F 181 -24.74 18.01 -15.14
N SER F 182 -24.31 18.82 -14.19
CA SER F 182 -24.91 18.81 -12.86
C SER F 182 -26.32 19.39 -12.94
N LYS F 183 -27.13 19.12 -11.90
CA LYS F 183 -28.43 19.78 -11.84
C LYS F 183 -28.27 21.29 -11.87
N ALA F 184 -27.27 21.82 -11.16
CA ALA F 184 -27.08 23.27 -11.09
C ALA F 184 -26.68 23.84 -12.44
N ASP F 185 -25.70 23.25 -13.11
CA ASP F 185 -25.31 23.75 -14.42
C ASP F 185 -26.47 23.67 -15.41
N TYR F 186 -27.22 22.57 -15.39
CA TYR F 186 -28.33 22.42 -16.32
C TYR F 186 -29.34 23.55 -16.18
N GLU F 187 -29.64 23.94 -14.93
CA GLU F 187 -30.62 24.98 -14.67
C GLU F 187 -30.09 26.38 -14.93
N LYS F 188 -28.83 26.51 -15.32
CA LYS F 188 -28.21 27.78 -15.64
C LYS F 188 -28.38 28.19 -17.10
N HIS F 189 -28.99 27.35 -17.93
CA HIS F 189 -29.12 27.62 -19.36
C HIS F 189 -30.53 27.26 -19.80
N LYS F 190 -30.98 27.82 -20.93
CA LYS F 190 -32.35 27.63 -21.39
C LYS F 190 -32.44 26.68 -22.58
N VAL F 191 -31.73 26.96 -23.67
CA VAL F 191 -31.89 26.22 -24.92
C VAL F 191 -30.87 25.08 -24.96
N TYR F 192 -31.35 23.86 -25.19
CA TYR F 192 -30.49 22.71 -25.40
C TYR F 192 -30.70 22.16 -26.80
N ALA F 193 -29.61 21.99 -27.54
CA ALA F 193 -29.70 21.67 -28.96
C ALA F 193 -28.68 20.62 -29.34
N CYS F 194 -29.14 19.64 -30.12
CA CYS F 194 -28.30 18.60 -30.70
C CYS F 194 -28.29 18.79 -32.20
N GLU F 195 -27.11 19.03 -32.76
CA GLU F 195 -26.96 19.31 -34.19
C GLU F 195 -26.30 18.12 -34.88
N VAL F 196 -26.94 17.60 -35.92
CA VAL F 196 -26.47 16.45 -36.66
C VAL F 196 -26.17 16.90 -38.09
N THR F 197 -24.95 16.65 -38.54
CA THR F 197 -24.51 17.03 -39.86
C THR F 197 -24.08 15.80 -40.65
N GLN F 198 -24.64 15.64 -41.84
CA GLN F 198 -24.17 14.66 -42.82
C GLN F 198 -24.15 15.36 -44.18
N GLY F 199 -23.01 15.30 -44.85
CA GLY F 199 -22.91 15.96 -46.15
C GLY F 199 -23.21 17.43 -46.05
N THR F 200 -24.18 17.88 -46.85
CA THR F 200 -24.51 19.30 -46.97
C THR F 200 -25.74 19.68 -46.16
N THR F 201 -26.15 18.85 -45.22
CA THR F 201 -27.34 19.10 -44.43
C THR F 201 -27.02 18.99 -42.94
N SER F 202 -27.45 19.99 -42.17
CA SER F 202 -27.45 19.90 -40.72
C SER F 202 -28.90 19.97 -40.25
N VAL F 203 -29.26 19.08 -39.32
CA VAL F 203 -30.56 19.09 -38.68
C VAL F 203 -30.33 19.24 -37.18
N THR F 204 -30.98 20.23 -36.58
CA THR F 204 -30.82 20.53 -35.16
C THR F 204 -32.17 20.38 -34.46
N LYS F 205 -32.20 19.54 -33.43
CA LYS F 205 -33.35 19.36 -32.57
C LYS F 205 -33.03 19.98 -31.21
N SER F 206 -34.00 20.69 -30.64
CA SER F 206 -33.75 21.46 -29.44
C SER F 206 -34.96 21.43 -28.53
N PHE F 207 -34.77 21.86 -27.29
CA PHE F 207 -35.87 22.13 -26.37
C PHE F 207 -35.47 23.29 -25.47
N ASN F 208 -36.48 23.90 -24.86
CA ASN F 208 -36.29 24.89 -23.81
C ASN F 208 -36.51 24.21 -22.47
N ARG F 209 -35.56 24.37 -21.55
CA ARG F 209 -35.61 23.64 -20.29
C ARG F 209 -36.94 23.74 -19.56
N GLY F 210 -37.63 24.87 -19.69
CA GLY F 210 -38.88 25.02 -18.96
C GLY F 210 -39.97 24.06 -19.40
N GLU F 211 -40.04 23.78 -20.70
CA GLU F 211 -41.19 23.11 -21.29
C GLU F 211 -41.15 21.60 -21.26
N PCA G 1 -1.84 43.18 37.77
CA PCA G 1 -2.07 41.80 38.26
CB PCA G 1 -3.21 41.83 39.28
CG PCA G 1 -3.87 43.17 38.92
CD PCA G 1 -2.85 43.98 38.13
OE PCA G 1 -2.95 45.18 37.86
C PCA G 1 -2.45 40.86 37.12
O PCA G 1 -2.97 41.29 36.09
H PCA G 1 -1.65 43.72 38.46
HA PCA G 1 -1.27 41.47 38.66
HB2 PCA G 1 -2.87 41.80 40.19
HB3 PCA G 1 -3.80 41.07 39.17
HG2 PCA G 1 -4.12 43.68 39.70
HG3 PCA G 1 -4.67 43.06 38.38
N VAL G 2 -2.16 39.57 37.30
CA VAL G 2 -2.63 38.55 36.38
C VAL G 2 -4.15 38.52 36.45
N GLN G 3 -4.81 38.64 35.30
CA GLN G 3 -6.26 38.60 35.24
C GLN G 3 -6.71 37.69 34.10
N LEU G 4 -7.75 36.91 34.38
CA LEU G 4 -8.41 36.05 33.40
C LEU G 4 -9.90 36.33 33.53
N VAL G 5 -10.54 36.70 32.42
CA VAL G 5 -11.95 37.09 32.44
C VAL G 5 -12.69 36.30 31.37
N GLU G 6 -13.56 35.39 31.79
CA GLU G 6 -14.37 34.62 30.88
C GLU G 6 -15.62 35.38 30.47
N SER G 7 -16.05 35.15 29.23
CA SER G 7 -17.33 35.65 28.75
C SER G 7 -17.94 34.61 27.82
N GLY G 8 -19.21 34.83 27.47
CA GLY G 8 -19.91 33.99 26.54
C GLY G 8 -20.89 33.01 27.15
N GLY G 9 -20.98 32.95 28.47
CA GLY G 9 -21.91 32.04 29.09
C GLY G 9 -23.33 32.51 28.95
N GLY G 10 -24.26 31.57 29.09
CA GLY G 10 -25.67 31.87 28.99
C GLY G 10 -26.47 30.60 28.78
N LEU G 11 -27.70 30.79 28.34
CA LEU G 11 -28.65 29.70 28.15
C LEU G 11 -28.57 29.14 26.74
N VAL G 12 -28.63 27.81 26.65
CA VAL G 12 -28.56 27.12 25.37
C VAL G 12 -29.50 25.92 25.42
N LYS G 13 -30.19 25.65 24.32
CA LYS G 13 -31.03 24.47 24.25
C LYS G 13 -30.17 23.22 24.07
N PRO G 14 -30.65 22.06 24.55
CA PRO G 14 -29.91 20.82 24.31
C PRO G 14 -29.67 20.60 22.82
N GLY G 15 -28.44 20.19 22.50
CA GLY G 15 -28.01 20.06 21.13
C GLY G 15 -27.48 21.33 20.50
N GLY G 16 -27.62 22.46 21.19
CA GLY G 16 -27.16 23.73 20.67
C GLY G 16 -25.67 23.91 20.84
N SER G 17 -25.21 25.10 20.48
CA SER G 17 -23.79 25.45 20.49
C SER G 17 -23.58 26.73 21.28
N LEU G 18 -22.40 26.85 21.88
CA LEU G 18 -22.02 28.05 22.60
C LEU G 18 -20.50 28.19 22.52
N ARG G 19 -20.02 29.41 22.41
CA ARG G 19 -18.59 29.70 22.36
C ARG G 19 -18.19 30.55 23.56
N LEU G 20 -17.30 30.02 24.40
CA LEU G 20 -16.74 30.76 25.51
C LEU G 20 -15.41 31.41 25.12
N SER G 21 -15.13 32.57 25.73
CA SER G 21 -13.87 33.25 25.55
C SER G 21 -13.30 33.59 26.92
N CYS G 22 -11.98 33.74 26.96
CA CYS G 22 -11.25 34.07 28.18
C CYS G 22 -10.13 35.04 27.82
N ALA G 23 -10.24 36.27 28.28
CA ALA G 23 -9.26 37.31 27.99
C ALA G 23 -8.20 37.35 29.07
N ALA G 24 -6.93 37.29 28.66
CA ALA G 24 -5.80 37.27 29.57
C ALA G 24 -5.09 38.62 29.56
N SER G 25 -4.68 39.07 30.74
CA SER G 25 -3.91 40.29 30.88
C SER G 25 -2.97 40.15 32.08
N GLY G 26 -1.92 40.96 32.07
CA GLY G 26 -0.96 40.97 33.17
C GLY G 26 0.16 39.97 33.03
N PHE G 27 0.25 39.31 31.89
CA PHE G 27 1.34 38.39 31.60
C PHE G 27 1.34 38.18 30.09
N THR G 28 2.41 37.56 29.59
CA THR G 28 2.53 37.28 28.17
C THR G 28 1.76 36.00 27.87
N PHE G 29 0.56 36.16 27.31
CA PHE G 29 -0.31 35.00 27.09
C PHE G 29 0.40 33.92 26.28
N SER G 30 1.15 34.33 25.25
CA SER G 30 1.82 33.36 24.38
C SER G 30 2.92 32.57 25.10
N ASP G 31 3.30 32.96 26.31
CA ASP G 31 4.29 32.22 27.07
C ASP G 31 3.69 31.17 27.99
N TYR G 32 2.38 30.97 27.97
CA TYR G 32 1.72 30.06 28.90
C TYR G 32 0.72 29.15 28.21
N TYR G 33 0.55 27.98 28.82
CA TYR G 33 -0.48 27.02 28.44
C TYR G 33 -1.69 27.18 29.35
N MET G 34 -2.83 26.64 28.91
CA MET G 34 -4.10 26.93 29.55
C MET G 34 -5.01 25.70 29.59
N SER G 35 -5.95 25.73 30.53
CA SER G 35 -7.00 24.73 30.62
C SER G 35 -8.35 25.39 30.90
N TRP G 36 -9.41 24.69 30.52
CA TRP G 36 -10.77 24.97 30.98
C TRP G 36 -11.15 23.93 32.02
N ILE G 37 -11.73 24.38 33.12
CA ILE G 37 -12.21 23.52 34.19
C ILE G 37 -13.62 23.98 34.53
N ARG G 38 -14.52 23.03 34.77
CA ARG G 38 -15.90 23.40 35.05
C ARG G 38 -16.37 22.82 36.37
N GLN G 39 -17.49 23.35 36.85
CA GLN G 39 -18.02 22.97 38.16
C GLN G 39 -19.54 23.05 38.10
N ALA G 40 -20.19 21.89 38.11
CA ALA G 40 -21.64 21.86 38.16
C ALA G 40 -22.13 22.38 39.52
N PRO G 41 -23.34 22.93 39.57
CA PRO G 41 -23.83 23.52 40.83
C PRO G 41 -23.81 22.49 41.96
N GLY G 42 -23.17 22.86 43.06
CA GLY G 42 -23.09 22.00 44.21
C GLY G 42 -22.14 20.83 44.08
N LYS G 43 -21.37 20.75 43.01
CA LYS G 43 -20.49 19.61 42.79
C LYS G 43 -19.04 20.08 42.75
N GLY G 44 -18.14 19.14 42.49
CA GLY G 44 -16.72 19.39 42.50
C GLY G 44 -16.20 19.89 41.16
N LEU G 45 -14.87 19.98 41.09
CA LEU G 45 -14.21 20.45 39.88
C LEU G 45 -14.05 19.32 38.87
N GLU G 46 -14.22 19.65 37.59
CA GLU G 46 -14.06 18.69 36.51
C GLU G 46 -13.25 19.33 35.40
N TRP G 47 -12.05 18.79 35.15
CA TRP G 47 -11.24 19.29 34.06
C TRP G 47 -11.91 19.02 32.73
N VAL G 48 -11.82 20.00 31.81
CA VAL G 48 -12.53 19.94 30.54
C VAL G 48 -11.56 19.79 29.38
N SER G 49 -10.57 20.67 29.28
N SER G 49 -10.56 20.68 29.28
CA SER G 49 -9.64 20.62 28.17
CA SER G 49 -9.68 20.69 28.12
C SER G 49 -8.38 21.38 28.52
C SER G 49 -8.44 21.51 28.41
N TYR G 50 -7.36 21.18 27.68
CA TYR G 50 -6.06 21.81 27.85
C TYR G 50 -5.51 22.17 26.47
N ILE G 51 -4.78 23.28 26.40
CA ILE G 51 -4.09 23.67 25.17
C ILE G 51 -2.68 24.11 25.52
N GLY G 52 -1.71 23.66 24.71
CA GLY G 52 -0.34 24.07 24.86
C GLY G 52 0.03 25.25 24.00
N SER G 53 1.18 25.19 23.31
CA SER G 53 1.69 26.35 22.60
C SER G 53 0.79 26.76 21.43
N SER G 54 0.05 25.81 20.86
CA SER G 54 -0.82 26.12 19.73
C SER G 54 -1.98 25.13 19.71
N ASN G 55 -2.92 25.39 18.79
CA ASN G 55 -4.05 24.48 18.60
C ASN G 55 -3.62 23.07 18.24
N THR G 56 -2.35 22.85 17.90
CA THR G 56 -1.87 21.51 17.60
C THR G 56 -1.75 20.63 18.83
N TYR G 57 -1.61 21.22 20.01
CA TYR G 57 -1.32 20.48 21.23
C TYR G 57 -2.48 20.70 22.20
N THR G 58 -3.37 19.71 22.27
CA THR G 58 -4.58 19.80 23.06
C THR G 58 -4.86 18.45 23.71
N SER G 59 -5.73 18.50 24.72
CA SER G 59 -6.21 17.29 25.38
C SER G 59 -7.61 17.59 25.89
N TYR G 60 -8.43 16.55 25.96
CA TYR G 60 -9.83 16.72 26.28
C TYR G 60 -10.27 15.64 27.26
N ALA G 61 -11.24 16.00 28.10
CA ALA G 61 -11.92 15.01 28.91
C ALA G 61 -12.75 14.09 28.01
N ALA G 62 -12.87 12.83 28.42
CA ALA G 62 -13.60 11.87 27.61
C ALA G 62 -15.04 12.33 27.37
N SER G 63 -15.64 12.97 28.37
CA SER G 63 -17.04 13.36 28.25
C SER G 63 -17.29 14.47 27.24
N VAL G 64 -16.25 15.18 26.77
CA VAL G 64 -16.43 16.27 25.82
C VAL G 64 -15.72 16.06 24.50
N LYS G 65 -14.81 15.10 24.39
CA LYS G 65 -14.11 14.90 23.12
C LYS G 65 -15.12 14.63 22.00
N GLY G 66 -14.88 15.27 20.86
CA GLY G 66 -15.78 15.24 19.73
C GLY G 66 -16.82 16.33 19.73
N ARG G 67 -17.11 16.91 20.90
CA ARG G 67 -18.09 17.98 21.03
C ARG G 67 -17.48 19.35 21.29
N PHE G 68 -16.44 19.43 22.11
CA PHE G 68 -15.80 20.69 22.46
C PHE G 68 -14.47 20.83 21.73
N THR G 69 -14.11 22.06 21.40
CA THR G 69 -12.82 22.37 20.82
C THR G 69 -12.21 23.55 21.55
N ILE G 70 -11.01 23.36 22.06
CA ILE G 70 -10.26 24.44 22.71
C ILE G 70 -9.34 25.05 21.68
N SER G 71 -9.18 26.38 21.73
CA SER G 71 -8.32 27.07 20.82
C SER G 71 -7.83 28.35 21.49
N ARG G 72 -6.83 28.97 20.88
CA ARG G 72 -6.25 30.21 21.40
C ARG G 72 -5.93 31.13 20.24
N ASP G 73 -5.95 32.44 20.54
CA ASP G 73 -5.53 33.48 19.59
C ASP G 73 -4.59 34.41 20.35
N ASN G 74 -3.29 34.16 20.22
CA ASN G 74 -2.31 34.93 20.98
C ASN G 74 -2.35 36.42 20.62
N ALA G 75 -2.72 36.75 19.38
CA ALA G 75 -2.80 38.16 19.00
C ALA G 75 -3.87 38.90 19.79
N LYS G 76 -4.88 38.17 20.26
CA LYS G 76 -5.98 38.72 21.04
C LYS G 76 -5.87 38.40 22.53
N ASN G 77 -4.78 37.74 22.94
CA ASN G 77 -4.61 37.36 24.34
C ASN G 77 -5.82 36.60 24.85
N SER G 78 -6.37 35.71 24.01
CA SER G 78 -7.65 35.09 24.29
C SER G 78 -7.58 33.59 24.14
N LEU G 79 -8.28 32.90 25.05
CA LEU G 79 -8.51 31.47 25.01
C LEU G 79 -9.99 31.25 24.70
N TYR G 80 -10.29 30.15 24.00
CA TYR G 80 -11.66 29.90 23.58
C TYR G 80 -12.04 28.44 23.83
N LEU G 81 -13.35 28.22 24.01
CA LEU G 81 -13.92 26.87 24.09
C LEU G 81 -15.18 26.86 23.24
N GLN G 82 -15.11 26.17 22.09
CA GLN G 82 -16.28 25.98 21.25
C GLN G 82 -17.02 24.73 21.73
N MET G 83 -18.28 24.89 22.12
CA MET G 83 -19.06 23.79 22.66
C MET G 83 -20.23 23.49 21.73
N ASN G 84 -20.22 22.30 21.14
CA ASN G 84 -21.29 21.83 20.27
C ASN G 84 -21.99 20.64 20.92
N SER G 85 -23.18 20.33 20.41
CA SER G 85 -23.96 19.19 20.87
C SER G 85 -24.08 19.19 22.40
N LEU G 86 -24.44 20.34 22.93
CA LEU G 86 -24.50 20.54 24.37
C LEU G 86 -25.62 19.69 25.00
N ARG G 87 -25.36 19.26 26.23
CA ARG G 87 -26.25 18.41 27.02
C ARG G 87 -26.55 19.09 28.35
N ALA G 88 -27.70 18.74 28.94
CA ALA G 88 -28.06 19.30 30.23
C ALA G 88 -26.96 19.12 31.25
N GLU G 89 -26.26 17.97 31.19
CA GLU G 89 -25.16 17.67 32.10
C GLU G 89 -23.94 18.55 31.88
N ASP G 90 -23.88 19.32 30.79
CA ASP G 90 -22.82 20.30 30.62
C ASP G 90 -23.07 21.59 31.41
N THR G 91 -24.25 21.71 32.04
CA THR G 91 -24.56 22.89 32.82
C THR G 91 -23.55 23.03 33.95
N ALA G 92 -22.89 24.19 34.01
CA ALA G 92 -21.82 24.39 34.98
C ALA G 92 -21.26 25.79 34.86
N VAL G 93 -20.51 26.19 35.88
CA VAL G 93 -19.61 27.33 35.79
C VAL G 93 -18.34 26.85 35.09
N TYR G 94 -17.89 27.59 34.09
CA TYR G 94 -16.68 27.26 33.34
C TYR G 94 -15.59 28.26 33.68
N TYR G 95 -14.45 27.76 34.16
CA TYR G 95 -13.29 28.57 34.48
C TYR G 95 -12.19 28.36 33.45
N CYS G 96 -11.54 29.44 33.03
CA CYS G 96 -10.26 29.33 32.36
C CYS G 96 -9.15 29.53 33.39
N ALA G 97 -8.07 28.77 33.26
CA ALA G 97 -7.02 28.76 34.25
C ALA G 97 -5.67 28.61 33.57
N ARG G 98 -4.68 29.34 34.07
CA ARG G 98 -3.33 29.29 33.55
C ARG G 98 -2.58 28.10 34.13
N GLU G 99 -1.74 27.47 33.32
CA GLU G 99 -0.99 26.30 33.70
C GLU G 99 0.44 26.66 34.10
N ILE G 100 0.99 25.91 35.06
CA ILE G 100 2.40 25.97 35.37
C ILE G 100 3.14 24.97 34.49
N GLU G 101 4.21 25.41 33.85
CA GLU G 101 5.04 24.55 33.02
C GLU G 101 6.46 24.53 33.56
N ARG G 102 7.04 23.34 33.65
CA ARG G 102 8.47 23.20 33.92
C ARG G 102 8.95 21.90 33.32
N SER G 103 10.07 21.97 32.59
CA SER G 103 10.71 20.79 32.01
C SER G 103 9.77 20.05 31.06
N GLY G 104 8.96 20.81 30.31
CA GLY G 104 8.08 20.24 29.33
C GLY G 104 6.84 19.56 29.88
N TRP G 105 6.53 19.75 31.16
CA TRP G 105 5.38 19.14 31.79
C TRP G 105 4.56 20.22 32.49
N VAL G 106 3.24 20.13 32.36
CA VAL G 106 2.34 21.05 33.06
C VAL G 106 1.97 20.42 34.40
N ARG G 107 1.81 21.27 35.42
CA ARG G 107 1.87 20.81 36.80
C ARG G 107 0.82 21.42 37.72
N GLY G 108 -0.09 22.22 37.23
CA GLY G 108 -1.10 22.83 38.07
C GLY G 108 -1.53 24.18 37.52
N ASN G 109 -2.62 24.69 38.08
CA ASN G 109 -3.24 25.93 37.62
C ASN G 109 -3.03 27.02 38.65
N ASP G 110 -2.16 27.98 38.35
CA ASP G 110 -1.79 28.97 39.34
C ASP G 110 -2.67 30.22 39.32
N TYR G 111 -3.42 30.46 38.24
CA TYR G 111 -4.35 31.58 38.21
C TYR G 111 -5.64 31.15 37.52
N TRP G 112 -6.75 31.58 38.09
CA TRP G 112 -8.08 31.20 37.64
C TRP G 112 -8.90 32.45 37.35
N GLY G 113 -9.80 32.34 36.37
CA GLY G 113 -10.80 33.36 36.17
C GLY G 113 -11.91 33.20 37.19
N ARG G 114 -12.86 34.12 37.17
CA ARG G 114 -13.99 33.98 38.08
C ARG G 114 -15.12 33.11 37.54
N GLY G 115 -15.03 32.69 36.29
CA GLY G 115 -15.99 31.75 35.75
C GLY G 115 -17.15 32.43 35.04
N THR G 116 -17.78 31.67 34.15
CA THR G 116 -19.00 32.08 33.46
C THR G 116 -19.97 30.90 33.46
N LEU G 117 -21.23 31.20 33.73
CA LEU G 117 -22.23 30.16 33.91
C LEU G 117 -22.86 29.77 32.58
N VAL G 118 -22.84 28.46 32.28
CA VAL G 118 -23.47 27.89 31.10
C VAL G 118 -24.63 27.03 31.57
N THR G 119 -25.85 27.33 31.09
CA THR G 119 -27.04 26.56 31.40
C THR G 119 -27.56 25.92 30.12
N VAL G 120 -27.71 24.60 30.13
CA VAL G 120 -28.22 23.84 29.00
C VAL G 120 -29.57 23.25 29.42
N SER G 121 -30.63 23.73 28.77
CA SER G 121 -31.98 23.36 29.14
C SER G 121 -32.94 23.84 28.07
N SER G 122 -34.08 23.17 27.98
CA SER G 122 -35.16 23.58 27.09
C SER G 122 -36.07 24.62 27.72
N ALA G 123 -35.90 24.92 29.01
CA ALA G 123 -36.74 25.91 29.67
C ALA G 123 -36.48 27.29 29.10
N SER G 124 -37.50 28.14 29.18
CA SER G 124 -37.41 29.50 28.67
C SER G 124 -37.10 30.47 29.79
N THR G 125 -36.32 31.50 29.47
CA THR G 125 -36.00 32.53 30.45
C THR G 125 -37.28 33.12 31.02
N LYS G 126 -37.33 33.26 32.34
CA LYS G 126 -38.52 33.69 33.05
C LYS G 126 -38.13 34.33 34.37
N GLY G 127 -38.68 35.51 34.64
CA GLY G 127 -38.50 36.16 35.92
C GLY G 127 -39.28 35.45 37.01
N PRO G 128 -38.94 35.73 38.27
CA PRO G 128 -39.56 35.01 39.38
C PRO G 128 -40.92 35.57 39.77
N SER G 129 -41.74 34.67 40.32
CA SER G 129 -42.87 35.05 41.16
C SER G 129 -42.38 35.04 42.61
N VAL G 130 -42.68 36.10 43.35
CA VAL G 130 -42.18 36.26 44.72
C VAL G 130 -43.37 36.29 45.66
N PHE G 131 -43.46 35.31 46.54
CA PHE G 131 -44.56 35.22 47.47
C PHE G 131 -44.07 35.47 48.90
N PRO G 132 -44.93 36.05 49.75
CA PRO G 132 -44.51 36.32 51.13
C PRO G 132 -44.51 35.07 51.97
N LEU G 133 -43.53 34.99 52.86
CA LEU G 133 -43.51 34.04 53.97
C LEU G 133 -43.80 34.89 55.22
N ALA G 134 -45.07 35.02 55.54
CA ALA G 134 -45.49 36.09 56.44
C ALA G 134 -45.24 35.74 57.91
N PRO G 135 -44.82 36.73 58.70
CA PRO G 135 -44.65 36.50 60.14
C PRO G 135 -45.96 36.59 60.90
N SER G 136 -45.98 35.92 62.06
CA SER G 136 -47.11 35.99 62.98
C SER G 136 -46.63 35.50 64.35
N SER G 137 -47.55 35.53 65.31
CA SER G 137 -47.27 34.90 66.61
C SER G 137 -46.79 33.47 66.43
N LYS G 138 -47.31 32.77 65.42
CA LYS G 138 -46.90 31.42 65.16
C LYS G 138 -45.43 31.35 64.72
N SER G 139 -44.88 32.43 64.18
CA SER G 139 -43.47 32.48 63.79
C SER G 139 -42.59 33.21 64.80
N THR G 140 -43.05 33.37 66.04
CA THR G 140 -42.31 34.16 67.03
C THR G 140 -41.89 33.31 68.23
N SER G 141 -40.64 33.49 68.66
CA SER G 141 -40.10 32.81 69.83
C SER G 141 -39.11 33.74 70.52
N GLY G 142 -39.29 33.93 71.82
CA GLY G 142 -38.34 34.72 72.59
C GLY G 142 -38.15 36.12 72.05
N GLY G 143 -39.23 36.76 71.63
CA GLY G 143 -39.19 38.12 71.14
C GLY G 143 -38.72 38.24 69.71
N THR G 144 -38.47 37.13 69.02
CA THR G 144 -38.01 37.12 67.64
C THR G 144 -39.03 36.45 66.74
N ALA G 145 -39.22 37.01 65.55
CA ALA G 145 -40.15 36.49 64.55
C ALA G 145 -39.39 36.16 63.27
N ALA G 146 -39.85 35.14 62.55
CA ALA G 146 -39.30 34.76 61.25
C ALA G 146 -40.26 35.15 60.13
N LEU G 147 -39.71 35.70 59.05
CA LEU G 147 -40.45 36.04 57.85
C LEU G 147 -39.52 35.84 56.67
N GLY G 148 -40.07 35.92 55.46
CA GLY G 148 -39.23 35.76 54.29
C GLY G 148 -39.98 35.94 53.00
N CYS G 149 -39.31 35.54 51.93
CA CYS G 149 -39.86 35.56 50.58
C CYS G 149 -39.55 34.24 49.89
N LEU G 150 -40.55 33.68 49.23
CA LEU G 150 -40.40 32.50 48.39
C LEU G 150 -40.26 32.97 46.94
N VAL G 151 -39.10 32.71 46.35
CA VAL G 151 -38.76 33.15 45.01
C VAL G 151 -38.93 31.96 44.08
N LYS G 152 -40.04 31.91 43.35
CA LYS G 152 -40.43 30.69 42.66
C LYS G 152 -40.46 30.84 41.14
N ASP G 153 -39.99 29.78 40.48
CA ASP G 153 -40.22 29.56 39.05
C ASP G 153 -39.52 30.61 38.19
N TYR G 154 -38.24 30.82 38.46
CA TYR G 154 -37.42 31.68 37.61
C TYR G 154 -36.45 30.80 36.83
N PHE G 155 -35.86 31.40 35.81
CA PHE G 155 -34.93 30.65 34.97
C PHE G 155 -34.21 31.61 34.04
N PRO G 156 -32.89 31.44 33.84
CA PRO G 156 -31.97 30.52 34.52
C PRO G 156 -31.45 31.12 35.82
N GLU G 157 -30.48 30.46 36.45
CA GLU G 157 -29.73 31.10 37.53
C GLU G 157 -28.94 32.27 36.95
N PRO G 158 -28.54 33.24 37.79
CA PRO G 158 -28.74 33.37 39.22
C PRO G 158 -29.73 34.47 39.60
N VAL G 159 -30.15 34.48 40.86
CA VAL G 159 -30.82 35.63 41.46
C VAL G 159 -30.00 36.08 42.67
N THR G 160 -30.16 37.35 43.03
CA THR G 160 -29.69 37.89 44.30
C THR G 160 -30.88 38.43 45.07
N VAL G 161 -30.76 38.42 46.40
CA VAL G 161 -31.81 38.88 47.29
C VAL G 161 -31.20 39.82 48.32
N SER G 162 -31.84 40.97 48.53
CA SER G 162 -31.52 41.85 49.64
C SER G 162 -32.83 42.13 50.38
N TRP G 163 -32.70 42.73 51.56
CA TRP G 163 -33.85 43.12 52.37
C TRP G 163 -33.77 44.60 52.67
N ASN G 164 -34.89 45.29 52.49
CA ASN G 164 -34.97 46.74 52.70
C ASN G 164 -33.81 47.45 51.99
N SER G 165 -33.59 47.05 50.73
CA SER G 165 -32.59 47.68 49.87
C SER G 165 -31.20 47.68 50.50
N GLY G 166 -30.88 46.62 51.25
CA GLY G 166 -29.60 46.48 51.88
C GLY G 166 -29.50 47.00 53.29
N ALA G 167 -30.55 47.66 53.81
CA ALA G 167 -30.50 48.18 55.17
C ALA G 167 -30.62 47.07 56.21
N LEU G 168 -31.19 45.92 55.85
CA LEU G 168 -31.37 44.80 56.77
C LEU G 168 -30.48 43.65 56.32
N THR G 169 -29.47 43.33 57.14
CA THR G 169 -28.57 42.23 56.82
C THR G 169 -28.49 41.21 57.96
N SER G 170 -28.59 41.66 59.20
CA SER G 170 -28.46 40.77 60.33
C SER G 170 -29.59 39.75 60.37
N GLY G 171 -29.23 38.47 60.48
CA GLY G 171 -30.22 37.42 60.58
C GLY G 171 -30.80 36.94 59.28
N VAL G 172 -30.29 37.42 58.14
CA VAL G 172 -30.81 37.00 56.84
C VAL G 172 -30.17 35.67 56.45
N HIS G 173 -30.99 34.75 55.97
CA HIS G 173 -30.50 33.53 55.32
C HIS G 173 -31.16 33.40 53.96
N THR G 174 -30.37 33.55 52.90
CA THR G 174 -30.83 33.34 51.54
C THR G 174 -30.30 32.00 51.06
N PHE G 175 -31.20 31.07 50.81
CA PHE G 175 -30.80 29.70 50.55
C PHE G 175 -30.36 29.49 49.11
N PRO G 176 -29.45 28.56 48.88
CA PRO G 176 -29.15 28.15 47.50
C PRO G 176 -30.40 27.68 46.79
N ALA G 177 -30.48 27.97 45.50
CA ALA G 177 -31.64 27.56 44.72
C ALA G 177 -31.69 26.06 44.55
N VAL G 178 -32.90 25.54 44.34
CA VAL G 178 -33.09 24.17 43.91
C VAL G 178 -33.69 24.18 42.50
N LEU G 179 -33.36 23.14 41.74
CA LEU G 179 -33.95 22.92 40.42
C LEU G 179 -35.15 22.01 40.57
N GLN G 180 -36.34 22.52 40.25
CA GLN G 180 -37.57 21.76 40.40
C GLN G 180 -37.77 20.81 39.23
N SER G 181 -38.67 19.84 39.42
CA SER G 181 -38.97 18.90 38.34
C SER G 181 -39.51 19.61 37.11
N SER G 182 -40.06 20.82 37.27
CA SER G 182 -40.51 21.62 36.14
C SER G 182 -39.37 22.14 35.28
N GLY G 183 -38.13 22.06 35.75
CA GLY G 183 -37.02 22.68 35.07
C GLY G 183 -36.78 24.13 35.45
N LEU G 184 -37.60 24.70 36.32
CA LEU G 184 -37.42 26.06 36.82
C LEU G 184 -36.80 26.03 38.20
N TYR G 185 -36.15 27.14 38.56
CA TYR G 185 -35.51 27.26 39.87
C TYR G 185 -36.44 27.88 40.90
N SER G 186 -36.15 27.59 42.16
CA SER G 186 -36.86 28.20 43.28
C SER G 186 -35.91 28.34 44.47
N LEU G 187 -36.05 29.41 45.23
CA LEU G 187 -35.33 29.54 46.48
C LEU G 187 -36.16 30.40 47.44
N SER G 188 -35.76 30.37 48.71
N SER G 188 -35.73 30.41 48.70
CA SER G 188 -36.34 31.22 49.74
CA SER G 188 -36.35 31.21 49.74
C SER G 188 -35.24 32.06 50.38
C SER G 188 -35.27 32.02 50.47
N SER G 189 -35.64 33.23 50.87
CA SER G 189 -34.79 34.09 51.69
C SER G 189 -35.59 34.41 52.95
N VAL G 190 -34.96 34.24 54.11
CA VAL G 190 -35.65 34.43 55.38
C VAL G 190 -34.84 35.37 56.25
N VAL G 191 -35.50 35.89 57.28
CA VAL G 191 -34.83 36.76 58.22
C VAL G 191 -35.62 36.70 59.53
N THR G 192 -34.88 36.69 60.64
CA THR G 192 -35.48 36.76 61.96
C THR G 192 -35.31 38.16 62.50
N VAL G 193 -36.38 38.70 63.09
CA VAL G 193 -36.41 40.09 63.52
C VAL G 193 -37.14 40.18 64.85
N PRO G 194 -36.98 41.29 65.56
CA PRO G 194 -37.76 41.50 66.79
C PRO G 194 -39.25 41.51 66.46
N SER G 195 -40.01 40.68 67.17
N SER G 195 -40.01 40.68 67.17
CA SER G 195 -41.45 40.65 66.96
CA SER G 195 -41.45 40.65 66.96
C SER G 195 -42.08 42.02 67.23
C SER G 195 -42.09 41.99 67.26
N SER G 196 -41.47 42.82 68.09
CA SER G 196 -41.99 44.15 68.36
C SER G 196 -41.87 45.07 67.14
N SER G 197 -41.03 44.71 66.17
CA SER G 197 -40.89 45.53 64.98
C SER G 197 -42.02 45.30 63.97
N LEU G 198 -42.76 44.20 64.12
CA LEU G 198 -43.89 43.95 63.24
C LEU G 198 -44.96 45.00 63.54
N GLY G 199 -45.54 45.57 62.49
CA GLY G 199 -46.48 46.66 62.66
C GLY G 199 -45.82 48.02 62.76
N THR G 200 -44.53 48.06 63.08
CA THR G 200 -43.72 49.28 63.06
C THR G 200 -42.78 49.32 61.86
N GLN G 201 -42.08 48.22 61.58
CA GLN G 201 -41.05 48.19 60.56
C GLN G 201 -41.58 47.52 59.31
N THR G 202 -41.41 48.18 58.17
CA THR G 202 -41.75 47.59 56.89
C THR G 202 -40.61 46.68 56.44
N TYR G 203 -40.97 45.50 55.95
CA TYR G 203 -40.01 44.50 55.49
C TYR G 203 -40.28 44.20 54.02
N ILE G 204 -39.29 44.46 53.18
CA ILE G 204 -39.39 44.28 51.73
C ILE G 204 -38.18 43.49 51.28
N CYS G 205 -38.40 42.40 50.56
CA CYS G 205 -37.33 41.64 49.93
C CYS G 205 -37.16 42.11 48.50
N ASN G 206 -35.91 42.29 48.09
CA ASN G 206 -35.57 42.81 46.78
C ASN G 206 -34.89 41.69 46.01
N VAL G 207 -35.54 41.18 44.97
CA VAL G 207 -35.08 40.02 44.23
C VAL G 207 -34.66 40.48 42.83
N ASN G 208 -33.38 40.33 42.51
CA ASN G 208 -32.86 40.74 41.21
C ASN G 208 -32.54 39.50 40.37
N HIS G 209 -33.10 39.46 39.16
CA HIS G 209 -32.91 38.37 38.22
C HIS G 209 -32.38 38.97 36.91
N LYS G 210 -31.06 39.17 36.87
CA LYS G 210 -30.46 39.77 35.68
C LYS G 210 -30.73 39.00 34.40
N PRO G 211 -30.72 37.66 34.38
CA PRO G 211 -30.97 36.96 33.11
C PRO G 211 -32.26 37.37 32.42
N SER G 212 -33.28 37.81 33.16
CA SER G 212 -34.53 38.28 32.56
C SER G 212 -34.70 39.79 32.68
N ASN G 213 -33.69 40.50 33.17
CA ASN G 213 -33.78 41.94 33.40
C ASN G 213 -35.01 42.30 34.22
N THR G 214 -35.27 41.50 35.25
CA THR G 214 -36.43 41.68 36.11
C THR G 214 -35.97 41.81 37.55
N LYS G 215 -36.51 42.79 38.26
CA LYS G 215 -36.36 42.92 39.70
C LYS G 215 -37.74 42.92 40.32
N VAL G 216 -37.93 42.12 41.36
CA VAL G 216 -39.21 42.03 42.06
C VAL G 216 -38.99 42.44 43.51
N ASP G 217 -39.80 43.38 43.99
CA ASP G 217 -39.85 43.76 45.39
C ASP G 217 -41.18 43.27 45.98
N LYS G 218 -41.11 42.63 47.14
CA LYS G 218 -42.30 42.12 47.80
C LYS G 218 -42.35 42.64 49.21
N LYS G 219 -43.39 43.43 49.52
CA LYS G 219 -43.65 43.80 50.89
C LYS G 219 -44.26 42.62 51.62
N VAL G 220 -43.62 42.21 52.71
CA VAL G 220 -44.08 41.05 53.49
C VAL G 220 -44.82 41.60 54.70
N GLU G 221 -46.11 41.50 54.69
CA GLU G 221 -46.90 42.07 55.78
C GLU G 221 -47.22 41.01 56.81
N PRO G 222 -47.29 41.38 58.09
CA PRO G 222 -47.60 40.37 59.12
C PRO G 222 -49.00 39.80 58.93
N LYS G 223 -49.14 38.54 59.28
CA LYS G 223 -50.45 37.90 59.32
C LYS G 223 -51.00 37.87 60.74
N GLU H 1 -8.87 5.75 33.53
CA GLU H 1 -8.48 7.09 34.07
C GLU H 1 -7.97 6.92 35.49
N ILE H 2 -7.13 7.84 35.95
CA ILE H 2 -6.63 7.80 37.32
C ILE H 2 -7.69 8.39 38.23
N VAL H 3 -8.21 7.56 39.14
CA VAL H 3 -9.27 7.98 40.05
C VAL H 3 -8.64 8.48 41.34
N LEU H 4 -9.11 9.64 41.82
CA LEU H 4 -8.65 10.21 43.08
C LEU H 4 -9.77 10.17 44.11
N THR H 5 -9.44 9.71 45.32
CA THR H 5 -10.39 9.62 46.43
C THR H 5 -9.85 10.45 47.58
N GLN H 6 -10.68 11.34 48.11
CA GLN H 6 -10.35 12.18 49.25
C GLN H 6 -11.19 11.79 50.46
N SER H 7 -10.52 11.49 51.58
CA SER H 7 -11.13 11.02 52.81
C SER H 7 -10.55 11.69 54.04
N PRO H 8 -11.40 12.14 54.99
CA PRO H 8 -12.87 12.06 55.00
C PRO H 8 -13.41 13.12 54.06
N ALA H 9 -14.69 13.04 53.69
CA ALA H 9 -15.24 14.11 52.86
C ALA H 9 -15.46 15.38 53.67
N THR H 10 -15.56 15.28 55.00
CA THR H 10 -15.73 16.44 55.85
C THR H 10 -14.84 16.29 57.08
N LEU H 11 -14.11 17.34 57.42
CA LEU H 11 -13.37 17.43 58.66
C LEU H 11 -13.95 18.56 59.50
N SER H 12 -14.30 18.25 60.75
CA SER H 12 -14.84 19.22 61.70
C SER H 12 -13.76 19.49 62.74
N LEU H 13 -13.20 20.69 62.72
CA LEU H 13 -12.08 21.01 63.58
C LEU H 13 -12.24 22.44 64.10
N SER H 14 -11.48 22.74 65.14
CA SER H 14 -11.53 24.05 65.75
C SER H 14 -10.36 24.91 65.26
N PRO H 15 -10.52 26.23 65.26
CA PRO H 15 -9.39 27.10 64.91
C PRO H 15 -8.20 26.80 65.81
N GLY H 16 -7.00 26.82 65.23
CA GLY H 16 -5.79 26.50 65.94
C GLY H 16 -5.41 25.04 65.91
N GLU H 17 -6.33 24.16 65.54
CA GLU H 17 -6.04 22.73 65.50
C GLU H 17 -5.34 22.38 64.19
N ARG H 18 -4.76 21.18 64.16
CA ARG H 18 -4.05 20.67 63.00
C ARG H 18 -4.99 19.88 62.11
N ALA H 19 -4.90 20.11 60.80
CA ALA H 19 -5.75 19.44 59.83
C ALA H 19 -4.89 18.62 58.87
N THR H 20 -5.29 17.36 58.67
CA THR H 20 -4.61 16.44 57.76
C THR H 20 -5.61 15.93 56.75
N LEU H 21 -5.43 16.31 55.48
CA LEU H 21 -6.32 15.92 54.40
C LEU H 21 -5.64 14.87 53.53
N SER H 22 -6.41 13.86 53.11
CA SER H 22 -5.87 12.73 52.37
C SER H 22 -6.37 12.72 50.93
N CYS H 23 -5.48 12.33 50.01
CA CYS H 23 -5.81 12.10 48.61
C CYS H 23 -5.16 10.79 48.20
N ARG H 24 -5.96 9.87 47.66
CA ARG H 24 -5.48 8.56 47.26
C ARG H 24 -5.76 8.36 45.78
N ALA H 25 -4.77 7.86 45.05
CA ALA H 25 -4.86 7.66 43.61
C ALA H 25 -4.92 6.18 43.28
N SER H 26 -5.73 5.84 42.28
CA SER H 26 -5.91 4.45 41.84
C SER H 26 -4.72 3.95 41.03
N GLN H 27 -3.84 4.84 40.63
CA GLN H 27 -2.65 4.50 39.88
C GLN H 27 -1.51 5.39 40.36
N ASN H 28 -0.31 4.97 40.05
CA ASN H 28 0.91 5.68 40.42
C ASN H 28 1.00 7.03 39.73
N VAL H 29 0.93 8.11 40.50
CA VAL H 29 1.09 9.45 39.96
C VAL H 29 2.40 10.11 40.39
N SER H 30 3.27 9.35 41.07
CA SER H 30 4.60 9.83 41.46
C SER H 30 4.41 11.08 42.32
N THR H 31 5.05 12.21 42.01
CA THR H 31 4.88 13.44 42.76
C THR H 31 4.09 14.50 42.00
N TYR H 32 3.42 14.12 40.91
CA TYR H 32 2.68 15.08 40.09
C TYR H 32 1.26 15.23 40.62
N LEU H 33 1.14 15.97 41.72
CA LEU H 33 -0.12 16.14 42.42
C LEU H 33 -0.25 17.58 42.89
N ALA H 34 -1.40 18.20 42.61
CA ALA H 34 -1.66 19.57 43.01
C ALA H 34 -2.85 19.64 43.96
N TRP H 35 -2.82 20.64 44.84
CA TRP H 35 -3.89 20.89 45.80
C TRP H 35 -4.47 22.29 45.58
N TYR H 36 -5.79 22.39 45.71
CA TYR H 36 -6.50 23.66 45.56
C TYR H 36 -7.42 23.87 46.75
N GLN H 37 -7.69 25.15 47.03
CA GLN H 37 -8.66 25.58 48.02
C GLN H 37 -9.80 26.28 47.30
N GLN H 38 -11.03 26.08 47.77
CA GLN H 38 -12.16 26.82 47.21
C GLN H 38 -13.15 27.19 48.31
N LYS H 39 -13.54 28.45 48.33
CA LYS H 39 -14.56 28.99 49.21
C LYS H 39 -15.83 29.24 48.42
N PRO H 40 -16.98 29.25 49.09
CA PRO H 40 -18.25 29.45 48.38
C PRO H 40 -18.24 30.75 47.59
N GLY H 41 -18.66 30.68 46.33
CA GLY H 41 -18.76 31.84 45.49
C GLY H 41 -17.45 32.32 44.89
N GLN H 42 -16.37 31.56 45.04
CA GLN H 42 -15.06 31.98 44.55
C GLN H 42 -14.47 30.86 43.70
N ALA H 43 -13.54 31.26 42.84
CA ALA H 43 -12.79 30.32 42.04
C ALA H 43 -11.80 29.57 42.92
N PRO H 44 -11.37 28.38 42.48
CA PRO H 44 -10.31 27.68 43.22
C PRO H 44 -9.07 28.54 43.29
N ARG H 45 -8.20 28.22 44.26
CA ARG H 45 -6.89 28.83 44.39
C ARG H 45 -5.84 27.74 44.55
N LEU H 46 -4.73 27.88 43.85
CA LEU H 46 -3.67 26.89 43.95
C LEU H 46 -2.95 27.00 45.29
N LEU H 47 -2.78 25.87 45.96
CA LEU H 47 -2.02 25.80 47.20
C LEU H 47 -0.66 25.13 47.04
N MET H 48 -0.57 24.14 46.16
CA MET H 48 0.51 23.18 46.19
C MET H 48 0.57 22.50 44.83
N TYR H 49 1.78 22.33 44.32
CA TYR H 49 1.99 21.57 43.09
C TYR H 49 3.25 20.73 43.27
N ASP H 50 3.42 19.75 42.37
CA ASP H 50 4.47 18.74 42.50
C ASP H 50 4.44 18.12 43.90
N ALA H 51 3.22 17.94 44.42
CA ALA H 51 2.95 17.29 45.69
C ALA H 51 3.33 18.14 46.90
N SER H 52 4.45 18.86 46.82
CA SER H 52 4.99 19.52 48.01
C SER H 52 5.49 20.95 47.80
N LYS H 53 5.37 21.52 46.61
CA LYS H 53 5.83 22.88 46.37
C LYS H 53 4.70 23.88 46.62
N ARG H 54 4.88 24.74 47.62
CA ARG H 54 3.87 25.75 47.93
C ARG H 54 3.75 26.74 46.79
N ALA H 55 2.52 27.13 46.48
CA ALA H 55 2.26 28.11 45.45
C ALA H 55 2.57 29.52 45.96
N THR H 56 2.61 30.46 45.03
CA THR H 56 2.94 31.85 45.34
C THR H 56 2.00 32.39 46.41
N GLY H 57 2.57 32.96 47.46
CA GLY H 57 1.79 33.63 48.48
C GLY H 57 1.03 32.73 49.43
N ILE H 58 1.29 31.42 49.42
CA ILE H 58 0.60 30.50 50.31
C ILE H 58 1.34 30.45 51.64
N PRO H 59 0.65 30.63 52.77
CA PRO H 59 1.34 30.59 54.07
C PRO H 59 2.06 29.27 54.33
N ALA H 60 3.10 29.34 55.16
CA ALA H 60 3.92 28.18 55.46
C ALA H 60 3.19 27.13 56.28
N ARG H 61 2.08 27.48 56.93
CA ARG H 61 1.32 26.49 57.67
C ARG H 61 0.75 25.40 56.75
N PHE H 62 0.76 25.62 55.43
CA PHE H 62 0.34 24.62 54.46
C PHE H 62 1.55 23.81 54.01
N SER H 63 1.48 22.48 54.14
CA SER H 63 2.54 21.62 53.63
C SER H 63 1.93 20.38 53.00
N GLY H 64 2.43 20.02 51.82
CA GLY H 64 1.97 18.84 51.10
C GLY H 64 3.05 17.78 51.12
N SER H 65 2.62 16.52 51.15
CA SER H 65 3.55 15.39 51.21
C SER H 65 2.95 14.21 50.49
N GLY H 66 3.77 13.21 50.25
CA GLY H 66 3.33 11.95 49.67
C GLY H 66 3.92 11.71 48.30
N SER H 67 3.70 10.48 47.83
CA SER H 67 4.19 10.08 46.53
C SER H 67 3.49 8.79 46.12
N GLY H 68 3.32 8.61 44.82
CA GLY H 68 2.75 7.38 44.32
C GLY H 68 1.24 7.38 44.34
N THR H 69 0.69 6.86 45.44
CA THR H 69 -0.74 6.69 45.59
C THR H 69 -1.28 7.33 46.87
N GLU H 70 -0.42 7.79 47.77
CA GLU H 70 -0.85 8.36 49.04
C GLU H 70 -0.28 9.77 49.17
N PHE H 71 -1.17 10.74 49.38
CA PHE H 71 -0.80 12.15 49.46
C PHE H 71 -1.54 12.77 50.63
N THR H 72 -0.94 13.82 51.18
N THR H 72 -0.92 13.80 51.21
CA THR H 72 -1.47 14.49 52.35
CA THR H 72 -1.50 14.49 52.36
C THR H 72 -1.24 15.99 52.25
C THR H 72 -1.25 15.99 52.22
N LEU H 73 -2.27 16.76 52.57
CA LEU H 73 -2.17 18.21 52.72
C LEU H 73 -2.35 18.50 54.20
N THR H 74 -1.37 19.14 54.82
CA THR H 74 -1.39 19.41 56.25
C THR H 74 -1.43 20.92 56.49
N ILE H 75 -2.38 21.35 57.32
CA ILE H 75 -2.46 22.71 57.82
C ILE H 75 -2.06 22.66 59.29
N SER H 76 -0.91 23.25 59.61
CA SER H 76 -0.33 23.07 60.94
C SER H 76 -1.25 23.60 62.02
N SER H 77 -1.81 24.79 61.81
CA SER H 77 -2.71 25.42 62.76
C SER H 77 -3.76 26.18 61.98
N LEU H 78 -5.01 25.76 62.10
CA LEU H 78 -6.08 26.33 61.27
C LEU H 78 -6.36 27.78 61.64
N GLU H 79 -6.40 28.65 60.63
CA GLU H 79 -6.91 30.00 60.78
C GLU H 79 -8.36 30.06 60.32
N PRO H 80 -9.12 31.07 60.74
CA PRO H 80 -10.52 31.17 60.29
C PRO H 80 -10.67 31.12 58.79
N GLU H 81 -9.76 31.76 58.05
CA GLU H 81 -9.83 31.79 56.60
C GLU H 81 -9.50 30.45 55.95
N ASP H 82 -9.04 29.47 56.72
CA ASP H 82 -8.69 28.17 56.17
C ASP H 82 -9.88 27.22 56.08
N PHE H 83 -11.03 27.57 56.63
CA PHE H 83 -12.19 26.69 56.58
C PHE H 83 -12.84 26.83 55.21
N ALA H 84 -12.75 25.76 54.42
CA ALA H 84 -13.05 25.80 53.00
C ALA H 84 -13.03 24.36 52.47
N VAL H 85 -13.20 24.22 51.16
CA VAL H 85 -13.14 22.92 50.50
C VAL H 85 -11.77 22.80 49.83
N TYR H 86 -11.21 21.61 49.86
CA TYR H 86 -9.90 21.33 49.31
C TYR H 86 -9.98 20.19 48.30
N TYR H 87 -9.37 20.41 47.13
CA TYR H 87 -9.33 19.41 46.06
C TYR H 87 -7.89 19.05 45.74
N CYS H 88 -7.66 17.78 45.43
CA CYS H 88 -6.43 17.34 44.80
C CYS H 88 -6.69 17.09 43.31
N GLN H 89 -5.62 17.18 42.53
CA GLN H 89 -5.67 17.01 41.08
C GLN H 89 -4.39 16.31 40.68
N GLN H 90 -4.50 15.19 39.96
CA GLN H 90 -3.31 14.49 39.50
C GLN H 90 -2.86 15.08 38.18
N ARG H 91 -1.54 15.27 38.06
CA ARG H 91 -0.93 15.84 36.87
C ARG H 91 0.05 14.83 36.25
N ARG H 92 -0.22 13.54 36.46
CA ARG H 92 0.64 12.47 35.97
C ARG H 92 0.38 12.16 34.50
N ASN H 93 -0.89 12.12 34.10
CA ASN H 93 -1.24 11.76 32.73
C ASN H 93 -2.58 12.36 32.36
N TRP H 94 -2.77 12.55 31.06
CA TRP H 94 -4.08 12.87 30.51
C TRP H 94 -4.96 11.63 30.49
N PRO H 95 -6.27 11.77 30.78
CA PRO H 95 -6.98 13.01 31.12
C PRO H 95 -6.79 13.41 32.57
N LEU H 96 -6.75 14.71 32.84
CA LEU H 96 -6.65 15.18 34.21
C LEU H 96 -7.90 14.79 34.99
N THR H 97 -7.71 14.55 36.29
CA THR H 97 -8.81 14.19 37.16
C THR H 97 -8.64 14.88 38.51
N PHE H 98 -9.76 15.11 39.18
CA PHE H 98 -9.81 15.70 40.51
C PHE H 98 -10.33 14.67 41.51
N GLY H 99 -9.91 14.82 42.76
CA GLY H 99 -10.62 14.20 43.85
C GLY H 99 -11.96 14.89 44.07
N GLY H 100 -12.80 14.24 44.89
CA GLY H 100 -14.13 14.75 45.15
C GLY H 100 -14.20 15.88 46.16
N GLY H 101 -13.09 16.17 46.82
CA GLY H 101 -13.01 17.29 47.73
C GLY H 101 -13.21 16.90 49.18
N THR H 102 -12.58 17.66 50.07
CA THR H 102 -12.76 17.53 51.51
C THR H 102 -13.12 18.90 52.06
N LYS H 103 -14.24 18.99 52.78
CA LYS H 103 -14.65 20.24 53.40
C LYS H 103 -14.12 20.29 54.82
N VAL H 104 -13.41 21.36 55.15
CA VAL H 104 -12.97 21.62 56.51
C VAL H 104 -13.91 22.66 57.10
N GLU H 105 -14.77 22.23 58.02
CA GLU H 105 -15.73 23.09 58.68
C GLU H 105 -15.34 23.33 60.13
N ILE H 106 -15.95 24.36 60.72
CA ILE H 106 -15.67 24.71 62.11
C ILE H 106 -16.53 23.83 63.02
N LYS H 107 -15.88 23.09 63.91
CA LYS H 107 -16.58 22.37 64.96
C LYS H 107 -16.99 23.33 66.06
N ARG H 108 -18.23 23.21 66.52
CA ARG H 108 -18.74 23.99 67.64
C ARG H 108 -19.69 23.10 68.43
N THR H 109 -20.24 23.65 69.50
CA THR H 109 -21.17 22.87 70.32
C THR H 109 -22.47 22.65 69.57
N VAL H 110 -23.16 21.56 69.92
CA VAL H 110 -24.46 21.31 69.34
C VAL H 110 -25.38 22.49 69.63
N ALA H 111 -26.24 22.82 68.69
CA ALA H 111 -27.20 23.90 68.86
C ALA H 111 -28.48 23.48 68.13
N ALA H 112 -29.56 23.39 68.87
CA ALA H 112 -30.82 22.97 68.28
C ALA H 112 -31.39 24.08 67.41
N PRO H 113 -31.99 23.74 66.27
CA PRO H 113 -32.56 24.78 65.42
C PRO H 113 -33.80 25.40 66.05
N SER H 114 -34.02 26.67 65.75
CA SER H 114 -35.35 27.24 65.85
C SER H 114 -36.12 26.84 64.59
N VAL H 115 -37.30 26.25 64.77
CA VAL H 115 -38.06 25.68 63.67
C VAL H 115 -39.31 26.50 63.47
N PHE H 116 -39.53 26.93 62.22
CA PHE H 116 -40.71 27.70 61.83
C PHE H 116 -41.33 27.04 60.61
N ILE H 117 -42.66 27.09 60.51
CA ILE H 117 -43.38 26.54 59.37
C ILE H 117 -44.29 27.61 58.79
N PHE H 118 -44.27 27.75 57.46
CA PHE H 118 -45.05 28.77 56.77
C PHE H 118 -46.09 28.12 55.87
N PRO H 119 -47.39 28.37 56.07
CA PRO H 119 -48.36 27.92 55.08
C PRO H 119 -48.18 28.65 53.76
N PRO H 120 -48.73 28.15 52.68
CA PRO H 120 -48.71 28.91 51.43
C PRO H 120 -49.45 30.23 51.59
N SER H 121 -48.96 31.25 50.92
CA SER H 121 -49.66 32.52 50.90
C SER H 121 -50.96 32.38 50.12
N ASP H 122 -51.97 33.14 50.53
CA ASP H 122 -53.20 33.21 49.74
C ASP H 122 -52.91 33.63 48.30
N GLU H 123 -51.92 34.51 48.11
CA GLU H 123 -51.56 34.93 46.76
C GLU H 123 -51.15 33.75 45.89
N GLN H 124 -50.26 32.90 46.40
CA GLN H 124 -49.83 31.76 45.60
C GLN H 124 -50.99 30.81 45.31
N LEU H 125 -51.87 30.61 46.30
CA LEU H 125 -52.96 29.65 46.12
C LEU H 125 -53.83 30.01 44.94
N LYS H 126 -54.03 31.31 44.68
CA LYS H 126 -54.75 31.73 43.48
C LYS H 126 -54.12 31.18 42.21
N SER H 127 -52.83 30.86 42.23
CA SER H 127 -52.19 30.31 41.05
C SER H 127 -52.46 28.82 40.87
N GLY H 128 -53.09 28.16 41.85
CA GLY H 128 -53.36 26.74 41.78
C GLY H 128 -52.28 25.85 42.35
N THR H 129 -51.21 26.43 42.90
CA THR H 129 -50.13 25.66 43.52
C THR H 129 -49.93 26.16 44.94
N ALA H 130 -49.38 25.28 45.78
CA ALA H 130 -49.12 25.59 47.18
C ALA H 130 -47.70 25.14 47.53
N SER H 131 -46.94 26.03 48.14
CA SER H 131 -45.64 25.71 48.71
C SER H 131 -45.69 25.88 50.21
N VAL H 132 -45.34 24.83 50.95
CA VAL H 132 -45.22 24.88 52.41
C VAL H 132 -43.74 24.87 52.74
N VAL H 133 -43.29 25.85 53.51
CA VAL H 133 -41.86 26.07 53.76
C VAL H 133 -41.59 25.83 55.23
N CYS H 134 -40.61 24.97 55.50
CA CYS H 134 -40.13 24.70 56.86
C CYS H 134 -38.71 25.23 56.99
N LEU H 135 -38.46 25.97 58.06
CA LEU H 135 -37.18 26.63 58.29
C LEU H 135 -36.54 26.10 59.56
N LEU H 136 -35.28 25.65 59.44
CA LEU H 136 -34.43 25.28 60.57
C LEU H 136 -33.35 26.36 60.70
N ASN H 137 -33.44 27.18 61.74
CA ASN H 137 -32.62 28.36 61.87
C ASN H 137 -31.47 28.15 62.85
N ASN H 138 -30.24 28.25 62.34
CA ASN H 138 -29.03 28.39 63.14
C ASN H 138 -28.84 27.21 64.08
N PHE H 139 -28.48 26.08 63.48
CA PHE H 139 -28.27 24.84 64.23
C PHE H 139 -26.91 24.24 63.88
N TYR H 140 -26.49 23.30 64.72
CA TYR H 140 -25.26 22.55 64.53
C TYR H 140 -25.43 21.23 65.26
N PRO H 141 -24.99 20.10 64.70
CA PRO H 141 -24.30 19.96 63.41
C PRO H 141 -25.23 20.02 62.21
N ARG H 142 -24.62 19.97 61.02
CA ARG H 142 -25.38 20.10 59.78
C ARG H 142 -26.36 18.95 59.59
N GLU H 143 -26.01 17.76 60.05
CA GLU H 143 -26.82 16.58 59.76
C GLU H 143 -28.15 16.63 60.53
N ALA H 144 -29.24 16.50 59.79
CA ALA H 144 -30.57 16.53 60.39
C ALA H 144 -31.54 15.87 59.43
N LYS H 145 -32.50 15.13 59.97
CA LYS H 145 -33.53 14.48 59.18
C LYS H 145 -34.80 15.32 59.28
N VAL H 146 -35.28 15.81 58.13
CA VAL H 146 -36.46 16.66 58.06
C VAL H 146 -37.52 15.89 57.28
N GLN H 147 -38.68 15.71 57.90
CA GLN H 147 -39.76 14.96 57.28
C GLN H 147 -41.06 15.75 57.35
N TRP H 148 -41.87 15.59 56.32
CA TRP H 148 -43.17 16.23 56.24
C TRP H 148 -44.26 15.22 56.58
N LYS H 149 -45.27 15.67 57.32
CA LYS H 149 -46.45 14.89 57.61
C LYS H 149 -47.69 15.72 57.30
N VAL H 150 -48.64 15.13 56.58
CA VAL H 150 -49.90 15.77 56.22
C VAL H 150 -51.02 14.88 56.75
N ASP H 151 -51.86 15.43 57.63
CA ASP H 151 -52.81 14.62 58.39
C ASP H 151 -52.12 13.39 58.95
N ASN H 152 -50.90 13.59 59.46
CA ASN H 152 -50.05 12.59 60.09
C ASN H 152 -49.55 11.53 59.12
N ALA H 153 -49.73 11.72 57.81
CA ALA H 153 -49.21 10.78 56.83
C ALA H 153 -47.84 11.25 56.36
N LEU H 154 -46.85 10.36 56.44
CA LEU H 154 -45.49 10.73 56.04
C LEU H 154 -45.42 10.97 54.54
N GLN H 155 -44.86 12.12 54.16
CA GLN H 155 -44.72 12.49 52.76
C GLN H 155 -43.42 11.94 52.21
N SER H 156 -43.44 11.65 50.90
CA SER H 156 -42.23 11.24 50.19
C SER H 156 -42.30 11.72 48.76
N GLY H 157 -41.17 12.21 48.25
CA GLY H 157 -41.04 12.54 46.86
C GLY H 157 -41.61 13.87 46.42
N ASN H 158 -42.16 14.67 47.35
CA ASN H 158 -42.74 15.95 46.99
C ASN H 158 -42.12 17.12 47.76
N SER H 159 -40.89 16.96 48.24
CA SER H 159 -40.21 18.06 48.93
C SER H 159 -38.77 18.14 48.48
N GLN H 160 -38.20 19.34 48.61
CA GLN H 160 -36.80 19.60 48.32
C GLN H 160 -36.23 20.47 49.44
N GLU H 161 -34.96 20.25 49.79
CA GLU H 161 -34.33 21.08 50.81
C GLU H 161 -33.08 21.75 50.29
N SER H 162 -32.69 22.81 51.00
CA SER H 162 -31.51 23.61 50.71
C SER H 162 -30.88 24.02 52.03
N VAL H 163 -29.55 24.15 52.03
CA VAL H 163 -28.79 24.41 53.24
C VAL H 163 -27.84 25.58 52.97
N THR H 164 -27.72 26.49 53.93
CA THR H 164 -26.78 27.59 53.81
C THR H 164 -25.35 27.12 54.09
N GLU H 165 -24.38 27.96 53.74
CA GLU H 165 -23.01 27.73 54.17
C GLU H 165 -22.87 28.08 55.66
N GLN H 166 -21.84 27.53 56.28
CA GLN H 166 -21.65 27.74 57.72
C GLN H 166 -21.51 29.22 58.04
N ASP H 167 -22.25 29.67 59.06
CA ASP H 167 -22.27 31.08 59.40
C ASP H 167 -20.92 31.54 59.92
N SER H 168 -20.50 32.72 59.46
CA SER H 168 -19.17 33.21 59.82
C SER H 168 -19.08 33.60 61.28
N LYS H 169 -20.19 34.01 61.90
CA LYS H 169 -20.06 34.45 63.29
C LYS H 169 -20.27 33.30 64.28
N ASP H 170 -21.36 32.55 64.15
CA ASP H 170 -21.72 31.54 65.13
C ASP H 170 -21.56 30.11 64.62
N SER H 171 -21.06 29.93 63.41
CA SER H 171 -20.69 28.63 62.88
C SER H 171 -21.86 27.65 62.82
N THR H 172 -23.09 28.17 62.75
CA THR H 172 -24.25 27.33 62.58
C THR H 172 -24.62 27.19 61.11
N TYR H 173 -25.57 26.30 60.85
CA TYR H 173 -26.20 26.12 59.55
C TYR H 173 -27.68 26.46 59.66
N SER H 174 -28.27 26.75 58.51
CA SER H 174 -29.72 26.86 58.40
C SER H 174 -30.17 26.05 57.21
N LEU H 175 -31.41 25.57 57.27
CA LEU H 175 -31.95 24.65 56.27
C LEU H 175 -33.39 25.01 55.97
N SER H 176 -33.76 24.89 54.70
CA SER H 176 -35.14 25.04 54.26
C SER H 176 -35.59 23.73 53.64
N SER H 177 -36.82 23.33 53.94
CA SER H 177 -37.49 22.23 53.25
C SER H 177 -38.82 22.76 52.73
N THR H 178 -39.11 22.50 51.46
CA THR H 178 -40.29 23.05 50.81
C THR H 178 -41.12 21.90 50.27
N LEU H 179 -42.37 21.84 50.73
CA LEU H 179 -43.35 20.87 50.25
C LEU H 179 -44.19 21.49 49.16
N THR H 180 -44.26 20.84 48.01
CA THR H 180 -45.00 21.35 46.86
C THR H 180 -46.21 20.47 46.59
N LEU H 181 -47.39 21.09 46.51
CA LEU H 181 -48.63 20.37 46.25
C LEU H 181 -49.55 21.31 45.47
N SER H 182 -50.56 20.72 44.83
CA SER H 182 -51.57 21.53 44.18
C SER H 182 -52.44 22.22 45.22
N LYS H 183 -53.13 23.29 44.80
CA LYS H 183 -54.14 23.89 45.67
C LYS H 183 -55.18 22.86 46.08
N ALA H 184 -55.58 22.01 45.14
CA ALA H 184 -56.60 21.02 45.44
C ALA H 184 -56.13 20.03 46.50
N ASP H 185 -54.89 19.53 46.36
CA ASP H 185 -54.35 18.63 47.37
C ASP H 185 -54.26 19.32 48.73
N TYR H 186 -53.80 20.58 48.72
CA TYR H 186 -53.65 21.32 49.98
C TYR H 186 -54.97 21.43 50.71
N GLU H 187 -56.05 21.70 49.98
CA GLU H 187 -57.36 21.89 50.58
C GLU H 187 -58.05 20.57 50.95
N LYS H 188 -57.42 19.44 50.66
CA LYS H 188 -57.97 18.15 51.06
C LYS H 188 -57.50 17.71 52.45
N HIS H 189 -56.61 18.46 53.10
CA HIS H 189 -56.04 18.05 54.38
C HIS H 189 -55.96 19.23 55.32
N LYS H 190 -55.88 18.93 56.63
CA LYS H 190 -55.89 19.92 57.68
C LYS H 190 -54.53 20.14 58.33
N VAL H 191 -53.89 19.10 58.84
CA VAL H 191 -52.68 19.26 59.63
C VAL H 191 -51.46 19.19 58.71
N TYR H 192 -50.63 20.23 58.75
CA TYR H 192 -49.36 20.25 58.03
C TYR H 192 -48.24 20.36 59.04
N ALA H 193 -47.28 19.43 58.96
CA ALA H 193 -46.27 19.31 59.99
C ALA H 193 -44.89 19.06 59.38
N CYS H 194 -43.91 19.75 59.94
CA CYS H 194 -42.51 19.56 59.60
C CYS H 194 -41.80 19.01 60.84
N GLU H 195 -41.23 17.81 60.70
CA GLU H 195 -40.56 17.12 61.80
C GLU H 195 -39.06 17.10 61.57
N VAL H 196 -38.31 17.58 62.56
CA VAL H 196 -36.86 17.66 62.52
C VAL H 196 -36.28 16.74 63.59
N THR H 197 -35.40 15.83 63.19
CA THR H 197 -34.78 14.89 64.11
C THR H 197 -33.26 15.08 64.09
N GLN H 198 -32.69 15.25 65.27
CA GLN H 198 -31.24 15.18 65.46
C GLN H 198 -30.98 14.36 66.71
N GLY H 199 -30.14 13.34 66.59
CA GLY H 199 -29.87 12.48 67.73
C GLY H 199 -31.14 11.87 68.27
N THR H 200 -31.38 12.07 69.58
CA THR H 200 -32.49 11.45 70.28
C THR H 200 -33.68 12.39 70.47
N THR H 201 -33.73 13.49 69.71
CA THR H 201 -34.79 14.47 69.85
C THR H 201 -35.42 14.72 68.49
N SER H 202 -36.75 14.68 68.43
CA SER H 202 -37.52 15.14 67.28
C SER H 202 -38.37 16.32 67.72
N VAL H 203 -38.40 17.38 66.92
CA VAL H 203 -39.26 18.53 67.14
C VAL H 203 -40.12 18.70 65.90
N THR H 204 -41.44 18.77 66.09
CA THR H 204 -42.39 18.90 65.01
C THR H 204 -43.15 20.21 65.17
N LYS H 205 -43.11 21.05 64.14
CA LYS H 205 -43.86 22.31 64.11
C LYS H 205 -44.96 22.13 63.07
N SER H 206 -46.16 22.58 63.39
CA SER H 206 -47.31 22.30 62.53
C SER H 206 -48.26 23.48 62.52
N PHE H 207 -49.21 23.41 61.58
CA PHE H 207 -50.35 24.32 61.58
C PHE H 207 -51.57 23.57 61.07
N ASN H 208 -52.74 24.12 61.38
CA ASN H 208 -54.00 23.66 60.82
C ASN H 208 -54.42 24.61 59.71
N ARG H 209 -54.66 24.08 58.52
CA ARG H 209 -55.05 24.92 57.40
C ARG H 209 -56.27 25.75 57.79
N GLY H 210 -56.22 27.04 57.51
CA GLY H 210 -57.32 27.93 57.86
C GLY H 210 -57.17 28.63 59.19
N GLU H 211 -56.59 27.96 60.19
CA GLU H 211 -56.54 28.48 61.54
C GLU H 211 -55.33 29.41 61.73
N PCA I 1 1.12 16.88 32.96
CA PCA I 1 1.53 15.80 32.09
CB PCA I 1 0.30 15.07 31.58
CG PCA I 1 -0.72 15.49 32.65
CD PCA I 1 -0.18 16.76 33.29
OE PCA I 1 -0.81 17.53 33.99
C PCA I 1 2.36 16.38 30.95
O PCA I 1 2.64 17.57 30.95
HA PCA I 1 2.08 15.14 32.56
HB2 PCA I 1 0.05 15.37 30.69
HB3 PCA I 1 0.44 14.12 31.54
HG2 PCA I 1 -1.60 15.67 32.28
HG3 PCA I 1 -0.84 14.82 33.33
N PRO I 2 2.77 15.54 29.98
CA PRO I 2 3.50 16.08 28.83
C PRO I 2 2.81 17.29 28.20
N ALA I 3 3.56 18.37 28.02
CA ALA I 3 2.95 19.63 27.61
C ALA I 3 2.42 19.62 26.19
N ASP I 4 2.77 18.61 25.38
CA ASP I 4 2.21 18.53 24.04
C ASP I 4 0.80 17.96 24.03
N GLY I 5 0.26 17.56 25.18
CA GLY I 5 -1.10 17.07 25.27
C GLY I 5 -1.24 15.59 24.97
N ASN I 6 -0.16 14.88 24.77
CA ASN I 6 -0.21 13.48 24.38
C ASN I 6 0.04 12.57 25.57
N PRO I 7 -0.78 11.53 25.74
CA PRO I 7 -0.56 10.59 26.84
C PRO I 7 0.78 9.88 26.72
N ASP I 8 1.24 9.37 27.87
CA ASP I 8 2.46 8.56 27.93
C ASP I 8 3.71 9.41 27.75
N PCA J 1 -14.36 30.46 -2.48
CA PCA J 1 -14.93 31.67 -1.91
CB PCA J 1 -13.82 32.61 -1.51
CG PCA J 1 -12.65 31.61 -1.39
CD PCA J 1 -13.04 30.40 -2.24
OE PCA J 1 -12.28 29.51 -2.61
C PCA J 1 -15.87 32.29 -2.94
O PCA J 1 -16.12 31.67 -3.98
HA PCA J 1 -15.45 31.49 -1.11
HB2 PCA J 1 -13.66 33.29 -2.19
HB3 PCA J 1 -14.00 33.06 -0.68
HG2 PCA J 1 -11.81 31.96 -1.74
HG3 PCA J 1 -12.50 31.32 -0.48
N PRO J 2 -16.41 33.49 -2.67
CA PRO J 2 -17.27 34.10 -3.68
C PRO J 2 -16.65 34.09 -5.08
N ALA J 3 -17.39 33.58 -6.06
CA ALA J 3 -16.84 33.36 -7.39
C ALA J 3 -16.54 34.64 -8.14
N ASP J 4 -17.05 35.78 -7.67
CA ASP J 4 -16.73 37.06 -8.30
C ASP J 4 -15.36 37.58 -7.88
N GLY J 5 -14.68 36.89 -6.99
CA GLY J 5 -13.35 37.27 -6.55
C GLY J 5 -13.32 38.26 -5.40
N ASN J 6 -14.46 38.66 -4.86
CA ASN J 6 -14.43 39.64 -3.77
C ASN J 6 -14.54 38.92 -2.44
N PRO J 7 -13.75 39.31 -1.44
CA PRO J 7 -13.83 38.61 -0.15
C PRO J 7 -15.21 38.72 0.47
N ASP J 8 -15.53 37.74 1.31
CA ASP J 8 -16.79 37.71 2.04
C ASP J 8 -16.70 38.56 3.30
N PCA K 1 4.52 -20.20 -35.79
CA PCA K 1 5.97 -20.13 -35.71
CB PCA K 1 6.35 -18.95 -34.85
CG PCA K 1 5.07 -18.11 -34.94
CD PCA K 1 3.96 -19.07 -35.33
OE PCA K 1 2.75 -18.84 -35.26
C PCA K 1 6.50 -21.43 -35.13
O PCA K 1 5.75 -22.39 -34.94
HA PCA K 1 6.37 -20.01 -36.59
HB2 PCA K 1 6.55 -19.22 -33.93
HB3 PCA K 1 7.13 -18.49 -35.19
HG2 PCA K 1 4.84 -17.68 -34.10
HG3 PCA K 1 5.12 -17.40 -35.61
N PRO K 2 7.83 -21.50 -34.86
CA PRO K 2 8.34 -22.72 -34.24
C PRO K 2 7.54 -23.12 -33.00
N ALA K 3 7.11 -24.39 -32.97
CA ALA K 3 6.17 -24.83 -31.94
C ALA K 3 6.77 -24.90 -30.55
N ASP K 4 8.09 -24.80 -30.41
CA ASP K 4 8.71 -24.76 -29.09
C ASP K 4 8.64 -23.38 -28.45
N GLY K 5 8.06 -22.39 -29.13
CA GLY K 5 7.92 -21.06 -28.60
C GLY K 5 9.13 -20.17 -28.78
N ASN K 6 10.15 -20.64 -29.46
CA ASN K 6 11.38 -19.88 -29.64
C ASN K 6 11.39 -19.24 -31.02
N PRO K 7 11.77 -17.97 -31.16
CA PRO K 7 11.80 -17.37 -32.49
C PRO K 7 12.74 -18.15 -33.41
N ASP K 8 12.49 -18.05 -34.71
CA ASP K 8 13.32 -18.72 -35.69
C ASP K 8 14.60 -17.93 -35.95
N PCA L 1 7.84 -27.61 3.87
CA PCA L 1 6.41 -27.75 4.08
CB PCA L 1 5.96 -29.06 3.46
CG PCA L 1 7.09 -29.29 2.45
CD PCA L 1 8.30 -28.49 2.96
OE PCA L 1 9.45 -28.61 2.59
C PCA L 1 6.13 -27.70 5.57
O PCA L 1 7.04 -27.44 6.36
HA PCA L 1 5.91 -27.04 3.66
HB2 PCA L 1 5.90 -29.76 4.12
HB3 PCA L 1 5.10 -28.97 3.03
HG2 PCA L 1 7.36 -30.22 2.37
HG3 PCA L 1 6.88 -28.97 1.55
N PRO L 2 4.87 -27.95 5.97
CA PRO L 2 4.60 -27.96 7.42
C PRO L 2 5.60 -28.82 8.18
N ALA L 3 6.19 -28.25 9.23
CA ALA L 3 7.30 -28.90 9.91
C ALA L 3 6.90 -30.14 10.68
N ASP L 4 5.60 -30.38 10.89
CA ASP L 4 5.18 -31.60 11.57
C ASP L 4 5.17 -32.82 10.65
N GLY L 5 5.51 -32.65 9.37
CA GLY L 5 5.59 -33.75 8.44
C GLY L 5 4.28 -34.12 7.76
N ASN L 6 3.21 -33.38 8.00
CA ASN L 6 1.86 -33.62 7.51
C ASN L 6 1.60 -32.75 6.29
N PRO L 7 1.01 -33.28 5.21
CA PRO L 7 0.75 -32.43 4.05
C PRO L 7 -0.13 -31.25 4.42
N ASP L 8 0.00 -30.17 3.67
CA ASP L 8 -0.81 -28.97 3.90
C ASP L 8 -2.27 -29.24 3.55
C1 NAG M . 0.37 -19.16 -4.68
C2 NAG M . -0.93 -18.41 -5.11
C3 NAG M . -0.91 -17.14 -4.29
C4 NAG M . -0.73 -17.51 -2.81
C5 NAG M . 0.39 -18.51 -2.52
C6 NAG M . 0.51 -19.04 -1.11
C7 NAG M . 0.08 -18.08 -7.34
C8 NAG M . -0.23 -18.13 -8.79
N2 NAG M . -0.96 -18.35 -6.54
O3 NAG M . -2.13 -16.49 -4.52
O4 NAG M . -0.38 -16.31 -2.16
O5 NAG M . 0.22 -19.61 -3.38
O6 NAG M . -0.72 -19.50 -0.62
O7 NAG M . 1.20 -17.82 -6.95
H2 NAG M . -1.78 -18.84 -4.93
H3 NAG M . -0.17 -16.59 -4.57
H4 NAG M . -1.58 -17.92 -2.58
H5 NAG M . 1.22 -18.03 -2.66
H61 NAG M . 0.88 -18.34 -0.56
H62 NAG M . 1.18 -19.75 -1.12
H81 NAG M . 0.03 -17.29 -9.20
H82 NAG M . -1.17 -18.28 -8.92
H83 NAG M . 0.28 -18.85 -9.20
HN2 NAG M . -1.72 -18.50 -6.91
HO3 NAG M . -2.10 -15.75 -4.09
C1 NAG M . -1.48 -15.88 -1.36
C2 NAG M . -0.92 -14.88 -0.36
C3 NAG M . -2.05 -14.19 0.39
C4 NAG M . -3.04 -13.60 -0.60
C5 NAG M . -3.56 -14.72 -1.50
C6 NAG M . -4.57 -14.28 -2.54
C7 NAG M . 1.33 -15.43 0.50
C8 NAG M . 2.06 -16.15 1.57
N2 NAG M . -0.01 -15.52 0.56
O3 NAG M . -1.49 -13.23 1.25
O4 NAG M . -4.06 -12.99 0.14
O5 NAG M . -2.46 -15.29 -2.19
O6 NAG M . -5.85 -14.26 -1.96
O7 NAG M . 1.94 -14.78 -0.33
H2 NAG M . -0.42 -14.20 -0.85
H3 NAG M . -2.54 -14.85 0.92
H4 NAG M . -2.58 -12.93 -1.15
H5 NAG M . -3.99 -15.37 -0.94
H61 NAG M . -4.52 -14.89 -3.30
H62 NAG M . -4.31 -13.40 -2.88
H81 NAG M . 2.69 -16.77 1.17
H82 NAG M . 1.43 -16.65 2.12
H83 NAG M . 2.55 -15.52 2.12
HN2 NAG M . -0.36 -16.00 1.18
HO3 NAG M . -2.02 -12.56 1.26
HO4 NAG M . -4.47 -12.43 -0.36
HO6 NAG M . -5.81 -13.85 -1.22
C1 FUC M . -0.52 -20.83 -0.09
C2 FUC M . -1.59 -21.10 0.96
C3 FUC M . -2.98 -21.05 0.30
C4 FUC M . -3.03 -22.09 -0.83
C5 FUC M . -1.89 -21.78 -1.81
C6 FUC M . -1.80 -22.77 -2.95
O2 FUC M . -1.45 -20.19 2.01
O3 FUC M . -3.94 -21.26 1.30
O4 FUC M . -2.93 -23.38 -0.26
O5 FUC M . -0.63 -21.78 -1.13
H2 FUC M . -1.44 -22.01 1.29
H3 FUC M . -3.10 -20.18 -0.10
H4 FUC M . -3.87 -21.99 -1.31
H5 FUC M . -2.06 -20.91 -2.19
H61 FUC M . -0.90 -22.77 -3.34
H62 FUC M . -2.42 -22.54 -3.66
H63 FUC M . -2.00 -23.67 -2.65
HO2 FUC M . -1.10 -19.48 1.68
HO3 FUC M . -3.65 -20.92 2.03
HO4 FUC M . -3.26 -23.35 0.52
C1 NAG N . -19.41 27.61 10.91
C2 NAG N . -20.20 28.18 12.09
C3 NAG N . -21.62 27.71 11.84
C4 NAG N . -22.06 28.06 10.42
C5 NAG N . -21.01 27.87 9.33
C6 NAG N . -21.32 28.54 7.99
C7 NAG N . -19.44 28.64 14.36
C8 NAG N . -18.86 28.03 15.59
N2 NAG N . -19.64 27.78 13.34
O3 NAG N . -22.46 28.27 12.81
O4 NAG N . -23.12 27.17 10.17
O5 NAG N . -19.77 28.34 9.79
O6 NAG N . -21.61 29.90 8.18
O7 NAG N . -19.75 29.82 14.36
H2 NAG N . -20.16 29.15 12.15
H3 NAG N . -21.62 26.73 11.90
H4 NAG N . -22.25 29.01 10.45
H5 NAG N . -20.97 26.92 9.13
H61 NAG N . -22.06 28.07 7.59
H62 NAG N . -20.56 28.41 7.41
H81 NAG N . -18.07 28.52 15.85
H82 NAG N . -18.63 27.10 15.41
H83 NAG N . -19.52 28.06 16.31
HN2 NAG N . -19.42 26.96 13.44
HO3 NAG N . -23.24 28.27 12.49
C1 NAG N . -24.35 27.87 9.95
C2 NAG N . -25.31 26.86 9.33
C3 NAG N . -26.68 27.51 9.12
C4 NAG N . -27.16 28.09 10.45
C5 NAG N . -26.10 29.04 11.03
C6 NAG N . -26.47 29.63 12.37
C7 NAG N . -24.04 25.22 8.03
C8 NAG N . -23.58 24.85 6.68
N2 NAG N . -24.76 26.35 8.11
O3 NAG N . -27.53 26.51 8.62
O4 NAG N . -28.37 28.75 10.19
O5 NAG N . -24.87 28.34 11.17
O6 NAG N . -26.52 28.61 13.33
O7 NAG N . -23.79 24.51 9.00
H2 NAG N . -25.44 26.11 9.94
H3 NAG N . -26.61 28.24 8.49
H4 NAG N . -27.27 27.35 11.07
H5 NAG N . -25.99 29.77 10.40
H61 NAG N . -27.32 30.09 12.27
H62 NAG N . -25.82 30.31 12.59
H81 NAG N . -22.61 24.76 6.67
H82 NAG N . -23.84 25.53 6.05
H83 NAG N . -23.97 24.00 6.41
HN2 NAG N . -24.91 26.80 7.39
HO3 NAG N . -28.28 26.87 8.47
HO4 NAG N . -28.77 28.90 10.93
HO6 NAG N . -26.01 27.97 13.08
C1 FUC N . -20.79 30.69 7.28
C2 FUC N . -21.70 31.66 6.54
C3 FUC N . -22.42 32.52 7.57
C4 FUC N . -21.44 33.23 8.48
C5 FUC N . -20.36 32.26 9.00
C6 FUC N . -19.20 32.97 9.65
O2 FUC N . -22.56 30.94 5.70
O3 FUC N . -23.27 33.39 6.86
O4 FUC N . -20.88 34.32 7.78
O5 FUC N . -19.83 31.43 7.98
H2 FUC N . -21.13 32.22 5.98
H3 FUC N . -22.93 31.92 8.13
H4 FUC N . -21.93 33.52 9.26
H5 FUC N . -20.81 31.70 9.65
H61 FUC N . -18.61 32.35 10.11
H62 FUC N . -19.51 33.62 10.30
H63 FUC N . -18.67 33.45 8.99
HO2 FUC N . -22.79 30.24 6.11
HO3 FUC N . -22.94 34.18 6.91
HO4 FUC N . -20.62 34.91 8.32
C1 NAG O . 9.94 -14.41 -48.84
C2 NAG O . 11.21 -13.78 -49.43
C3 NAG O . 11.65 -14.81 -50.46
C4 NAG O . 11.87 -16.16 -49.77
C5 NAG O . 10.79 -16.55 -48.76
C6 NAG O . 11.04 -17.69 -47.79
C7 NAG O . 11.60 -11.38 -49.46
C8 NAG O . 11.14 -10.10 -50.07
N2 NAG O . 10.93 -12.47 -49.88
O3 NAG O . 12.80 -14.30 -51.10
O4 NAG O . 11.83 -17.06 -50.87
O5 NAG O . 10.41 -15.42 -47.99
O6 NAG O . 12.27 -17.63 -47.08
O7 NAG O . 12.55 -11.38 -48.68
H2 NAG O . 11.93 -13.62 -48.81
H3 NAG O . 10.96 -14.95 -51.12
H4 NAG O . 12.69 -16.11 -49.26
H5 NAG O . 10.07 -16.87 -49.33
H61 NAG O . 10.99 -18.50 -48.31
H62 NAG O . 10.29 -17.70 -47.17
H81 NAG O . 10.90 -9.48 -49.37
H82 NAG O . 10.38 -10.29 -50.63
H83 NAG O . 11.86 -9.73 -50.60
HN2 NAG O . 10.29 -12.36 -50.45
C1 NAG O . 12.36 -18.33 -50.51
C2 NAG O . 11.44 -19.43 -51.09
C3 NAG O . 12.00 -20.78 -50.62
C4 NAG O . 13.45 -20.90 -51.10
C5 NAG O . 14.26 -19.70 -50.64
C6 NAG O . 15.68 -19.67 -51.18
C7 NAG O . 9.02 -19.05 -51.52
C8 NAG O . 9.31 -18.90 -52.97
N2 NAG O . 10.07 -19.28 -50.70
O3 NAG O . 11.17 -21.79 -51.09
O4 NAG O . 13.96 -22.12 -50.59
O5 NAG O . 13.64 -18.49 -51.04
O6 NAG O . 15.63 -19.34 -52.55
O7 NAG O . 7.88 -18.93 -51.10
H2 NAG O . 11.44 -19.36 -52.05
H3 NAG O . 12.03 -20.80 -49.65
H4 NAG O . 13.43 -20.91 -52.08
H5 NAG O . 14.31 -19.75 -49.67
H61 NAG O . 16.09 -20.53 -51.02
H62 NAG O . 16.19 -19.01 -50.68
H81 NAG O . 8.48 -18.74 -53.45
H82 NAG O . 9.72 -19.71 -53.30
H83 NAG O . 9.91 -18.15 -53.10
HN2 NAG O . 9.91 -19.35 -49.85
HO3 NAG O . 11.51 -22.53 -50.87
HO4 NAG O . 14.65 -22.32 -51.04
HO6 NAG O . 14.88 -18.96 -52.70
C1 FUC O . 12.45 -18.96 -46.56
C2 FUC O . 13.92 -19.13 -46.12
C3 FUC O . 14.24 -18.37 -44.85
C4 FUC O . 13.29 -18.82 -43.75
C5 FUC O . 11.85 -18.57 -44.23
C6 FUC O . 10.83 -19.06 -43.22
O2 FUC O . 14.72 -18.71 -47.22
O3 FUC O . 15.59 -18.60 -44.53
O4 FUC O . 13.52 -20.19 -43.49
O5 FUC O . 11.58 -19.21 -45.46
H2 FUC O . 14.03 -20.07 -45.93
H3 FUC O . 14.09 -17.42 -45.01
H4 FUC O . 13.44 -18.28 -42.97
H5 FUC O . 11.74 -17.61 -44.35
H61 FUC O . 10.01 -18.57 -43.30
H62 FUC O . 11.17 -18.95 -42.31
H63 FUC O . 10.64 -20.00 -43.36
HO2 FUC O . 14.33 -18.05 -47.59
HO3 FUC O . 16.01 -18.82 -45.23
HO4 FUC O . 13.32 -20.35 -42.67
C1 NAG P . 6.21 5.42 41.72
C2 NAG P . 6.73 3.97 41.74
C3 NAG P . 8.21 4.15 41.99
C4 NAG P . 8.77 5.05 40.90
C5 NAG P . 7.93 6.30 40.60
C6 NAG P . 8.34 7.15 39.43
C7 NAG P . 5.21 2.15 42.32
C8 NAG P . 4.52 1.56 43.50
N2 NAG P . 5.97 3.21 42.66
O3 NAG P . 8.79 2.87 42.03
O4 NAG P . 10.03 5.49 41.39
O5 NAG P . 6.58 5.93 40.47
O6 NAG P . 8.56 6.40 38.26
O7 NAG P . 5.08 1.70 41.19
H2 NAG P . 6.62 3.44 40.93
H3 NAG P . 8.37 4.58 42.85
H4 NAG P . 8.77 4.50 40.09
H5 NAG P . 8.05 6.90 41.36
H61 NAG P . 9.14 7.64 39.68
H62 NAG P . 7.64 7.81 39.28
H81 NAG P . 4.90 0.69 43.69
H82 NAG P . 3.57 1.46 43.29
H83 NAG P . 4.63 2.14 44.26
HN2 NAG P . 6.00 3.44 43.49
C1 NAG P . 11.05 5.13 40.47
C2 NAG P . 12.18 6.15 40.64
C3 NAG P . 13.28 5.79 39.64
C4 NAG P . 13.75 4.37 39.94
C5 NAG P . 12.57 3.40 39.92
C6 NAG P . 12.94 1.99 40.36
C7 NAG P . 11.52 8.36 41.46
C8 NAG P . 11.06 9.72 41.04
N2 NAG P . 11.72 7.49 40.45
O3 NAG P . 14.29 6.74 39.77
O4 NAG P . 14.72 4.04 38.97
O5 NAG P . 11.53 3.84 40.77
O6 NAG P . 13.18 1.97 41.75
O7 NAG P . 11.68 8.11 42.63
H2 NAG P . 12.51 6.11 41.54
H3 NAG P . 12.94 5.80 38.74
H4 NAG P . 14.12 4.36 40.85
H5 NAG P . 12.26 3.36 39.01
H61 NAG P . 13.71 1.70 39.86
H62 NAG P . 12.20 1.39 40.12
H81 NAG P . 10.23 9.92 41.48
H82 NAG P . 10.95 9.74 40.08
H83 NAG P . 11.74 10.36 41.30
HN2 NAG P . 11.58 7.76 39.64
HO3 NAG P . 15.02 6.38 39.51
HO4 NAG P . 15.20 3.41 39.25
HO6 NAG P . 12.71 2.57 42.12
C1 FUC P . 9.38 7.21 37.40
C2 FUC P . 9.89 6.32 36.27
C3 FUC P . 8.77 5.88 35.35
C4 FUC P . 8.03 7.11 34.84
C5 FUC P . 7.53 7.92 36.04
C6 FUC P . 6.81 9.17 35.62
O2 FUC P . 10.56 5.23 36.87
O3 FUC P . 9.32 5.10 34.32
O4 FUC P . 8.92 7.83 34.02
O5 FUC P . 8.63 8.29 36.86
H2 FUC P . 10.51 6.86 35.74
H3 FUC P . 8.14 5.34 35.87
H4 FUC P . 7.25 6.82 34.34
H5 FUC P . 6.92 7.37 36.55
H61 FUC P . 6.16 9.44 36.30
H62 FUC P . 6.32 9.04 34.80
H63 FUC P . 7.43 9.91 35.49
HO2 FUC P . 10.12 5.03 37.57
HO3 FUC P . 9.43 5.59 33.64
HO4 FUC P . 8.48 8.36 33.53
#